data_9RBG
# 
_entry.id   9RBG 
# 
_audit_conform.dict_name       mmcif_pdbx.dic 
_audit_conform.dict_version    5.406 
_audit_conform.dict_location   http://mmcif.pdb.org/dictionaries/ascii/mmcif_pdbx.dic 
# 
loop_
_database_2.database_id 
_database_2.database_code 
_database_2.pdbx_database_accession 
_database_2.pdbx_DOI 
PDB   9RBG         pdb_00009rbg 10.2210/pdb9rbg/pdb 
WWPDB D_1292148128 ?            ?                   
# 
loop_
_pdbx_audit_revision_history.ordinal 
_pdbx_audit_revision_history.data_content_type 
_pdbx_audit_revision_history.major_revision 
_pdbx_audit_revision_history.minor_revision 
_pdbx_audit_revision_history.revision_date 
_pdbx_audit_revision_history.part_number 
1 'Structure model' 1 0 2025-08-13 ? 
2 'Structure model' 1 1 2025-10-29 ? 
# 
_pdbx_audit_revision_details.ordinal             1 
_pdbx_audit_revision_details.revision_ordinal    1 
_pdbx_audit_revision_details.data_content_type   'Structure model' 
_pdbx_audit_revision_details.provider            repository 
_pdbx_audit_revision_details.type                'Initial release' 
_pdbx_audit_revision_details.description         ? 
_pdbx_audit_revision_details.details             ? 
# 
_pdbx_audit_revision_group.ordinal             1 
_pdbx_audit_revision_group.revision_ordinal    2 
_pdbx_audit_revision_group.data_content_type   'Structure model' 
_pdbx_audit_revision_group.group               'Database references' 
# 
loop_
_pdbx_audit_revision_category.ordinal 
_pdbx_audit_revision_category.revision_ordinal 
_pdbx_audit_revision_category.data_content_type 
_pdbx_audit_revision_category.category 
1 2 'Structure model' citation        
2 2 'Structure model' citation_author 
# 
loop_
_pdbx_audit_revision_item.ordinal 
_pdbx_audit_revision_item.revision_ordinal 
_pdbx_audit_revision_item.data_content_type 
_pdbx_audit_revision_item.item 
1 2 'Structure model' '_citation.journal_volume'          
2 2 'Structure model' '_citation.page_first'              
3 2 'Structure model' '_citation.page_last'               
4 2 'Structure model' '_citation_author.identifier_ORCID' 
# 
_pdbx_database_status.status_code                     REL 
_pdbx_database_status.status_code_sf                  REL 
_pdbx_database_status.status_code_mr                  ? 
_pdbx_database_status.entry_id                        9RBG 
_pdbx_database_status.recvd_initial_deposition_date   2025-05-26 
_pdbx_database_status.SG_entry                        N 
_pdbx_database_status.deposit_site                    PDBE 
_pdbx_database_status.process_site                    PDBE 
_pdbx_database_status.status_code_cs                  ? 
_pdbx_database_status.status_code_nmr_data            ? 
_pdbx_database_status.methods_development_category    ? 
_pdbx_database_status.pdb_format_compatible           N 
# 
_pdbx_contact_author.id                 2 
_pdbx_contact_author.email              maddalena.paolillo@unina.it 
_pdbx_contact_author.name_first         Maddalena 
_pdbx_contact_author.name_last          Paolillo 
_pdbx_contact_author.name_mi            ? 
_pdbx_contact_author.role               'principal investigator/group leader' 
_pdbx_contact_author.identifier_ORCID   0000-0001-6289-8862 
# 
loop_
_audit_author.name 
_audit_author.pdbx_ordinal 
_audit_author.identifier_ORCID 
'Paolillo, M.' 1 0000-0001-6289-8862 
'Ferraro, G.'  2 0000-0001-9385-2429 
'Merlino, A.'  3 0000-0002-1045-7720 
# 
_citation.abstract                  ? 
_citation.abstract_id_CAS           ? 
_citation.book_id_ISBN              ? 
_citation.book_publisher            ? 
_citation.book_publisher_city       ? 
_citation.book_title                ? 
_citation.coordinate_linkage        ? 
_citation.country                   UK 
_citation.database_id_Medline       ? 
_citation.details                   ? 
_citation.id                        primary 
_citation.journal_abbrev            'Inorg Chem Front' 
_citation.journal_id_ASTM           ? 
_citation.journal_id_CSD            ? 
_citation.journal_id_ISSN           2052-1553 
_citation.journal_full              ? 
_citation.journal_issue             ? 
_citation.journal_volume            12 
_citation.language                  ? 
_citation.page_first                6503 
_citation.page_last                 6518 
_citation.title                     
;Speciation and structural transformation of a V V -malate complex in the absence and in the presence of a protein: from a dinuclear species to decavanadate.
;
_citation.year                      2025 
_citation.database_id_CSD           ? 
_citation.pdbx_database_id_DOI      10.1039/d5qi01384d 
_citation.pdbx_database_id_PubMed   40757088 
_citation.pdbx_database_id_patent   ? 
_citation.unpublished_flag          ? 
# 
loop_
_citation_author.citation_id 
_citation_author.name 
_citation_author.ordinal 
_citation_author.identifier_ORCID 
primary 'Paolillo, M.'   1 ? 
primary 'Ferraro, G.'    2 ? 
primary 'Gumerova, N.I.' 3 ? 
primary 'Pisanu, F.'     4 ? 
primary 'Garribba, E.'   5 ? 
primary 'Rompel, A.'     6 ? 
primary 'Merlino, A.'    7 ? 
# 
loop_
_entity.id 
_entity.type 
_entity.src_method 
_entity.pdbx_description 
_entity.formula_weight 
_entity.pdbx_number_of_molecules 
_entity.pdbx_ec 
_entity.pdbx_mutation 
_entity.pdbx_fragment 
_entity.details 
1 polymer     nat 'Lysozyme C' 14331.160 1  3.2.1.17 ? ? ? 
2 non-polymer syn 'CHLORIDE ION' 35.453    1  ?        ? ? ? 
3 non-polymer syn 'SODIUM ION' 22.990    1  ?        ? ? ? 
4 non-polymer syn DECAVANADATE 957.398   1  ?        ? ? ? 
5 non-polymer syn 
;2-[(4~{S})-1,1,6,6-tetrakis(oxidanyl)-3-oxidanylidene-2,5$l^{3},7-trioxa-1$l^{5},6$l^{4}-divanadabicyclo[3.2.0]heptan-4-yl]ethanoic acid
;
317.983   1  ?        ? ? ? 
6 non-polymer syn 'oxovanadium(2+)' 66.941    1  ?        ? ? ? 
7 water       nat water 18.015    75 ?        ? ? ? 
# 
_entity_name_com.entity_id   1 
_entity_name_com.name        '1,4-beta-N-acetylmuramidase C,Allergen Gal d IV' 
# 
_entity_poly.entity_id                      1 
_entity_poly.type                           'polypeptide(L)' 
_entity_poly.nstd_linkage                   no 
_entity_poly.nstd_monomer                   no 
_entity_poly.pdbx_seq_one_letter_code       
;KVFGRCELAAAMKRHGLDNYRGYSLGNWVCAAKFESNFNTQATNRNTDGSTDYGILQINSRWWCNDGRTPGSRNLCNIPC
SALLSSDITASVNCAKKIVSDGNGMNAWVAWRNRCKGTDVQAWIRGCRL
;
_entity_poly.pdbx_seq_one_letter_code_can   
;KVFGRCELAAAMKRHGLDNYRGYSLGNWVCAAKFESNFNTQATNRNTDGSTDYGILQINSRWWCNDGRTPGSRNLCNIPC
SALLSSDITASVNCAKKIVSDGNGMNAWVAWRNRCKGTDVQAWIRGCRL
;
_entity_poly.pdbx_strand_id                 AAA 
_entity_poly.pdbx_target_identifier         ? 
# 
loop_
_pdbx_entity_nonpoly.entity_id 
_pdbx_entity_nonpoly.name 
_pdbx_entity_nonpoly.comp_id 
2 'CHLORIDE ION' CL    
3 'SODIUM ION' NA    
4 DECAVANADATE DVT   
5 
;2-[(4~{S})-1,1,6,6-tetrakis(oxidanyl)-3-oxidanylidene-2,5$l^{3},7-trioxa-1$l^{5},6$l^{4}-divanadabicyclo[3.2.0]heptan-4-yl]ethanoic acid
;
A1JFD 
6 'oxovanadium(2+)' VVO   
7 water HOH   
# 
loop_
_entity_poly_seq.entity_id 
_entity_poly_seq.num 
_entity_poly_seq.mon_id 
_entity_poly_seq.hetero 
1 1   LYS n 
1 2   VAL n 
1 3   PHE n 
1 4   GLY n 
1 5   ARG n 
1 6   CYS n 
1 7   GLU n 
1 8   LEU n 
1 9   ALA n 
1 10  ALA n 
1 11  ALA n 
1 12  MET n 
1 13  LYS n 
1 14  ARG n 
1 15  HIS n 
1 16  GLY n 
1 17  LEU n 
1 18  ASP n 
1 19  ASN n 
1 20  TYR n 
1 21  ARG n 
1 22  GLY n 
1 23  TYR n 
1 24  SER n 
1 25  LEU n 
1 26  GLY n 
1 27  ASN n 
1 28  TRP n 
1 29  VAL n 
1 30  CYS n 
1 31  ALA n 
1 32  ALA n 
1 33  LYS n 
1 34  PHE n 
1 35  GLU n 
1 36  SER n 
1 37  ASN n 
1 38  PHE n 
1 39  ASN n 
1 40  THR n 
1 41  GLN n 
1 42  ALA n 
1 43  THR n 
1 44  ASN n 
1 45  ARG n 
1 46  ASN n 
1 47  THR n 
1 48  ASP n 
1 49  GLY n 
1 50  SER n 
1 51  THR n 
1 52  ASP n 
1 53  TYR n 
1 54  GLY n 
1 55  ILE n 
1 56  LEU n 
1 57  GLN n 
1 58  ILE n 
1 59  ASN n 
1 60  SER n 
1 61  ARG n 
1 62  TRP n 
1 63  TRP n 
1 64  CYS n 
1 65  ASN n 
1 66  ASP n 
1 67  GLY n 
1 68  ARG n 
1 69  THR n 
1 70  PRO n 
1 71  GLY n 
1 72  SER n 
1 73  ARG n 
1 74  ASN n 
1 75  LEU n 
1 76  CYS n 
1 77  ASN n 
1 78  ILE n 
1 79  PRO n 
1 80  CYS n 
1 81  SER n 
1 82  ALA n 
1 83  LEU n 
1 84  LEU n 
1 85  SER n 
1 86  SER n 
1 87  ASP n 
1 88  ILE n 
1 89  THR n 
1 90  ALA n 
1 91  SER n 
1 92  VAL n 
1 93  ASN n 
1 94  CYS n 
1 95  ALA n 
1 96  LYS n 
1 97  LYS n 
1 98  ILE n 
1 99  VAL n 
1 100 SER n 
1 101 ASP n 
1 102 GLY n 
1 103 ASN n 
1 104 GLY n 
1 105 MET n 
1 106 ASN n 
1 107 ALA n 
1 108 TRP n 
1 109 VAL n 
1 110 ALA n 
1 111 TRP n 
1 112 ARG n 
1 113 ASN n 
1 114 ARG n 
1 115 CYS n 
1 116 LYS n 
1 117 GLY n 
1 118 THR n 
1 119 ASP n 
1 120 VAL n 
1 121 GLN n 
1 122 ALA n 
1 123 TRP n 
1 124 ILE n 
1 125 ARG n 
1 126 GLY n 
1 127 CYS n 
1 128 ARG n 
1 129 LEU n 
# 
_entity_src_nat.entity_id                  1 
_entity_src_nat.pdbx_src_id                1 
_entity_src_nat.pdbx_alt_source_flag       sample 
_entity_src_nat.pdbx_beg_seq_num           1 
_entity_src_nat.pdbx_end_seq_num           129 
_entity_src_nat.common_name                chicken 
_entity_src_nat.pdbx_organism_scientific   'Gallus gallus' 
_entity_src_nat.pdbx_ncbi_taxonomy_id      9031 
_entity_src_nat.genus                      ? 
_entity_src_nat.species                    ? 
_entity_src_nat.strain                     ? 
_entity_src_nat.tissue                     ? 
_entity_src_nat.tissue_fraction            ? 
_entity_src_nat.pdbx_secretion             ? 
_entity_src_nat.pdbx_fragment              ? 
_entity_src_nat.pdbx_variant               ? 
_entity_src_nat.pdbx_cell_line             ? 
_entity_src_nat.pdbx_atcc                  ? 
_entity_src_nat.pdbx_cellular_location     ? 
_entity_src_nat.pdbx_organ                 ? 
_entity_src_nat.pdbx_organelle             ? 
_entity_src_nat.pdbx_cell                  ? 
_entity_src_nat.pdbx_plasmid_name          ? 
_entity_src_nat.pdbx_plasmid_details       ? 
_entity_src_nat.details                    ? 
# 
loop_
_chem_comp.id 
_chem_comp.type 
_chem_comp.mon_nstd_flag 
_chem_comp.name 
_chem_comp.pdbx_synonyms 
_chem_comp.formula 
_chem_comp.formula_weight 
A1JFD non-polymer         . 
;2-[(4~{S})-1,1,6,6-tetrakis(oxidanyl)-3-oxidanylidene-2,5$l^{3},7-trioxa-1$l^{5},6$l^{4}-divanadabicyclo[3.2.0]heptan-4-yl]ethanoic acid
;
'dioxovanadium(V) complex of malic acid' 'C4 H8 O10 V2 1' 317.983 
ALA   'L-peptide linking' y ALANINE ?                                        'C3 H7 N O2'     89.093  
ARG   'L-peptide linking' y ARGININE ?                                        'C6 H15 N4 O2 1' 175.209 
ASN   'L-peptide linking' y ASPARAGINE ?                                        'C4 H8 N2 O3'    132.118 
ASP   'L-peptide linking' y 'ASPARTIC ACID' ?                                        'C4 H7 N O4'     133.103 
CL    non-polymer         . 'CHLORIDE ION' ?                                        'Cl -1'          35.453  
CYS   'L-peptide linking' y CYSTEINE ?                                        'C3 H7 N O2 S'   121.158 
DVT   non-polymer         . DECAVANADATE ?                                        'O28 V10 -6'     957.398 
GLN   'L-peptide linking' y GLUTAMINE ?                                        'C5 H10 N2 O3'   146.144 
GLU   'L-peptide linking' y 'GLUTAMIC ACID' ?                                        'C5 H9 N O4'     147.129 
GLY   'peptide linking'   y GLYCINE ?                                        'C2 H5 N O2'     75.067  
HIS   'L-peptide linking' y HISTIDINE ?                                        'C6 H10 N3 O2 1' 156.162 
HOH   non-polymer         . WATER ?                                        'H2 O'           18.015  
ILE   'L-peptide linking' y ISOLEUCINE ?                                        'C6 H13 N O2'    131.173 
LEU   'L-peptide linking' y LEUCINE ?                                        'C6 H13 N O2'    131.173 
LYS   'L-peptide linking' y LYSINE ?                                        'C6 H15 N2 O2 1' 147.195 
MET   'L-peptide linking' y METHIONINE ?                                        'C5 H11 N O2 S'  149.211 
NA    non-polymer         . 'SODIUM ION' ?                                        'Na 1'           22.990  
PHE   'L-peptide linking' y PHENYLALANINE ?                                        'C9 H11 N O2'    165.189 
PRO   'L-peptide linking' y PROLINE ?                                        'C5 H9 N O2'     115.130 
SER   'L-peptide linking' y SERINE ?                                        'C3 H7 N O3'     105.093 
THR   'L-peptide linking' y THREONINE ?                                        'C4 H9 N O3'     119.119 
TRP   'L-peptide linking' y TRYPTOPHAN ?                                        'C11 H12 N2 O2'  204.225 
TYR   'L-peptide linking' y TYROSINE ?                                        'C9 H11 N O3'    181.189 
VAL   'L-peptide linking' y VALINE ?                                        'C5 H11 N O2'    117.146 
VVO   non-polymer         . 'oxovanadium(2+)' ?                                        'O V 2'          66.941  
# 
loop_
_pdbx_poly_seq_scheme.asym_id 
_pdbx_poly_seq_scheme.entity_id 
_pdbx_poly_seq_scheme.seq_id 
_pdbx_poly_seq_scheme.mon_id 
_pdbx_poly_seq_scheme.ndb_seq_num 
_pdbx_poly_seq_scheme.pdb_seq_num 
_pdbx_poly_seq_scheme.auth_seq_num 
_pdbx_poly_seq_scheme.pdb_mon_id 
_pdbx_poly_seq_scheme.auth_mon_id 
_pdbx_poly_seq_scheme.pdb_strand_id 
_pdbx_poly_seq_scheme.pdb_ins_code 
_pdbx_poly_seq_scheme.hetero 
A 1 1   LYS 1   1   1   LYS LYS AAA . n 
A 1 2   VAL 2   2   2   VAL VAL AAA . n 
A 1 3   PHE 3   3   3   PHE PHE AAA . n 
A 1 4   GLY 4   4   4   GLY GLY AAA . n 
A 1 5   ARG 5   5   5   ARG ARG AAA . n 
A 1 6   CYS 6   6   6   CYS CYS AAA . n 
A 1 7   GLU 7   7   7   GLU GLU AAA . n 
A 1 8   LEU 8   8   8   LEU LEU AAA . n 
A 1 9   ALA 9   9   9   ALA ALA AAA . n 
A 1 10  ALA 10  10  10  ALA ALA AAA . n 
A 1 11  ALA 11  11  11  ALA ALA AAA . n 
A 1 12  MET 12  12  12  MET MET AAA . n 
A 1 13  LYS 13  13  13  LYS LYS AAA . n 
A 1 14  ARG 14  14  14  ARG ARG AAA . n 
A 1 15  HIS 15  15  15  HIS HIS AAA . n 
A 1 16  GLY 16  16  16  GLY GLY AAA . n 
A 1 17  LEU 17  17  17  LEU LEU AAA . n 
A 1 18  ASP 18  18  18  ASP ASP AAA . n 
A 1 19  ASN 19  19  19  ASN ASN AAA . n 
A 1 20  TYR 20  20  20  TYR TYR AAA . n 
A 1 21  ARG 21  21  21  ARG ARG AAA . n 
A 1 22  GLY 22  22  22  GLY GLY AAA . n 
A 1 23  TYR 23  23  23  TYR TYR AAA . n 
A 1 24  SER 24  24  24  SER SER AAA . n 
A 1 25  LEU 25  25  25  LEU LEU AAA . n 
A 1 26  GLY 26  26  26  GLY GLY AAA . n 
A 1 27  ASN 27  27  27  ASN ASN AAA . n 
A 1 28  TRP 28  28  28  TRP TRP AAA . n 
A 1 29  VAL 29  29  29  VAL VAL AAA . n 
A 1 30  CYS 30  30  30  CYS CYS AAA . n 
A 1 31  ALA 31  31  31  ALA ALA AAA . n 
A 1 32  ALA 32  32  32  ALA ALA AAA . n 
A 1 33  LYS 33  33  33  LYS LYS AAA . n 
A 1 34  PHE 34  34  34  PHE PHE AAA . n 
A 1 35  GLU 35  35  35  GLU GLU AAA . n 
A 1 36  SER 36  36  36  SER SER AAA . n 
A 1 37  ASN 37  37  37  ASN ASN AAA . n 
A 1 38  PHE 38  38  38  PHE PHE AAA . n 
A 1 39  ASN 39  39  39  ASN ASN AAA . n 
A 1 40  THR 40  40  40  THR THR AAA . n 
A 1 41  GLN 41  41  41  GLN GLN AAA . n 
A 1 42  ALA 42  42  42  ALA ALA AAA . n 
A 1 43  THR 43  43  43  THR THR AAA . n 
A 1 44  ASN 44  44  44  ASN ASN AAA . n 
A 1 45  ARG 45  45  45  ARG ARG AAA . n 
A 1 46  ASN 46  46  46  ASN ASN AAA . n 
A 1 47  THR 47  47  47  THR THR AAA . n 
A 1 48  ASP 48  48  48  ASP ASP AAA . n 
A 1 49  GLY 49  49  49  GLY GLY AAA . n 
A 1 50  SER 50  50  50  SER SER AAA . n 
A 1 51  THR 51  51  51  THR THR AAA . n 
A 1 52  ASP 52  52  52  ASP ASP AAA . n 
A 1 53  TYR 53  53  53  TYR TYR AAA . n 
A 1 54  GLY 54  54  54  GLY GLY AAA . n 
A 1 55  ILE 55  55  55  ILE ILE AAA . n 
A 1 56  LEU 56  56  56  LEU LEU AAA . n 
A 1 57  GLN 57  57  57  GLN GLN AAA . n 
A 1 58  ILE 58  58  58  ILE ILE AAA . n 
A 1 59  ASN 59  59  59  ASN ASN AAA . n 
A 1 60  SER 60  60  60  SER SER AAA . n 
A 1 61  ARG 61  61  61  ARG ARG AAA . n 
A 1 62  TRP 62  62  62  TRP TRP AAA . n 
A 1 63  TRP 63  63  63  TRP TRP AAA . n 
A 1 64  CYS 64  64  64  CYS CYS AAA . n 
A 1 65  ASN 65  65  65  ASN ASN AAA . n 
A 1 66  ASP 66  66  66  ASP ASP AAA . n 
A 1 67  GLY 67  67  67  GLY GLY AAA . n 
A 1 68  ARG 68  68  68  ARG ARG AAA . n 
A 1 69  THR 69  69  69  THR THR AAA . n 
A 1 70  PRO 70  70  70  PRO PRO AAA . n 
A 1 71  GLY 71  71  71  GLY GLY AAA . n 
A 1 72  SER 72  72  72  SER SER AAA . n 
A 1 73  ARG 73  73  73  ARG ARG AAA . n 
A 1 74  ASN 74  74  74  ASN ASN AAA . n 
A 1 75  LEU 75  75  75  LEU LEU AAA . n 
A 1 76  CYS 76  76  76  CYS CYS AAA . n 
A 1 77  ASN 77  77  77  ASN ASN AAA . n 
A 1 78  ILE 78  78  78  ILE ILE AAA . n 
A 1 79  PRO 79  79  79  PRO PRO AAA . n 
A 1 80  CYS 80  80  80  CYS CYS AAA . n 
A 1 81  SER 81  81  81  SER SER AAA . n 
A 1 82  ALA 82  82  82  ALA ALA AAA . n 
A 1 83  LEU 83  83  83  LEU LEU AAA . n 
A 1 84  LEU 84  84  84  LEU LEU AAA . n 
A 1 85  SER 85  85  85  SER SER AAA . n 
A 1 86  SER 86  86  86  SER SER AAA . n 
A 1 87  ASP 87  87  87  ASP ASP AAA . n 
A 1 88  ILE 88  88  88  ILE ILE AAA . n 
A 1 89  THR 89  89  89  THR THR AAA . n 
A 1 90  ALA 90  90  90  ALA ALA AAA . n 
A 1 91  SER 91  91  91  SER SER AAA . n 
A 1 92  VAL 92  92  92  VAL VAL AAA . n 
A 1 93  ASN 93  93  93  ASN ASN AAA . n 
A 1 94  CYS 94  94  94  CYS CYS AAA . n 
A 1 95  ALA 95  95  95  ALA ALA AAA . n 
A 1 96  LYS 96  96  96  LYS LYS AAA . n 
A 1 97  LYS 97  97  97  LYS LYS AAA . n 
A 1 98  ILE 98  98  98  ILE ILE AAA . n 
A 1 99  VAL 99  99  99  VAL VAL AAA . n 
A 1 100 SER 100 100 100 SER SER AAA . n 
A 1 101 ASP 101 101 101 ASP ASP AAA . n 
A 1 102 GLY 102 102 102 GLY GLY AAA . n 
A 1 103 ASN 103 103 103 ASN ASN AAA . n 
A 1 104 GLY 104 104 104 GLY GLY AAA . n 
A 1 105 MET 105 105 105 MET MET AAA . n 
A 1 106 ASN 106 106 106 ASN ASN AAA . n 
A 1 107 ALA 107 107 107 ALA ALA AAA . n 
A 1 108 TRP 108 108 108 TRP TRP AAA . n 
A 1 109 VAL 109 109 109 VAL VAL AAA . n 
A 1 110 ALA 110 110 110 ALA ALA AAA . n 
A 1 111 TRP 111 111 111 TRP TRP AAA . n 
A 1 112 ARG 112 112 112 ARG ARG AAA . n 
A 1 113 ASN 113 113 113 ASN ASN AAA . n 
A 1 114 ARG 114 114 114 ARG ARG AAA . n 
A 1 115 CYS 115 115 115 CYS CYS AAA . n 
A 1 116 LYS 116 116 116 LYS LYS AAA . n 
A 1 117 GLY 117 117 117 GLY GLY AAA . n 
A 1 118 THR 118 118 118 THR THR AAA . n 
A 1 119 ASP 119 119 119 ASP ASP AAA . n 
A 1 120 VAL 120 120 120 VAL VAL AAA . n 
A 1 121 GLN 121 121 121 GLN GLN AAA . n 
A 1 122 ALA 122 122 122 ALA ALA AAA . n 
A 1 123 TRP 123 123 123 TRP TRP AAA . n 
A 1 124 ILE 124 124 124 ILE ILE AAA . n 
A 1 125 ARG 125 125 125 ARG ARG AAA . n 
A 1 126 GLY 126 126 126 GLY GLY AAA . n 
A 1 127 CYS 127 127 127 CYS CYS AAA . n 
A 1 128 ARG 128 128 128 ARG ARG AAA . n 
A 1 129 LEU 129 129 129 LEU LEU AAA . n 
# 
loop_
_pdbx_entity_instance_feature.ordinal 
_pdbx_entity_instance_feature.comp_id 
_pdbx_entity_instance_feature.asym_id 
_pdbx_entity_instance_feature.seq_num 
_pdbx_entity_instance_feature.auth_comp_id 
_pdbx_entity_instance_feature.auth_asym_id 
_pdbx_entity_instance_feature.auth_seq_num 
_pdbx_entity_instance_feature.feature_type 
_pdbx_entity_instance_feature.details 
1 DVT ? ? DVT ? ? 'SUBJECT OF INVESTIGATION' ? 
2 VVO ? ? VVO ? ? 'SUBJECT OF INVESTIGATION' ? 
# 
loop_
_pdbx_nonpoly_scheme.asym_id 
_pdbx_nonpoly_scheme.entity_id 
_pdbx_nonpoly_scheme.mon_id 
_pdbx_nonpoly_scheme.ndb_seq_num 
_pdbx_nonpoly_scheme.pdb_seq_num 
_pdbx_nonpoly_scheme.auth_seq_num 
_pdbx_nonpoly_scheme.pdb_mon_id 
_pdbx_nonpoly_scheme.auth_mon_id 
_pdbx_nonpoly_scheme.pdb_strand_id 
_pdbx_nonpoly_scheme.pdb_ins_code 
B 2 CL    1  201 130 CL    CL  AAA . 
C 3 NA    1  202 131 NA    NA  AAA . 
D 4 DVT   1  203 1   DVT   DVT AAA . 
E 5 A1JFD 1  204 2   A1JFD VMT AAA . 
F 6 VVO   1  205 3   VVO   VOQ AAA . 
G 7 HOH   1  301 46  HOH   HOH AAA . 
G 7 HOH   2  302 65  HOH   HOH AAA . 
G 7 HOH   3  303 51  HOH   HOH AAA . 
G 7 HOH   4  304 25  HOH   HOH AAA . 
G 7 HOH   5  305 24  HOH   HOH AAA . 
G 7 HOH   6  306 30  HOH   HOH AAA . 
G 7 HOH   7  307 22  HOH   HOH AAA . 
G 7 HOH   8  308 45  HOH   HOH AAA . 
G 7 HOH   9  309 39  HOH   HOH AAA . 
G 7 HOH   10 310 67  HOH   HOH AAA . 
G 7 HOH   11 311 64  HOH   HOH AAA . 
G 7 HOH   12 312 74  HOH   HOH AAA . 
G 7 HOH   13 313 4   HOH   HOH AAA . 
G 7 HOH   14 314 70  HOH   HOH AAA . 
G 7 HOH   15 315 61  HOH   HOH AAA . 
G 7 HOH   16 316 15  HOH   HOH AAA . 
G 7 HOH   17 317 1   HOH   HOH AAA . 
G 7 HOH   18 318 57  HOH   HOH AAA . 
G 7 HOH   19 319 10  HOH   HOH AAA . 
G 7 HOH   20 320 52  HOH   HOH AAA . 
G 7 HOH   21 321 28  HOH   HOH AAA . 
G 7 HOH   22 322 63  HOH   HOH AAA . 
G 7 HOH   23 323 35  HOH   HOH AAA . 
G 7 HOH   24 324 42  HOH   HOH AAA . 
G 7 HOH   25 325 26  HOH   HOH AAA . 
G 7 HOH   26 326 32  HOH   HOH AAA . 
G 7 HOH   27 327 20  HOH   HOH AAA . 
G 7 HOH   28 328 2   HOH   HOH AAA . 
G 7 HOH   29 329 13  HOH   HOH AAA . 
G 7 HOH   30 330 34  HOH   HOH AAA . 
G 7 HOH   31 331 68  HOH   HOH AAA . 
G 7 HOH   32 332 59  HOH   HOH AAA . 
G 7 HOH   33 333 5   HOH   HOH AAA . 
G 7 HOH   34 334 8   HOH   HOH AAA . 
G 7 HOH   35 335 27  HOH   HOH AAA . 
G 7 HOH   36 336 54  HOH   HOH AAA . 
G 7 HOH   37 337 14  HOH   HOH AAA . 
G 7 HOH   38 338 9   HOH   HOH AAA . 
G 7 HOH   39 339 17  HOH   HOH AAA . 
G 7 HOH   40 340 21  HOH   HOH AAA . 
G 7 HOH   41 341 3   HOH   HOH AAA . 
G 7 HOH   42 342 41  HOH   HOH AAA . 
G 7 HOH   43 343 11  HOH   HOH AAA . 
G 7 HOH   44 344 66  HOH   HOH AAA . 
G 7 HOH   45 345 38  HOH   HOH AAA . 
G 7 HOH   46 346 6   HOH   HOH AAA . 
G 7 HOH   47 347 7   HOH   HOH AAA . 
G 7 HOH   48 348 12  HOH   HOH AAA . 
G 7 HOH   49 349 40  HOH   HOH AAA . 
G 7 HOH   50 350 23  HOH   HOH AAA . 
G 7 HOH   51 351 16  HOH   HOH AAA . 
G 7 HOH   52 352 47  HOH   HOH AAA . 
G 7 HOH   53 353 36  HOH   HOH AAA . 
G 7 HOH   54 354 55  HOH   HOH AAA . 
G 7 HOH   55 355 37  HOH   HOH AAA . 
G 7 HOH   56 356 72  HOH   HOH AAA . 
G 7 HOH   57 357 71  HOH   HOH AAA . 
G 7 HOH   58 358 18  HOH   HOH AAA . 
G 7 HOH   59 359 33  HOH   HOH AAA . 
G 7 HOH   60 360 76  HOH   HOH AAA . 
G 7 HOH   61 361 29  HOH   HOH AAA . 
G 7 HOH   62 362 60  HOH   HOH AAA . 
G 7 HOH   63 363 58  HOH   HOH AAA . 
G 7 HOH   64 364 56  HOH   HOH AAA . 
G 7 HOH   65 365 48  HOH   HOH AAA . 
G 7 HOH   66 366 69  HOH   HOH AAA . 
G 7 HOH   67 367 31  HOH   HOH AAA . 
G 7 HOH   68 368 43  HOH   HOH AAA . 
G 7 HOH   69 369 44  HOH   HOH AAA . 
G 7 HOH   70 370 53  HOH   HOH AAA . 
G 7 HOH   71 371 49  HOH   HOH AAA . 
G 7 HOH   72 372 73  HOH   HOH AAA . 
G 7 HOH   73 373 19  HOH   HOH AAA . 
G 7 HOH   74 374 75  HOH   HOH AAA . 
G 7 HOH   75 375 50  HOH   HOH AAA . 
# 
loop_
_software.citation_id 
_software.classification 
_software.compiler_name 
_software.compiler_version 
_software.contact_author 
_software.contact_author_email 
_software.date 
_software.description 
_software.dependencies 
_software.hardware 
_software.language 
_software.location 
_software.mods 
_software.name 
_software.os 
_software.os_version 
_software.type 
_software.version 
_software.pdbx_reference_DOI 
_software.pdbx_ordinal 
? refinement       ? ? ? ? ? ? ? ? ? ? ? REFMAC   ? ? ? 5.8.0267 ? 1 
? 'data reduction' ? ? ? ? ? ? ? ? ? ? ? autoPROC ? ? ? .        ? 2 
? 'data scaling'   ? ? ? ? ? ? ? ? ? ? ? autoPROC ? ? ? .        ? 3 
? phasing          ? ? ? ? ? ? ? ? ? ? ? PHASER   ? ? ? .        ? 4 
# 
_cell.angle_alpha                  90.000 
_cell.angle_alpha_esd              ? 
_cell.angle_beta                   90.000 
_cell.angle_beta_esd               ? 
_cell.angle_gamma                  90.000 
_cell.angle_gamma_esd              ? 
_cell.entry_id                     9RBG 
_cell.details                      ? 
_cell.formula_units_Z              ? 
_cell.length_a                     78.600 
_cell.length_a_esd                 ? 
_cell.length_b                     78.600 
_cell.length_b_esd                 ? 
_cell.length_c                     35.650 
_cell.length_c_esd                 ? 
_cell.volume                       ? 
_cell.volume_esd                   ? 
_cell.Z_PDB                        8 
_cell.reciprocal_angle_alpha       ? 
_cell.reciprocal_angle_beta        ? 
_cell.reciprocal_angle_gamma       ? 
_cell.reciprocal_angle_alpha_esd   ? 
_cell.reciprocal_angle_beta_esd    ? 
_cell.reciprocal_angle_gamma_esd   ? 
_cell.reciprocal_length_a          ? 
_cell.reciprocal_length_b          ? 
_cell.reciprocal_length_c          ? 
_cell.reciprocal_length_a_esd      ? 
_cell.reciprocal_length_b_esd      ? 
_cell.reciprocal_length_c_esd      ? 
_cell.pdbx_unique_axis             ? 
_cell.pdbx_esd_method              ? 
# 
_symmetry.entry_id                         9RBG 
_symmetry.cell_setting                     ? 
_symmetry.Int_Tables_number                96 
_symmetry.space_group_name_Hall            ? 
_symmetry.space_group_name_H-M             'P 43 21 2' 
_symmetry.pdbx_full_space_group_name_H-M   ? 
# 
_exptl.absorpt_coefficient_mu     ? 
_exptl.absorpt_correction_T_max   ? 
_exptl.absorpt_correction_T_min   ? 
_exptl.absorpt_correction_type    ? 
_exptl.absorpt_process_details    ? 
_exptl.entry_id                   9RBG 
_exptl.crystals_number            1 
_exptl.details                    ? 
_exptl.method                     'X-RAY DIFFRACTION' 
_exptl.method_details             ? 
# 
_exptl_crystal.colour                       ? 
_exptl_crystal.density_diffrn               ? 
_exptl_crystal.density_Matthews             1.92 
_exptl_crystal.density_method               ? 
_exptl_crystal.density_percent_sol          35.97 
_exptl_crystal.description                  ? 
_exptl_crystal.F_000                        ? 
_exptl_crystal.id                           1 
_exptl_crystal.preparation                  ? 
_exptl_crystal.size_max                     ? 
_exptl_crystal.size_mid                     ? 
_exptl_crystal.size_min                     ? 
_exptl_crystal.size_rad                     ? 
_exptl_crystal.colour_lustre                ? 
_exptl_crystal.colour_modifier              ? 
_exptl_crystal.colour_primary               ? 
_exptl_crystal.density_meas                 ? 
_exptl_crystal.density_meas_esd             ? 
_exptl_crystal.density_meas_gt              ? 
_exptl_crystal.density_meas_lt              ? 
_exptl_crystal.density_meas_temp            ? 
_exptl_crystal.density_meas_temp_esd        ? 
_exptl_crystal.density_meas_temp_gt         ? 
_exptl_crystal.density_meas_temp_lt         ? 
_exptl_crystal.pdbx_crystal_image_url       ? 
_exptl_crystal.pdbx_crystal_image_format    ? 
_exptl_crystal.pdbx_mosaicity               ? 
_exptl_crystal.pdbx_mosaicity_esd           ? 
_exptl_crystal.pdbx_mosaic_method           ? 
_exptl_crystal.pdbx_mosaic_block_size       ? 
_exptl_crystal.pdbx_mosaic_block_size_esd   ? 
# 
_exptl_crystal_grow.apparatus       ? 
_exptl_crystal_grow.atmosphere      ? 
_exptl_crystal_grow.crystal_id      1 
_exptl_crystal_grow.details         ? 
_exptl_crystal_grow.method          'VAPOR DIFFUSION, HANGING DROP' 
_exptl_crystal_grow.method_ref      ? 
_exptl_crystal_grow.pH              4.0 
_exptl_crystal_grow.pressure        ? 
_exptl_crystal_grow.pressure_esd    ? 
_exptl_crystal_grow.seeding         ? 
_exptl_crystal_grow.seeding_ref     ? 
_exptl_crystal_grow.temp_details    ? 
_exptl_crystal_grow.temp_esd        ? 
_exptl_crystal_grow.time            ? 
_exptl_crystal_grow.pdbx_details    '1.1 M sodium chloride, 0.1 M sodium acetate pH 4.0' 
_exptl_crystal_grow.pdbx_pH_range   ? 
_exptl_crystal_grow.temp            293.0 
# 
_diffrn.ambient_environment              ? 
_diffrn.ambient_temp                     100.0 
_diffrn.ambient_temp_details             ? 
_diffrn.ambient_temp_esd                 ? 
_diffrn.crystal_id                       1 
_diffrn.crystal_support                  ? 
_diffrn.crystal_treatment                ? 
_diffrn.details                          ? 
_diffrn.id                               1 
_diffrn.ambient_pressure                 ? 
_diffrn.ambient_pressure_esd             ? 
_diffrn.ambient_pressure_gt              ? 
_diffrn.ambient_pressure_lt              ? 
_diffrn.ambient_temp_gt                  ? 
_diffrn.ambient_temp_lt                  ? 
_diffrn.pdbx_serial_crystal_experiment   N 
# 
_diffrn_detector.details                      ? 
_diffrn_detector.detector                     PIXEL 
_diffrn_detector.diffrn_id                    1 
_diffrn_detector.type                         'DECTRIS PILATUS 6M' 
_diffrn_detector.area_resol_mean              ? 
_diffrn_detector.dtime                        ? 
_diffrn_detector.pdbx_frames_total            ? 
_diffrn_detector.pdbx_collection_time_total   ? 
_diffrn_detector.pdbx_collection_date         2024-05-06 
_diffrn_detector.pdbx_frequency               ? 
_diffrn_detector.id                           ? 
_diffrn_detector.number_of_axes               ? 
# 
_diffrn_radiation.collimation                      ? 
_diffrn_radiation.diffrn_id                        1 
_diffrn_radiation.filter_edge                      ? 
_diffrn_radiation.inhomogeneity                    ? 
_diffrn_radiation.monochromator                    ? 
_diffrn_radiation.polarisn_norm                    ? 
_diffrn_radiation.polarisn_ratio                   ? 
_diffrn_radiation.probe                            ? 
_diffrn_radiation.type                             ? 
_diffrn_radiation.xray_symbol                      ? 
_diffrn_radiation.wavelength_id                    1 
_diffrn_radiation.pdbx_monochromatic_or_laue_m_l   M 
_diffrn_radiation.pdbx_wavelength_list             ? 
_diffrn_radiation.pdbx_wavelength                  ? 
_diffrn_radiation.pdbx_diffrn_protocol             'SINGLE WAVELENGTH' 
_diffrn_radiation.pdbx_analyzer                    ? 
_diffrn_radiation.pdbx_scattering_type             x-ray 
# 
_diffrn_radiation_wavelength.id           1 
_diffrn_radiation_wavelength.wavelength   1.00 
_diffrn_radiation_wavelength.wt           1.0 
# 
_diffrn_source.current                     ? 
_diffrn_source.details                     ? 
_diffrn_source.diffrn_id                   1 
_diffrn_source.power                       ? 
_diffrn_source.size                        ? 
_diffrn_source.source                      SYNCHROTRON 
_diffrn_source.target                      ? 
_diffrn_source.type                        'ELETTRA BEAMLINE 11.2C' 
_diffrn_source.voltage                     ? 
_diffrn_source.take-off_angle              ? 
_diffrn_source.pdbx_wavelength_list        1.00 
_diffrn_source.pdbx_wavelength             ? 
_diffrn_source.pdbx_synchrotron_beamline   11.2C 
_diffrn_source.pdbx_synchrotron_site       ELETTRA 
# 
_reflns.B_iso_Wilson_estimate                          ? 
_reflns.entry_id                                       9RBG 
_reflns.data_reduction_details                         ? 
_reflns.data_reduction_method                          ? 
_reflns.d_resolution_high                              1.46 
_reflns.d_resolution_low                               55.586 
_reflns.details                                        ? 
_reflns.limit_h_max                                    ? 
_reflns.limit_h_min                                    ? 
_reflns.limit_k_max                                    ? 
_reflns.limit_k_min                                    ? 
_reflns.limit_l_max                                    ? 
_reflns.limit_l_min                                    ? 
_reflns.number_all                                     ? 
_reflns.number_obs                                     17932 
_reflns.observed_criterion                             ? 
_reflns.observed_criterion_F_max                       ? 
_reflns.observed_criterion_F_min                       ? 
_reflns.observed_criterion_I_max                       ? 
_reflns.observed_criterion_I_min                       ? 
_reflns.observed_criterion_sigma_F                     ? 
_reflns.observed_criterion_sigma_I                     ? 
_reflns.percent_possible_obs                           88.9 
_reflns.R_free_details                                 ? 
_reflns.Rmerge_F_all                                   ? 
_reflns.Rmerge_F_obs                                   ? 
_reflns.Friedel_coverage                               ? 
_reflns.number_gt                                      ? 
_reflns.threshold_expression                           ? 
_reflns.pdbx_redundancy                                20.0 
_reflns.pdbx_netI_over_av_sigmaI                       ? 
_reflns.pdbx_netI_over_sigmaI                          27.4 
_reflns.pdbx_res_netI_over_av_sigmaI_2                 ? 
_reflns.pdbx_res_netI_over_sigmaI_2                    ? 
_reflns.pdbx_chi_squared                               ? 
_reflns.pdbx_scaling_rejects                           ? 
_reflns.pdbx_d_res_high_opt                            ? 
_reflns.pdbx_d_res_low_opt                             ? 
_reflns.pdbx_d_res_opt_method                          ? 
_reflns.phase_calculation_details                      ? 
_reflns.pdbx_Rrim_I_all                                ? 
_reflns.pdbx_Rpim_I_all                                ? 
_reflns.pdbx_d_opt                                     ? 
_reflns.pdbx_number_measured_all                       ? 
_reflns.pdbx_diffrn_id                                 1 
_reflns.pdbx_ordinal                                   1 
_reflns.pdbx_CC_half                                   1.00 
_reflns.pdbx_CC_star                                   ? 
_reflns.pdbx_R_split                                   ? 
_reflns.pdbx_Rmerge_I_obs                              ? 
_reflns.pdbx_Rmerge_I_all                              ? 
_reflns.pdbx_Rsym_value                                ? 
_reflns.pdbx_CC_split_method                           ? 
_reflns.pdbx_aniso_diffraction_limit_axis_1_ortho[1]   ? 
_reflns.pdbx_aniso_diffraction_limit_axis_1_ortho[2]   ? 
_reflns.pdbx_aniso_diffraction_limit_axis_1_ortho[3]   ? 
_reflns.pdbx_aniso_diffraction_limit_axis_2_ortho[1]   ? 
_reflns.pdbx_aniso_diffraction_limit_axis_2_ortho[2]   ? 
_reflns.pdbx_aniso_diffraction_limit_axis_2_ortho[3]   ? 
_reflns.pdbx_aniso_diffraction_limit_axis_3_ortho[1]   ? 
_reflns.pdbx_aniso_diffraction_limit_axis_3_ortho[2]   ? 
_reflns.pdbx_aniso_diffraction_limit_axis_3_ortho[3]   ? 
_reflns.pdbx_aniso_diffraction_limit_1                 ? 
_reflns.pdbx_aniso_diffraction_limit_2                 ? 
_reflns.pdbx_aniso_diffraction_limit_3                 ? 
_reflns.pdbx_aniso_B_tensor_eigenvector_1_ortho[1]     ? 
_reflns.pdbx_aniso_B_tensor_eigenvector_1_ortho[2]     ? 
_reflns.pdbx_aniso_B_tensor_eigenvector_1_ortho[3]     ? 
_reflns.pdbx_aniso_B_tensor_eigenvector_2_ortho[1]     ? 
_reflns.pdbx_aniso_B_tensor_eigenvector_2_ortho[2]     ? 
_reflns.pdbx_aniso_B_tensor_eigenvector_2_ortho[3]     ? 
_reflns.pdbx_aniso_B_tensor_eigenvector_3_ortho[1]     ? 
_reflns.pdbx_aniso_B_tensor_eigenvector_3_ortho[2]     ? 
_reflns.pdbx_aniso_B_tensor_eigenvector_3_ortho[3]     ? 
_reflns.pdbx_aniso_B_tensor_eigenvalue_1               ? 
_reflns.pdbx_aniso_B_tensor_eigenvalue_2               ? 
_reflns.pdbx_aniso_B_tensor_eigenvalue_3               ? 
_reflns.pdbx_orthogonalization_convention              ? 
_reflns.pdbx_percent_possible_ellipsoidal              ? 
_reflns.pdbx_percent_possible_spherical                ? 
_reflns.pdbx_percent_possible_ellipsoidal_anomalous    ? 
_reflns.pdbx_percent_possible_spherical_anomalous      ? 
_reflns.pdbx_redundancy_anomalous                      ? 
_reflns.pdbx_CC_half_anomalous                         ? 
_reflns.pdbx_absDiff_over_sigma_anomalous              ? 
_reflns.pdbx_percent_possible_anomalous                ? 
_reflns.pdbx_observed_signal_threshold                 ? 
_reflns.pdbx_signal_type                               ? 
_reflns.pdbx_signal_details                            ? 
_reflns.pdbx_signal_software_id                        ? 
# 
_reflns_shell.d_res_high                                    1.46 
_reflns_shell.d_res_low                                     1.48 
_reflns_shell.meanI_over_sigI_all                           ? 
_reflns_shell.meanI_over_sigI_obs                           ? 
_reflns_shell.number_measured_all                           ? 
_reflns_shell.number_measured_obs                           ? 
_reflns_shell.number_possible                               ? 
_reflns_shell.number_unique_all                             ? 
_reflns_shell.number_unique_obs                             542 
_reflns_shell.percent_possible_obs                          ? 
_reflns_shell.Rmerge_F_all                                  ? 
_reflns_shell.Rmerge_F_obs                                  ? 
_reflns_shell.meanI_over_sigI_gt                            ? 
_reflns_shell.meanI_over_uI_all                             ? 
_reflns_shell.meanI_over_uI_gt                              ? 
_reflns_shell.number_measured_gt                            ? 
_reflns_shell.number_unique_gt                              ? 
_reflns_shell.percent_possible_gt                           ? 
_reflns_shell.Rmerge_F_gt                                   ? 
_reflns_shell.Rmerge_I_gt                                   ? 
_reflns_shell.pdbx_redundancy                               ? 
_reflns_shell.pdbx_chi_squared                              ? 
_reflns_shell.pdbx_netI_over_sigmaI_all                     ? 
_reflns_shell.pdbx_netI_over_sigmaI_obs                     ? 
_reflns_shell.pdbx_Rrim_I_all                               ? 
_reflns_shell.pdbx_Rpim_I_all                               ? 
_reflns_shell.pdbx_rejects                                  ? 
_reflns_shell.pdbx_ordinal                                  1 
_reflns_shell.pdbx_diffrn_id                                1 
_reflns_shell.pdbx_CC_half                                  0.498 
_reflns_shell.pdbx_CC_star                                  ? 
_reflns_shell.pdbx_R_split                                  ? 
_reflns_shell.percent_possible_all                          ? 
_reflns_shell.Rmerge_I_all                                  ? 
_reflns_shell.Rmerge_I_obs                                  ? 
_reflns_shell.pdbx_Rsym_value                               ? 
_reflns_shell.pdbx_percent_possible_ellipsoidal             ? 
_reflns_shell.pdbx_percent_possible_spherical               ? 
_reflns_shell.pdbx_percent_possible_ellipsoidal_anomalous   ? 
_reflns_shell.pdbx_percent_possible_spherical_anomalous     ? 
_reflns_shell.pdbx_redundancy_anomalous                     ? 
_reflns_shell.pdbx_CC_half_anomalous                        ? 
_reflns_shell.pdbx_absDiff_over_sigma_anomalous             ? 
_reflns_shell.pdbx_percent_possible_anomalous               ? 
# 
_refine.aniso_B[1][1]                            -0.100 
_refine.aniso_B[1][2]                            0.000 
_refine.aniso_B[1][3]                            0.000 
_refine.aniso_B[2][2]                            -0.100 
_refine.aniso_B[2][3]                            0.000 
_refine.aniso_B[3][3]                            0.199 
_refine.B_iso_max                                ? 
_refine.B_iso_mean                               27.496 
_refine.B_iso_min                                ? 
_refine.correlation_coeff_Fo_to_Fc               0.954 
_refine.correlation_coeff_Fo_to_Fc_free          0.920 
_refine.details                                  'Hydrogens have been added in their riding positions' 
_refine.diff_density_max                         ? 
_refine.diff_density_max_esd                     ? 
_refine.diff_density_min                         ? 
_refine.diff_density_min_esd                     ? 
_refine.diff_density_rms                         ? 
_refine.diff_density_rms_esd                     ? 
_refine.entry_id                                 9RBG 
_refine.pdbx_refine_id                           'X-RAY DIFFRACTION' 
_refine.ls_abs_structure_details                 ? 
_refine.ls_abs_structure_Flack                   ? 
_refine.ls_abs_structure_Flack_esd               ? 
_refine.ls_abs_structure_Rogers                  ? 
_refine.ls_abs_structure_Rogers_esd              ? 
_refine.ls_d_res_high                            1.460 
_refine.ls_d_res_low                             55.586 
_refine.ls_extinction_coef                       ? 
_refine.ls_extinction_coef_esd                   ? 
_refine.ls_extinction_expression                 ? 
_refine.ls_extinction_method                     ? 
_refine.ls_goodness_of_fit_all                   ? 
_refine.ls_goodness_of_fit_all_esd               ? 
_refine.ls_goodness_of_fit_obs                   ? 
_refine.ls_goodness_of_fit_obs_esd               ? 
_refine.ls_hydrogen_treatment                    ? 
_refine.ls_matrix_type                           ? 
_refine.ls_number_constraints                    ? 
_refine.ls_number_parameters                     ? 
_refine.ls_number_reflns_all                     ? 
_refine.ls_number_reflns_obs                     16454 
_refine.ls_number_reflns_R_free                  807 
_refine.ls_number_reflns_R_work                  15647 
_refine.ls_number_restraints                     ? 
_refine.ls_percent_reflns_obs                    82.389 
_refine.ls_percent_reflns_R_free                 4.905 
_refine.ls_R_factor_all                          0.242 
_refine.ls_R_factor_obs                          ? 
_refine.ls_R_factor_R_free                       0.3124 
_refine.ls_R_factor_R_free_error                 ? 
_refine.ls_R_factor_R_free_error_details         ? 
_refine.ls_R_factor_R_work                       0.2388 
_refine.ls_R_Fsqd_factor_obs                     ? 
_refine.ls_R_I_factor_obs                        ? 
_refine.ls_redundancy_reflns_all                 ? 
_refine.ls_redundancy_reflns_obs                 ? 
_refine.ls_restrained_S_all                      ? 
_refine.ls_restrained_S_obs                      ? 
_refine.ls_shift_over_esd_max                    ? 
_refine.ls_shift_over_esd_mean                   ? 
_refine.ls_structure_factor_coef                 ? 
_refine.ls_weighting_details                     ? 
_refine.ls_weighting_scheme                      ? 
_refine.ls_wR_factor_all                         ? 
_refine.ls_wR_factor_obs                         ? 
_refine.ls_wR_factor_R_free                      ? 
_refine.ls_wR_factor_R_work                      ? 
_refine.occupancy_max                            ? 
_refine.occupancy_min                            ? 
_refine.solvent_model_details                    'MASK BULK SOLVENT' 
_refine.solvent_model_param_bsol                 ? 
_refine.solvent_model_param_ksol                 ? 
_refine.correlation_coeff_I_to_Fcsqd_work        ? 
_refine.correlation_coeff_I_to_Fcsqd_free        ? 
_refine.pdbx_R_complete                          ? 
_refine.ls_R_factor_gt                           ? 
_refine.ls_goodness_of_fit_gt                    ? 
_refine.ls_goodness_of_fit_ref                   ? 
_refine.ls_shift_over_su_max                     ? 
_refine.ls_shift_over_su_max_lt                  ? 
_refine.ls_shift_over_su_mean                    ? 
_refine.ls_shift_over_su_mean_lt                 ? 
_refine.pdbx_ls_sigma_I                          ? 
_refine.pdbx_ls_sigma_F                          ? 
_refine.pdbx_ls_sigma_Fsqd                       ? 
_refine.pdbx_data_cutoff_high_absF               ? 
_refine.pdbx_data_cutoff_high_rms_absF           ? 
_refine.pdbx_data_cutoff_low_absF                ? 
_refine.pdbx_isotropic_thermal_model             ? 
_refine.pdbx_ls_cross_valid_method               'FREE R-VALUE' 
_refine.pdbx_method_to_determine_struct          'MOLECULAR REPLACEMENT' 
_refine.pdbx_starting_model                      ? 
_refine.pdbx_stereochemistry_target_values       ? 
_refine.pdbx_R_Free_selection_details            ? 
_refine.pdbx_stereochem_target_val_spec_case     ? 
_refine.pdbx_overall_ESU_R                       0.125 
_refine.pdbx_overall_ESU_R_Free                  0.137 
_refine.pdbx_solvent_vdw_probe_radii             1.200 
_refine.pdbx_solvent_ion_probe_radii             0.800 
_refine.pdbx_solvent_shrinkage_radii             0.800 
_refine.pdbx_real_space_R                        ? 
_refine.pdbx_density_correlation                 ? 
_refine.pdbx_pd_number_of_powder_patterns        ? 
_refine.pdbx_pd_number_of_points                 ? 
_refine.pdbx_pd_meas_number_of_points            ? 
_refine.pdbx_pd_proc_ls_prof_R_factor            ? 
_refine.pdbx_pd_proc_ls_prof_wR_factor           ? 
_refine.pdbx_pd_Marquardt_correlation_coeff      ? 
_refine.pdbx_pd_Fsqrd_R_factor                   ? 
_refine.pdbx_pd_ls_matrix_band_width             ? 
_refine.pdbx_overall_phase_error                 ? 
_refine.pdbx_overall_SU_R_free_Cruickshank_DPI   ? 
_refine.pdbx_overall_SU_R_free_Blow_DPI          ? 
_refine.pdbx_overall_SU_R_Blow_DPI               ? 
_refine.pdbx_TLS_residual_ADP_flag               ? 
_refine.pdbx_diffrn_id                           1 
_refine.overall_SU_B                             2.558 
_refine.overall_SU_ML                            0.097 
_refine.overall_SU_R_Cruickshank_DPI             ? 
_refine.overall_SU_R_free                        ? 
_refine.overall_FOM_free_R_set                   ? 
_refine.overall_FOM_work_R_set                   ? 
_refine.pdbx_average_fsc_overall                 ? 
_refine.pdbx_average_fsc_work                    ? 
_refine.pdbx_average_fsc_free                    ? 
# 
_refine_hist.pdbx_refine_id                   'X-RAY DIFFRACTION' 
_refine_hist.cycle_id                         LAST 
_refine_hist.pdbx_number_atoms_protein        1001 
_refine_hist.pdbx_number_atoms_nucleic_acid   0 
_refine_hist.pdbx_number_atoms_ligand         38 
_refine_hist.number_atoms_solvent             75 
_refine_hist.number_atoms_total               1114 
_refine_hist.d_res_high                       1.460 
_refine_hist.d_res_low                        55.586 
# 
loop_
_refine_ls_restr.pdbx_refine_id 
_refine_ls_restr.criterion 
_refine_ls_restr.dev_ideal 
_refine_ls_restr.dev_ideal_target 
_refine_ls_restr.number 
_refine_ls_restr.rejects 
_refine_ls_restr.type 
_refine_ls_restr.weight 
_refine_ls_restr.pdbx_Zscore 
_refine_ls_restr.pdbx_restraint_function 
'X-RAY DIFFRACTION' ? 0.011  0.013  1153 ? r_bond_refined_d               ? ? ? 
'X-RAY DIFFRACTION' ? 0.001  0.014  1029 ? r_bond_other_d                 ? ? ? 
'X-RAY DIFFRACTION' ? 0.000  0.010  1    ? r_ext_dist_refined_d           ? ? ? 
'X-RAY DIFFRACTION' ? 1.900  1.697  1583 ? r_angle_refined_deg            ? ? ? 
'X-RAY DIFFRACTION' ? 1.448  1.599  2352 ? r_angle_other_deg              ? ? ? 
'X-RAY DIFFRACTION' ? 7.399  5.000  142  ? r_dihedral_angle_1_deg         ? ? ? 
'X-RAY DIFFRACTION' ? 31.125 20.143 70   ? r_dihedral_angle_2_deg         ? ? ? 
'X-RAY DIFFRACTION' ? 16.680 15.000 191  ? r_dihedral_angle_3_deg         ? ? ? 
'X-RAY DIFFRACTION' ? 23.223 15.000 14   ? r_dihedral_angle_4_deg         ? ? ? 
'X-RAY DIFFRACTION' ? 0.079  0.200  139  ? r_chiral_restr                 ? ? ? 
'X-RAY DIFFRACTION' ? 0.008  0.020  1339 ? r_gen_planes_refined           ? ? ? 
'X-RAY DIFFRACTION' ? 0.002  0.020  313  ? r_gen_planes_other             ? ? ? 
'X-RAY DIFFRACTION' ? 0.250  0.200  291  ? r_nbd_refined                  ? ? ? 
'X-RAY DIFFRACTION' ? 0.205  0.200  993  ? r_symmetry_nbd_other           ? ? ? 
'X-RAY DIFFRACTION' ? 0.164  0.200  554  ? r_nbtor_refined                ? ? ? 
'X-RAY DIFFRACTION' ? 0.080  0.200  490  ? r_symmetry_nbtor_other         ? ? ? 
'X-RAY DIFFRACTION' ? 0.185  0.200  48   ? r_xyhbond_nbd_refined          ? ? ? 
'X-RAY DIFFRACTION' ? 0.160  0.200  4    ? r_metal_ion_refined            ? ? ? 
'X-RAY DIFFRACTION' ? 0.232  0.200  24   ? r_symmetry_nbd_refined         ? ? ? 
'X-RAY DIFFRACTION' ? 0.190  0.200  56   ? r_nbd_other                    ? ? ? 
'X-RAY DIFFRACTION' ? 0.137  0.200  20   ? r_symmetry_xyhbond_nbd_refined ? ? ? 
'X-RAY DIFFRACTION' ? 0.063  0.200  1    ? r_xyhbond_nbd_other            ? ? ? 
'X-RAY DIFFRACTION' ? 2.312  2.698  550  ? r_mcbond_it                    ? ? ? 
'X-RAY DIFFRACTION' ? 2.285  2.688  549  ? r_mcbond_other                 ? ? ? 
'X-RAY DIFFRACTION' ? 3.280  4.040  698  ? r_mcangle_it                   ? ? ? 
'X-RAY DIFFRACTION' ? 3.290  4.049  699  ? r_mcangle_other                ? ? ? 
'X-RAY DIFFRACTION' ? 2.835  3.123  603  ? r_scbond_it                    ? ? ? 
'X-RAY DIFFRACTION' ? 2.587  2.988  560  ? r_scbond_other                 ? ? ? 
'X-RAY DIFFRACTION' ? 4.189  4.552  872  ? r_scangle_it                   ? ? ? 
'X-RAY DIFFRACTION' ? 4.082  4.386  818  ? r_scangle_other                ? ? ? 
'X-RAY DIFFRACTION' ? 6.270  32.589 1380 ? r_lrange_it                    ? ? ? 
'X-RAY DIFFRACTION' ? 6.205  32.198 1364 ? r_lrange_other                 ? ? ? 
# 
loop_
_refine_ls_shell.pdbx_refine_id 
_refine_ls_shell.d_res_high 
_refine_ls_shell.d_res_low 
_refine_ls_shell.number_reflns_all 
_refine_ls_shell.number_reflns_obs 
_refine_ls_shell.number_reflns_R_free 
_refine_ls_shell.number_reflns_R_work 
_refine_ls_shell.percent_reflns_obs 
_refine_ls_shell.percent_reflns_R_free 
_refine_ls_shell.R_factor_all 
_refine_ls_shell.R_factor_obs 
_refine_ls_shell.R_factor_R_free_error 
_refine_ls_shell.R_factor_R_work 
_refine_ls_shell.redundancy_reflns_all 
_refine_ls_shell.redundancy_reflns_obs 
_refine_ls_shell.wR_factor_all 
_refine_ls_shell.wR_factor_obs 
_refine_ls_shell.wR_factor_R_free 
_refine_ls_shell.wR_factor_R_work 
_refine_ls_shell.pdbx_R_complete 
_refine_ls_shell.correlation_coeff_Fo_to_Fc 
_refine_ls_shell.correlation_coeff_Fo_to_Fc_free 
_refine_ls_shell.correlation_coeff_I_to_Fcsqd_work 
_refine_ls_shell.correlation_coeff_I_to_Fcsqd_free 
_refine_ls_shell.pdbx_total_number_of_bins_used 
_refine_ls_shell.pdbx_phase_error 
_refine_ls_shell.pdbx_fsc_work 
_refine_ls_shell.pdbx_fsc_free 
_refine_ls_shell.R_factor_R_free 
'X-RAY DIFFRACTION' 1.460 1.498  1445 . 30 522  38.2007  . 0.343 . . 0.341 . . . . . 0.333 . . . . . 20 . 0.754 0.751 0.376 
'X-RAY DIFFRACTION' 1.498 1.539  1416 . 49 768  57.6977  . 0.291 . . 0.289 . . . . . 0.267 . . . . . 20 . 0.836 0.848 0.322 
'X-RAY DIFFRACTION' 1.539 1.583  1364 . 53 975  75.3666  . 0.284 . . 0.282 . . . . . 0.251 . . . . . 20 . 0.863 0.871 0.319 
'X-RAY DIFFRACTION' 1.583 1.632  1335 . 39 1044 81.1236  . 0.301 . . 0.301 . . . . . 0.265 . . . . . 20 . 0.831 0.855 0.297 
'X-RAY DIFFRACTION' 1.632 1.686  1290 . 50 1100 89.1473  . 0.330 . . 0.326 . . . . . 0.274 . . . . . 20 . 0.759 0.708 0.421 
'X-RAY DIFFRACTION' 1.686 1.745  1257 . 55 1007 84.4869  . 0.310 . . 0.307 . . . . . 0.258 . . . . . 20 . 0.830 0.802 0.375 
'X-RAY DIFFRACTION' 1.745 1.811  1215 . 58 1099 95.2263  . 0.331 . . 0.329 . . . . . 0.265 . . . . . 20 . 0.805 0.768 0.364 
'X-RAY DIFFRACTION' 1.811 1.884  1183 . 55 952  85.1226  . 0.321 . . 0.313 . . . . . 0.256 . . . . . 20 . 0.828 0.766 0.444 
'X-RAY DIFFRACTION' 1.884 1.968  1116 . 33 776  72.4910  . 0.306 . . 0.299 . . . . . 0.249 . . . . . 20 . 0.847 0.810 0.478 
'X-RAY DIFFRACTION' 1.968 2.064  1070 . 67 909  91.2150  . 0.285 . . 0.279 . . . . . 0.243 . . . . . 20 . 0.874 0.844 0.374 
'X-RAY DIFFRACTION' 2.064 2.176  1027 . 46 910  93.0867  . 0.275 . . 0.271 . . . . . 0.248 . . . . . 20 . 0.893 0.847 0.354 
'X-RAY DIFFRACTION' 2.176 2.307  982  . 38 832  88.5947  . 0.264 . . 0.262 . . . . . 0.247 . . . . . 20 . 0.896 0.884 0.299 
'X-RAY DIFFRACTION' 2.307 2.466  930  . 31 886  98.6021  . 0.258 . . 0.255 . . . . . 0.252 . . . . . 20 . 0.893 0.843 0.340 
'X-RAY DIFFRACTION' 2.466 2.663  855  . 45 745  92.3977  . 0.253 . . 0.246 . . . . . 0.246 . . . . . 20 . 0.895 0.857 0.360 
'X-RAY DIFFRACTION' 2.663 2.917  803  . 31 746  96.7621  . 0.232 . . 0.230 . . . . . 0.249 . . . . . 20 . 0.913 0.871 0.296 
'X-RAY DIFFRACTION' 2.917 3.260  736  . 38 690  98.9130  . 0.212 . . 0.210 . . . . . 0.242 . . . . . 20 . 0.942 0.913 0.258 
'X-RAY DIFFRACTION' 3.260 3.762  647  . 26 510  82.8439  . 0.207 . . 0.205 . . . . . 0.229 . . . . . 20 . 0.957 0.916 0.269 
'X-RAY DIFFRACTION' 3.762 4.603  564  . 27 484  90.6028  . 0.170 . . 0.168 . . . . . 0.211 . . . . . 20 . 0.970 0.955 0.214 
'X-RAY DIFFRACTION' 4.603 6.487  450  . 25 425  100.0000 . 0.226 . . 0.222 . . . . . 0.277 . . . . . 20 . 0.953 0.943 0.287 
'X-RAY DIFFRACTION' 6.487 55.586 283  . 11 266  97.8799  . 0.249 . . 0.245 . . . . . 0.305 . . . . . 20 . 0.944 0.924 0.359 
# 
_struct.entry_id                     9RBG 
_struct.title                        
'X-ray structure of decavanadate/lysozyme adduct obtained when the protein is treated with Cs2[V(V)2O4(mal)2]2H2O (structure A)' 
_struct.pdbx_model_details           ? 
_struct.pdbx_formula_weight          ? 
_struct.pdbx_formula_weight_method   ? 
_struct.pdbx_model_type_details      ? 
_struct.pdbx_CASP_flag               N 
# 
_struct_keywords.entry_id        9RBG 
_struct_keywords.text            'Vanadium compounds, decavanadate, lysozyme, protein metalation, HYDROLASE' 
_struct_keywords.pdbx_keywords   HYDROLASE 
# 
loop_
_struct_asym.id 
_struct_asym.pdbx_blank_PDB_chainid_flag 
_struct_asym.pdbx_modified 
_struct_asym.entity_id 
_struct_asym.details 
A N N 1 ? 
B N N 2 ? 
C N N 3 ? 
D N N 4 ? 
E N N 5 ? 
F N N 6 ? 
G N N 7 ? 
# 
_struct_ref.id                         1 
_struct_ref.db_name                    UNP 
_struct_ref.db_code                    LYSC_CHICK 
_struct_ref.pdbx_db_accession          P00698 
_struct_ref.pdbx_db_isoform            ? 
_struct_ref.entity_id                  1 
_struct_ref.pdbx_seq_one_letter_code   
;KVFGRCELAAAMKRHGLDNYRGYSLGNWVCAAKFESNFNTQATNRNTDGSTDYGILQINSRWWCNDGRTPGSRNLCNIPC
SALLSSDITASVNCAKKIVSDGNGMNAWVAWRNRCKGTDVQAWIRGCRL
;
_struct_ref.pdbx_align_begin           19 
# 
_struct_ref_seq.align_id                      1 
_struct_ref_seq.ref_id                        1 
_struct_ref_seq.pdbx_PDB_id_code              9RBG 
_struct_ref_seq.pdbx_strand_id                AAA 
_struct_ref_seq.seq_align_beg                 1 
_struct_ref_seq.pdbx_seq_align_beg_ins_code   ? 
_struct_ref_seq.seq_align_end                 129 
_struct_ref_seq.pdbx_seq_align_end_ins_code   ? 
_struct_ref_seq.pdbx_db_accession             P00698 
_struct_ref_seq.db_align_beg                  19 
_struct_ref_seq.pdbx_db_align_beg_ins_code    ? 
_struct_ref_seq.db_align_end                  147 
_struct_ref_seq.pdbx_db_align_end_ins_code    ? 
_struct_ref_seq.pdbx_auth_seq_align_beg       1 
_struct_ref_seq.pdbx_auth_seq_align_end       129 
# 
_pdbx_struct_assembly.id                   1 
_pdbx_struct_assembly.details              author_and_software_defined_assembly 
_pdbx_struct_assembly.method_details       PISA 
_pdbx_struct_assembly.oligomeric_details   monomeric 
_pdbx_struct_assembly.oligomeric_count     1 
# 
_pdbx_struct_assembly_gen.assembly_id       1 
_pdbx_struct_assembly_gen.oper_expression   1 
_pdbx_struct_assembly_gen.asym_id_list      A,B,C,D,E,F,G 
# 
_pdbx_struct_assembly_auth_evidence.id                     1 
_pdbx_struct_assembly_auth_evidence.assembly_id            1 
_pdbx_struct_assembly_auth_evidence.experimental_support   none 
_pdbx_struct_assembly_auth_evidence.details                ? 
# 
_pdbx_struct_oper_list.id                   1 
_pdbx_struct_oper_list.type                 'identity operation' 
_pdbx_struct_oper_list.name                 1_555 
_pdbx_struct_oper_list.symmetry_operation   x,y,z 
_pdbx_struct_oper_list.matrix[1][1]         1.0 
_pdbx_struct_oper_list.matrix[1][2]         0.0 
_pdbx_struct_oper_list.matrix[1][3]         0.0 
_pdbx_struct_oper_list.vector[1]            0.0 
_pdbx_struct_oper_list.matrix[2][1]         0.0 
_pdbx_struct_oper_list.matrix[2][2]         1.0 
_pdbx_struct_oper_list.matrix[2][3]         0.0 
_pdbx_struct_oper_list.vector[2]            0.0 
_pdbx_struct_oper_list.matrix[3][1]         0.0 
_pdbx_struct_oper_list.matrix[3][2]         0.0 
_pdbx_struct_oper_list.matrix[3][3]         1.0 
_pdbx_struct_oper_list.vector[3]            0.0 
# 
loop_
_struct_conf.conf_type_id 
_struct_conf.id 
_struct_conf.pdbx_PDB_helix_id 
_struct_conf.beg_label_comp_id 
_struct_conf.beg_label_asym_id 
_struct_conf.beg_label_seq_id 
_struct_conf.pdbx_beg_PDB_ins_code 
_struct_conf.end_label_comp_id 
_struct_conf.end_label_asym_id 
_struct_conf.end_label_seq_id 
_struct_conf.pdbx_end_PDB_ins_code 
_struct_conf.beg_auth_comp_id 
_struct_conf.beg_auth_asym_id 
_struct_conf.beg_auth_seq_id 
_struct_conf.end_auth_comp_id 
_struct_conf.end_auth_asym_id 
_struct_conf.end_auth_seq_id 
_struct_conf.pdbx_PDB_helix_class 
_struct_conf.details 
_struct_conf.pdbx_PDB_helix_length 
HELX_P HELX_P1 AA1 GLY A 4   ? HIS A 15  ? GLY AAA 4   HIS AAA 15  1 ? 12 
HELX_P HELX_P2 AA2 ASN A 19  ? TYR A 23  ? ASN AAA 19  TYR AAA 23  5 ? 5  
HELX_P HELX_P3 AA3 SER A 24  ? ASN A 37  ? SER AAA 24  ASN AAA 37  1 ? 14 
HELX_P HELX_P4 AA4 PRO A 79  ? SER A 85  ? PRO AAA 79  SER AAA 85  5 ? 7  
HELX_P HELX_P5 AA5 ILE A 88  ? SER A 100 ? ILE AAA 88  SER AAA 100 1 ? 13 
HELX_P HELX_P6 AA6 ASN A 103 ? ALA A 107 ? ASN AAA 103 ALA AAA 107 5 ? 5  
HELX_P HELX_P7 AA7 TRP A 108 ? CYS A 115 ? TRP AAA 108 CYS AAA 115 1 ? 8  
HELX_P HELX_P8 AA8 ASP A 119 ? ARG A 125 ? ASP AAA 119 ARG AAA 125 5 ? 7  
# 
_struct_conf_type.id          HELX_P 
_struct_conf_type.criteria    ? 
_struct_conf_type.reference   ? 
# 
loop_
_struct_conn.id 
_struct_conn.conn_type_id 
_struct_conn.pdbx_leaving_atom_flag 
_struct_conn.pdbx_PDB_id 
_struct_conn.ptnr1_label_asym_id 
_struct_conn.ptnr1_label_comp_id 
_struct_conn.ptnr1_label_seq_id 
_struct_conn.ptnr1_label_atom_id 
_struct_conn.pdbx_ptnr1_label_alt_id 
_struct_conn.pdbx_ptnr1_PDB_ins_code 
_struct_conn.pdbx_ptnr1_standard_comp_id 
_struct_conn.ptnr1_symmetry 
_struct_conn.ptnr2_label_asym_id 
_struct_conn.ptnr2_label_comp_id 
_struct_conn.ptnr2_label_seq_id 
_struct_conn.ptnr2_label_atom_id 
_struct_conn.pdbx_ptnr2_label_alt_id 
_struct_conn.pdbx_ptnr2_PDB_ins_code 
_struct_conn.ptnr1_auth_asym_id 
_struct_conn.ptnr1_auth_comp_id 
_struct_conn.ptnr1_auth_seq_id 
_struct_conn.ptnr2_auth_asym_id 
_struct_conn.ptnr2_auth_comp_id 
_struct_conn.ptnr2_auth_seq_id 
_struct_conn.ptnr2_symmetry 
_struct_conn.pdbx_ptnr3_label_atom_id 
_struct_conn.pdbx_ptnr3_label_seq_id 
_struct_conn.pdbx_ptnr3_label_comp_id 
_struct_conn.pdbx_ptnr3_label_asym_id 
_struct_conn.pdbx_ptnr3_label_alt_id 
_struct_conn.pdbx_ptnr3_PDB_ins_code 
_struct_conn.details 
_struct_conn.pdbx_dist_value 
_struct_conn.pdbx_value_order 
_struct_conn.pdbx_role 
disulf1 disulf ? ? A CYS 6  SG  ? ? ? 1_555 A CYS 127 SG  ? ? AAA CYS 6   AAA CYS 127 1_555 ? ? ? ? ? ? ? 2.033 ? ? 
disulf2 disulf ? ? A CYS 30 SG  ? ? ? 1_555 A CYS 115 SG  ? ? AAA CYS 30  AAA CYS 115 1_555 ? ? ? ? ? ? ? 2.039 ? ? 
disulf3 disulf ? ? A CYS 64 SG  ? ? ? 1_555 A CYS 80  SG  ? ? AAA CYS 64  AAA CYS 80  1_555 ? ? ? ? ? ? ? 2.082 ? ? 
disulf4 disulf ? ? A CYS 76 SG  ? ? ? 1_555 A CYS 94  SG  ? ? AAA CYS 76  AAA CYS 94  1_555 ? ? ? ? ? ? ? 2.056 ? ? 
metalc1 metalc ? ? A GLU 7  OE2 B ? ? 1_555 D DVT .   V10 B ? AAA GLU 7   AAA DVT 203 1_555 ? ? ? ? ? ? ? 1.718 ? ? 
metalc2 metalc ? ? A ASP 18 OD1 ? ? ? 1_555 F VVO .   V1  ? ? AAA ASP 18  AAA VVO 205 1_555 ? ? ? ? ? ? ? 1.928 ? ? 
metalc3 metalc ? ? A SER 60 O   ? ? ? 1_555 C NA  .   NA  ? ? AAA SER 60  AAA NA  202 1_555 ? ? ? ? ? ? ? 2.291 ? ? 
metalc4 metalc ? ? A CYS 64 O   ? ? ? 1_555 C NA  .   NA  ? ? AAA CYS 64  AAA NA  202 1_555 ? ? ? ? ? ? ? 2.461 ? ? 
metalc5 metalc ? ? A SER 72 OG  ? ? ? 1_555 C NA  .   NA  ? ? AAA SER 72  AAA NA  202 1_555 ? ? ? ? ? ? ? 2.464 ? ? 
metalc6 metalc ? ? A ARG 73 O   ? ? ? 1_555 C NA  .   NA  ? ? AAA ARG 73  AAA NA  202 1_555 ? ? ? ? ? ? ? 2.621 ? ? 
metalc7 metalc ? ? C NA  .  NA  ? ? ? 1_555 G HOH .   O   ? ? AAA NA  202 AAA HOH 316 1_555 ? ? ? ? ? ? ? 2.497 ? ? 
metalc8 metalc ? ? C NA  .  NA  ? ? ? 1_555 G HOH .   O   ? ? AAA NA  202 AAA HOH 351 1_555 ? ? ? ? ? ? ? 2.240 ? ? 
# 
loop_
_struct_conn_type.id 
_struct_conn_type.criteria 
_struct_conn_type.reference 
disulf ? ? 
metalc ? ? 
# 
loop_
_pdbx_struct_conn_angle.id 
_pdbx_struct_conn_angle.ptnr1_label_atom_id 
_pdbx_struct_conn_angle.ptnr1_label_alt_id 
_pdbx_struct_conn_angle.ptnr1_label_asym_id 
_pdbx_struct_conn_angle.ptnr1_label_comp_id 
_pdbx_struct_conn_angle.ptnr1_label_seq_id 
_pdbx_struct_conn_angle.ptnr1_auth_atom_id 
_pdbx_struct_conn_angle.ptnr1_auth_asym_id 
_pdbx_struct_conn_angle.ptnr1_auth_comp_id 
_pdbx_struct_conn_angle.ptnr1_auth_seq_id 
_pdbx_struct_conn_angle.ptnr1_PDB_ins_code 
_pdbx_struct_conn_angle.ptnr1_symmetry 
_pdbx_struct_conn_angle.ptnr2_label_atom_id 
_pdbx_struct_conn_angle.ptnr2_label_alt_id 
_pdbx_struct_conn_angle.ptnr2_label_asym_id 
_pdbx_struct_conn_angle.ptnr2_label_comp_id 
_pdbx_struct_conn_angle.ptnr2_label_seq_id 
_pdbx_struct_conn_angle.ptnr2_auth_atom_id 
_pdbx_struct_conn_angle.ptnr2_auth_asym_id 
_pdbx_struct_conn_angle.ptnr2_auth_comp_id 
_pdbx_struct_conn_angle.ptnr2_auth_seq_id 
_pdbx_struct_conn_angle.ptnr2_PDB_ins_code 
_pdbx_struct_conn_angle.ptnr2_symmetry 
_pdbx_struct_conn_angle.ptnr3_label_atom_id 
_pdbx_struct_conn_angle.ptnr3_label_alt_id 
_pdbx_struct_conn_angle.ptnr3_label_asym_id 
_pdbx_struct_conn_angle.ptnr3_label_comp_id 
_pdbx_struct_conn_angle.ptnr3_label_seq_id 
_pdbx_struct_conn_angle.ptnr3_auth_atom_id 
_pdbx_struct_conn_angle.ptnr3_auth_asym_id 
_pdbx_struct_conn_angle.ptnr3_auth_comp_id 
_pdbx_struct_conn_angle.ptnr3_auth_seq_id 
_pdbx_struct_conn_angle.ptnr3_PDB_ins_code 
_pdbx_struct_conn_angle.ptnr3_symmetry 
_pdbx_struct_conn_angle.value 
_pdbx_struct_conn_angle.value_esd 
1  OE2 B A GLU 7  ? AAA GLU 7   ? 1_555 V10 B D DVT . ? AAA DVT 203 ? 1_555 O18 B D DVT .  ? AAA DVT 203 ? 1_555 97.1  ? 
2  OE2 B A GLU 7  ? AAA GLU 7   ? 1_555 V10 B D DVT . ? AAA DVT 203 ? 1_555 O15 B D DVT .  ? AAA DVT 203 ? 1_555 99.5  ? 
3  O18 B D DVT .  ? AAA DVT 203 ? 1_555 V10 B D DVT . ? AAA DVT 203 ? 1_555 O15 B D DVT .  ? AAA DVT 203 ? 1_555 87.2  ? 
4  OE2 B A GLU 7  ? AAA GLU 7   ? 1_555 V10 B D DVT . ? AAA DVT 203 ? 1_555 O27 B D DVT .  ? AAA DVT 203 ? 1_555 98.5  ? 
5  O18 B D DVT .  ? AAA DVT 203 ? 1_555 V10 B D DVT . ? AAA DVT 203 ? 1_555 O27 B D DVT .  ? AAA DVT 203 ? 1_555 164.4 ? 
6  O15 B D DVT .  ? AAA DVT 203 ? 1_555 V10 B D DVT . ? AAA DVT 203 ? 1_555 O27 B D DVT .  ? AAA DVT 203 ? 1_555 90.0  ? 
7  OE2 B A GLU 7  ? AAA GLU 7   ? 1_555 V10 B D DVT . ? AAA DVT 203 ? 1_555 O2  B D DVT .  ? AAA DVT 203 ? 1_555 175.9 ? 
8  O18 B D DVT .  ? AAA DVT 203 ? 1_555 V10 B D DVT . ? AAA DVT 203 ? 1_555 O2  B D DVT .  ? AAA DVT 203 ? 1_555 79.3  ? 
9  O15 B D DVT .  ? AAA DVT 203 ? 1_555 V10 B D DVT . ? AAA DVT 203 ? 1_555 O2  B D DVT .  ? AAA DVT 203 ? 1_555 78.5  ? 
10 O27 B D DVT .  ? AAA DVT 203 ? 1_555 V10 B D DVT . ? AAA DVT 203 ? 1_555 O2  B D DVT .  ? AAA DVT 203 ? 1_555 85.1  ? 
11 OD1 ? A ASP 18 ? AAA ASP 18  ? 1_555 V1  ? F VVO . ? AAA VVO 205 ? 1_555 O1  ? F VVO .  ? AAA VVO 205 ? 1_555 102.7 ? 
12 O   ? A SER 60 ? AAA SER 60  ? 1_555 NA  ? C NA  . ? AAA NA  202 ? 1_555 O   ? A CYS 64 ? AAA CYS 64  ? 1_555 87.7  ? 
13 O   ? A SER 60 ? AAA SER 60  ? 1_555 NA  ? C NA  . ? AAA NA  202 ? 1_555 OG  ? A SER 72 ? AAA SER 72  ? 1_555 93.8  ? 
14 O   ? A CYS 64 ? AAA CYS 64  ? 1_555 NA  ? C NA  . ? AAA NA  202 ? 1_555 OG  ? A SER 72 ? AAA SER 72  ? 1_555 168.8 ? 
15 O   ? A SER 60 ? AAA SER 60  ? 1_555 NA  ? C NA  . ? AAA NA  202 ? 1_555 O   ? A ARG 73 ? AAA ARG 73  ? 1_555 89.3  ? 
16 O   ? A CYS 64 ? AAA CYS 64  ? 1_555 NA  ? C NA  . ? AAA NA  202 ? 1_555 O   ? A ARG 73 ? AAA ARG 73  ? 1_555 95.8  ? 
17 OG  ? A SER 72 ? AAA SER 72  ? 1_555 NA  ? C NA  . ? AAA NA  202 ? 1_555 O   ? A ARG 73 ? AAA ARG 73  ? 1_555 95.2  ? 
18 O   ? A SER 60 ? AAA SER 60  ? 1_555 NA  ? C NA  . ? AAA NA  202 ? 1_555 O   ? G HOH .  ? AAA HOH 316 ? 1_555 103.3 ? 
19 O   ? A CYS 64 ? AAA CYS 64  ? 1_555 NA  ? C NA  . ? AAA NA  202 ? 1_555 O   ? G HOH .  ? AAA HOH 316 ? 1_555 86.9  ? 
20 OG  ? A SER 72 ? AAA SER 72  ? 1_555 NA  ? C NA  . ? AAA NA  202 ? 1_555 O   ? G HOH .  ? AAA HOH 316 ? 1_555 82.0  ? 
21 O   ? A ARG 73 ? AAA ARG 73  ? 1_555 NA  ? C NA  . ? AAA NA  202 ? 1_555 O   ? G HOH .  ? AAA HOH 316 ? 1_555 167.2 ? 
22 O   ? A SER 60 ? AAA SER 60  ? 1_555 NA  ? C NA  . ? AAA NA  202 ? 1_555 O   ? G HOH .  ? AAA HOH 351 ? 1_555 169.6 ? 
23 O   ? A CYS 64 ? AAA CYS 64  ? 1_555 NA  ? C NA  . ? AAA NA  202 ? 1_555 O   ? G HOH .  ? AAA HOH 351 ? 1_555 99.5  ? 
24 OG  ? A SER 72 ? AAA SER 72  ? 1_555 NA  ? C NA  . ? AAA NA  202 ? 1_555 O   ? G HOH .  ? AAA HOH 351 ? 1_555 80.5  ? 
25 O   ? A ARG 73 ? AAA ARG 73  ? 1_555 NA  ? C NA  . ? AAA NA  202 ? 1_555 O   ? G HOH .  ? AAA HOH 351 ? 1_555 82.6  ? 
26 O   ? G HOH .  ? AAA HOH 316 ? 1_555 NA  ? C NA  . ? AAA NA  202 ? 1_555 O   ? G HOH .  ? AAA HOH 351 ? 1_555 84.6  ? 
# 
loop_
_pdbx_modification_feature.ordinal 
_pdbx_modification_feature.label_comp_id 
_pdbx_modification_feature.label_asym_id 
_pdbx_modification_feature.label_seq_id 
_pdbx_modification_feature.label_alt_id 
_pdbx_modification_feature.modified_residue_label_comp_id 
_pdbx_modification_feature.modified_residue_label_asym_id 
_pdbx_modification_feature.modified_residue_label_seq_id 
_pdbx_modification_feature.modified_residue_label_alt_id 
_pdbx_modification_feature.auth_comp_id 
_pdbx_modification_feature.auth_asym_id 
_pdbx_modification_feature.auth_seq_id 
_pdbx_modification_feature.PDB_ins_code 
_pdbx_modification_feature.symmetry 
_pdbx_modification_feature.modified_residue_auth_comp_id 
_pdbx_modification_feature.modified_residue_auth_asym_id 
_pdbx_modification_feature.modified_residue_auth_seq_id 
_pdbx_modification_feature.modified_residue_PDB_ins_code 
_pdbx_modification_feature.modified_residue_symmetry 
_pdbx_modification_feature.comp_id_linking_atom 
_pdbx_modification_feature.modified_residue_id_linking_atom 
_pdbx_modification_feature.modified_residue_id 
_pdbx_modification_feature.ref_pcm_id 
_pdbx_modification_feature.ref_comp_id 
_pdbx_modification_feature.type 
_pdbx_modification_feature.category 
1 CYS A 6  ? CYS A 127 ? CYS AAA 6  ? 1_555 CYS AAA 127 ? 1_555 SG SG . . . None 'Disulfide bridge' 
2 CYS A 30 ? CYS A 115 ? CYS AAA 30 ? 1_555 CYS AAA 115 ? 1_555 SG SG . . . None 'Disulfide bridge' 
3 CYS A 64 ? CYS A 80  ? CYS AAA 64 ? 1_555 CYS AAA 80  ? 1_555 SG SG . . . None 'Disulfide bridge' 
4 CYS A 76 ? CYS A 94  ? CYS AAA 76 ? 1_555 CYS AAA 94  ? 1_555 SG SG . . . None 'Disulfide bridge' 
# 
_struct_sheet.id               AA1 
_struct_sheet.type             ? 
_struct_sheet.number_strands   3 
_struct_sheet.details          ? 
# 
loop_
_struct_sheet_order.sheet_id 
_struct_sheet_order.range_id_1 
_struct_sheet_order.range_id_2 
_struct_sheet_order.offset 
_struct_sheet_order.sense 
AA1 1 2 ? anti-parallel 
AA1 2 3 ? anti-parallel 
# 
loop_
_struct_sheet_range.sheet_id 
_struct_sheet_range.id 
_struct_sheet_range.beg_label_comp_id 
_struct_sheet_range.beg_label_asym_id 
_struct_sheet_range.beg_label_seq_id 
_struct_sheet_range.pdbx_beg_PDB_ins_code 
_struct_sheet_range.end_label_comp_id 
_struct_sheet_range.end_label_asym_id 
_struct_sheet_range.end_label_seq_id 
_struct_sheet_range.pdbx_end_PDB_ins_code 
_struct_sheet_range.beg_auth_comp_id 
_struct_sheet_range.beg_auth_asym_id 
_struct_sheet_range.beg_auth_seq_id 
_struct_sheet_range.end_auth_comp_id 
_struct_sheet_range.end_auth_asym_id 
_struct_sheet_range.end_auth_seq_id 
AA1 1 THR A 43 ? ARG A 45 ? THR AAA 43 ARG AAA 45 
AA1 2 THR A 51 ? TYR A 53 ? THR AAA 51 TYR AAA 53 
AA1 3 ILE A 58 ? ASN A 59 ? ILE AAA 58 ASN AAA 59 
# 
loop_
_pdbx_struct_sheet_hbond.sheet_id 
_pdbx_struct_sheet_hbond.range_id_1 
_pdbx_struct_sheet_hbond.range_id_2 
_pdbx_struct_sheet_hbond.range_1_label_atom_id 
_pdbx_struct_sheet_hbond.range_1_label_comp_id 
_pdbx_struct_sheet_hbond.range_1_label_asym_id 
_pdbx_struct_sheet_hbond.range_1_label_seq_id 
_pdbx_struct_sheet_hbond.range_1_PDB_ins_code 
_pdbx_struct_sheet_hbond.range_1_auth_atom_id 
_pdbx_struct_sheet_hbond.range_1_auth_comp_id 
_pdbx_struct_sheet_hbond.range_1_auth_asym_id 
_pdbx_struct_sheet_hbond.range_1_auth_seq_id 
_pdbx_struct_sheet_hbond.range_2_label_atom_id 
_pdbx_struct_sheet_hbond.range_2_label_comp_id 
_pdbx_struct_sheet_hbond.range_2_label_asym_id 
_pdbx_struct_sheet_hbond.range_2_label_seq_id 
_pdbx_struct_sheet_hbond.range_2_PDB_ins_code 
_pdbx_struct_sheet_hbond.range_2_auth_atom_id 
_pdbx_struct_sheet_hbond.range_2_auth_comp_id 
_pdbx_struct_sheet_hbond.range_2_auth_asym_id 
_pdbx_struct_sheet_hbond.range_2_auth_seq_id 
AA1 1 2 N ASN A 44 ? N ASN AAA 44 O ASP A 52 ? O ASP AAA 52 
AA1 2 3 N TYR A 53 ? N TYR AAA 53 O ILE A 58 ? O ILE AAA 58 
# 
_pdbx_entry_details.entry_id                   9RBG 
_pdbx_entry_details.nonpolymer_details         ? 
_pdbx_entry_details.sequence_details           ? 
_pdbx_entry_details.compound_details           ? 
_pdbx_entry_details.source_details             ? 
_pdbx_entry_details.has_ligand_of_interest     Y 
_pdbx_entry_details.has_protein_modification   Y 
# 
_pdbx_validate_close_contact.id               1 
_pdbx_validate_close_contact.PDB_model_num    1 
_pdbx_validate_close_contact.auth_atom_id_1   OD1 
_pdbx_validate_close_contact.auth_asym_id_1   AAA 
_pdbx_validate_close_contact.auth_comp_id_1   ASN 
_pdbx_validate_close_contact.auth_seq_id_1    65 
_pdbx_validate_close_contact.PDB_ins_code_1   ? 
_pdbx_validate_close_contact.label_alt_id_1   ? 
_pdbx_validate_close_contact.auth_atom_id_2   O10 
_pdbx_validate_close_contact.auth_asym_id_2   AAA 
_pdbx_validate_close_contact.auth_comp_id_2   A1JFD 
_pdbx_validate_close_contact.auth_seq_id_2    204 
_pdbx_validate_close_contact.PDB_ins_code_2   ? 
_pdbx_validate_close_contact.label_alt_id_2   ? 
_pdbx_validate_close_contact.dist             2.08 
# 
_pdbx_validate_symm_contact.id                1 
_pdbx_validate_symm_contact.PDB_model_num     1 
_pdbx_validate_symm_contact.auth_atom_id_1    O 
_pdbx_validate_symm_contact.auth_asym_id_1    AAA 
_pdbx_validate_symm_contact.auth_comp_id_1    HOH 
_pdbx_validate_symm_contact.auth_seq_id_1     375 
_pdbx_validate_symm_contact.PDB_ins_code_1    ? 
_pdbx_validate_symm_contact.label_alt_id_1    ? 
_pdbx_validate_symm_contact.site_symmetry_1   1_555 
_pdbx_validate_symm_contact.auth_atom_id_2    O 
_pdbx_validate_symm_contact.auth_asym_id_2    AAA 
_pdbx_validate_symm_contact.auth_comp_id_2    HOH 
_pdbx_validate_symm_contact.auth_seq_id_2     375 
_pdbx_validate_symm_contact.PDB_ins_code_2    ? 
_pdbx_validate_symm_contact.label_alt_id_2    ? 
_pdbx_validate_symm_contact.site_symmetry_2   8_554 
_pdbx_validate_symm_contact.dist              1.59 
# 
loop_
_pdbx_validate_torsion.id 
_pdbx_validate_torsion.PDB_model_num 
_pdbx_validate_torsion.auth_comp_id 
_pdbx_validate_torsion.auth_asym_id 
_pdbx_validate_torsion.auth_seq_id 
_pdbx_validate_torsion.PDB_ins_code 
_pdbx_validate_torsion.label_alt_id 
_pdbx_validate_torsion.phi 
_pdbx_validate_torsion.psi 
1 1 ARG AAA 68 ? A -157.02 34.04 
2 1 ARG AAA 68 ? B -148.53 31.05 
# 
_pdbx_validate_peptide_omega.id               1 
_pdbx_validate_peptide_omega.PDB_model_num    1 
_pdbx_validate_peptide_omega.auth_comp_id_1   TRP 
_pdbx_validate_peptide_omega.auth_asym_id_1   AAA 
_pdbx_validate_peptide_omega.auth_seq_id_1    62 
_pdbx_validate_peptide_omega.PDB_ins_code_1   ? 
_pdbx_validate_peptide_omega.label_alt_id_1   ? 
_pdbx_validate_peptide_omega.auth_comp_id_2   TRP 
_pdbx_validate_peptide_omega.auth_asym_id_2   AAA 
_pdbx_validate_peptide_omega.auth_seq_id_2    63 
_pdbx_validate_peptide_omega.PDB_ins_code_2   ? 
_pdbx_validate_peptide_omega.label_alt_id_2   ? 
_pdbx_validate_peptide_omega.omega            -146.40 
# 
loop_
_pdbx_struct_special_symmetry.id 
_pdbx_struct_special_symmetry.PDB_model_num 
_pdbx_struct_special_symmetry.auth_asym_id 
_pdbx_struct_special_symmetry.auth_comp_id 
_pdbx_struct_special_symmetry.auth_seq_id 
_pdbx_struct_special_symmetry.PDB_ins_code 
_pdbx_struct_special_symmetry.label_asym_id 
_pdbx_struct_special_symmetry.label_comp_id 
_pdbx_struct_special_symmetry.label_seq_id 
1 1 AAA HOH 315 ? G HOH . 
2 1 AAA HOH 334 ? G HOH . 
3 1 AAA HOH 344 ? G HOH . 
# 
_pdbx_distant_solvent_atoms.id                                1 
_pdbx_distant_solvent_atoms.PDB_model_num                     1 
_pdbx_distant_solvent_atoms.auth_atom_id                      O 
_pdbx_distant_solvent_atoms.label_alt_id                      ? 
_pdbx_distant_solvent_atoms.auth_asym_id                      AAA 
_pdbx_distant_solvent_atoms.auth_comp_id                      HOH 
_pdbx_distant_solvent_atoms.auth_seq_id                       375 
_pdbx_distant_solvent_atoms.PDB_ins_code                      ? 
_pdbx_distant_solvent_atoms.neighbor_macromolecule_distance   6.44 
_pdbx_distant_solvent_atoms.neighbor_ligand_distance          . 
# 
loop_
_chem_comp_atom.comp_id 
_chem_comp_atom.atom_id 
_chem_comp_atom.type_symbol 
_chem_comp_atom.pdbx_aromatic_flag 
_chem_comp_atom.pdbx_stereo_config 
_chem_comp_atom.pdbx_ordinal 
A1JFD V1   V  N N 1   
A1JFD C1   C  N N 2   
A1JFD C2   C  N S 3   
A1JFD C3   C  N N 4   
A1JFD C4   C  N N 5   
A1JFD O1   O  N N 6   
A1JFD O2   O  N N 7   
A1JFD O3   O  N N 8   
A1JFD O4   O  N N 9   
A1JFD O5   O  N N 10  
A1JFD O6   O  N N 11  
A1JFD O7   O  N N 12  
A1JFD V2   V  N N 13  
A1JFD O8   O  N N 14  
A1JFD O9   O  N N 15  
A1JFD O10  O  N N 16  
A1JFD H1   H  N N 17  
A1JFD H2   H  N N 18  
A1JFD H3   H  N N 19  
A1JFD H4   H  N N 20  
A1JFD H5   H  N N 21  
A1JFD H6   H  N N 22  
A1JFD H7   H  N N 23  
A1JFD H8   H  N N 24  
ALA   N    N  N N 25  
ALA   CA   C  N S 26  
ALA   C    C  N N 27  
ALA   O    O  N N 28  
ALA   CB   C  N N 29  
ALA   OXT  O  N N 30  
ALA   H    H  N N 31  
ALA   H2   H  N N 32  
ALA   HA   H  N N 33  
ALA   HB1  H  N N 34  
ALA   HB2  H  N N 35  
ALA   HB3  H  N N 36  
ALA   HXT  H  N N 37  
ARG   N    N  N N 38  
ARG   CA   C  N S 39  
ARG   C    C  N N 40  
ARG   O    O  N N 41  
ARG   CB   C  N N 42  
ARG   CG   C  N N 43  
ARG   CD   C  N N 44  
ARG   NE   N  N N 45  
ARG   CZ   C  N N 46  
ARG   NH1  N  N N 47  
ARG   NH2  N  N N 48  
ARG   OXT  O  N N 49  
ARG   H    H  N N 50  
ARG   H2   H  N N 51  
ARG   HA   H  N N 52  
ARG   HB2  H  N N 53  
ARG   HB3  H  N N 54  
ARG   HG2  H  N N 55  
ARG   HG3  H  N N 56  
ARG   HD2  H  N N 57  
ARG   HD3  H  N N 58  
ARG   HE   H  N N 59  
ARG   HH11 H  N N 60  
ARG   HH12 H  N N 61  
ARG   HH21 H  N N 62  
ARG   HH22 H  N N 63  
ARG   HXT  H  N N 64  
ASN   N    N  N N 65  
ASN   CA   C  N S 66  
ASN   C    C  N N 67  
ASN   O    O  N N 68  
ASN   CB   C  N N 69  
ASN   CG   C  N N 70  
ASN   OD1  O  N N 71  
ASN   ND2  N  N N 72  
ASN   OXT  O  N N 73  
ASN   H    H  N N 74  
ASN   H2   H  N N 75  
ASN   HA   H  N N 76  
ASN   HB2  H  N N 77  
ASN   HB3  H  N N 78  
ASN   HD21 H  N N 79  
ASN   HD22 H  N N 80  
ASN   HXT  H  N N 81  
ASP   N    N  N N 82  
ASP   CA   C  N S 83  
ASP   C    C  N N 84  
ASP   O    O  N N 85  
ASP   CB   C  N N 86  
ASP   CG   C  N N 87  
ASP   OD1  O  N N 88  
ASP   OD2  O  N N 89  
ASP   OXT  O  N N 90  
ASP   H    H  N N 91  
ASP   H2   H  N N 92  
ASP   HA   H  N N 93  
ASP   HB2  H  N N 94  
ASP   HB3  H  N N 95  
ASP   HD2  H  N N 96  
ASP   HXT  H  N N 97  
CL    CL   CL N N 98  
CYS   N    N  N N 99  
CYS   CA   C  N R 100 
CYS   C    C  N N 101 
CYS   O    O  N N 102 
CYS   CB   C  N N 103 
CYS   SG   S  N N 104 
CYS   OXT  O  N N 105 
CYS   H    H  N N 106 
CYS   H2   H  N N 107 
CYS   HA   H  N N 108 
CYS   HB2  H  N N 109 
CYS   HB3  H  N N 110 
CYS   HG   H  N N 111 
CYS   HXT  H  N N 112 
DVT   O28  O  N N 113 
DVT   V10  V  N N 114 
DVT   O18  O  N N 115 
DVT   O15  O  N N 116 
DVT   V1   V  N N 117 
DVT   O5   O  N N 118 
DVT   O27  O  N N 119 
DVT   V9   V  N N 120 
DVT   O2   O  N N 121 
DVT   O4   O  N N 122 
DVT   O8   O  N N 123 
DVT   O26  O  N N 124 
DVT   O24  O  N N 125 
DVT   V7   V  N N 126 
DVT   O11  O  N N 127 
DVT   O25  O  N N 128 
DVT   O21  O  N N 129 
DVT   V6   V  N N 130 
DVT   O19  O  N N 131 
DVT   O22  O  N N 132 
DVT   O6   O  N N 133 
DVT   V8   V  N N 134 
DVT   O20  O  N N 135 
DVT   O23  O  N N 136 
DVT   O16  O  N N 137 
DVT   V5   V  N N 138 
DVT   O14  O  N N 139 
DVT   O7   O  N N 140 
DVT   V2   V  N N 141 
DVT   O1   O  N N 142 
DVT   O17  O  N N 143 
DVT   V4   V  N N 144 
DVT   O13  O  N N 145 
DVT   O12  O  N N 146 
DVT   O9   O  N N 147 
DVT   V3   V  N N 148 
DVT   O3   O  N N 149 
DVT   O10  O  N N 150 
GLN   N    N  N N 151 
GLN   CA   C  N S 152 
GLN   C    C  N N 153 
GLN   O    O  N N 154 
GLN   CB   C  N N 155 
GLN   CG   C  N N 156 
GLN   CD   C  N N 157 
GLN   OE1  O  N N 158 
GLN   NE2  N  N N 159 
GLN   OXT  O  N N 160 
GLN   H    H  N N 161 
GLN   H2   H  N N 162 
GLN   HA   H  N N 163 
GLN   HB2  H  N N 164 
GLN   HB3  H  N N 165 
GLN   HG2  H  N N 166 
GLN   HG3  H  N N 167 
GLN   HE21 H  N N 168 
GLN   HE22 H  N N 169 
GLN   HXT  H  N N 170 
GLU   N    N  N N 171 
GLU   CA   C  N S 172 
GLU   C    C  N N 173 
GLU   O    O  N N 174 
GLU   CB   C  N N 175 
GLU   CG   C  N N 176 
GLU   CD   C  N N 177 
GLU   OE1  O  N N 178 
GLU   OE2  O  N N 179 
GLU   OXT  O  N N 180 
GLU   H    H  N N 181 
GLU   H2   H  N N 182 
GLU   HA   H  N N 183 
GLU   HB2  H  N N 184 
GLU   HB3  H  N N 185 
GLU   HG2  H  N N 186 
GLU   HG3  H  N N 187 
GLU   HE2  H  N N 188 
GLU   HXT  H  N N 189 
GLY   N    N  N N 190 
GLY   CA   C  N N 191 
GLY   C    C  N N 192 
GLY   O    O  N N 193 
GLY   OXT  O  N N 194 
GLY   H    H  N N 195 
GLY   H2   H  N N 196 
GLY   HA2  H  N N 197 
GLY   HA3  H  N N 198 
GLY   HXT  H  N N 199 
HIS   N    N  N N 200 
HIS   CA   C  N S 201 
HIS   C    C  N N 202 
HIS   O    O  N N 203 
HIS   CB   C  N N 204 
HIS   CG   C  Y N 205 
HIS   ND1  N  Y N 206 
HIS   CD2  C  Y N 207 
HIS   CE1  C  Y N 208 
HIS   NE2  N  Y N 209 
HIS   OXT  O  N N 210 
HIS   H    H  N N 211 
HIS   H2   H  N N 212 
HIS   HA   H  N N 213 
HIS   HB2  H  N N 214 
HIS   HB3  H  N N 215 
HIS   HD1  H  N N 216 
HIS   HD2  H  N N 217 
HIS   HE1  H  N N 218 
HIS   HE2  H  N N 219 
HIS   HXT  H  N N 220 
HOH   O    O  N N 221 
HOH   H1   H  N N 222 
HOH   H2   H  N N 223 
ILE   N    N  N N 224 
ILE   CA   C  N S 225 
ILE   C    C  N N 226 
ILE   O    O  N N 227 
ILE   CB   C  N S 228 
ILE   CG1  C  N N 229 
ILE   CG2  C  N N 230 
ILE   CD1  C  N N 231 
ILE   OXT  O  N N 232 
ILE   H    H  N N 233 
ILE   H2   H  N N 234 
ILE   HA   H  N N 235 
ILE   HB   H  N N 236 
ILE   HG12 H  N N 237 
ILE   HG13 H  N N 238 
ILE   HG21 H  N N 239 
ILE   HG22 H  N N 240 
ILE   HG23 H  N N 241 
ILE   HD11 H  N N 242 
ILE   HD12 H  N N 243 
ILE   HD13 H  N N 244 
ILE   HXT  H  N N 245 
LEU   N    N  N N 246 
LEU   CA   C  N S 247 
LEU   C    C  N N 248 
LEU   O    O  N N 249 
LEU   CB   C  N N 250 
LEU   CG   C  N N 251 
LEU   CD1  C  N N 252 
LEU   CD2  C  N N 253 
LEU   OXT  O  N N 254 
LEU   H    H  N N 255 
LEU   H2   H  N N 256 
LEU   HA   H  N N 257 
LEU   HB2  H  N N 258 
LEU   HB3  H  N N 259 
LEU   HG   H  N N 260 
LEU   HD11 H  N N 261 
LEU   HD12 H  N N 262 
LEU   HD13 H  N N 263 
LEU   HD21 H  N N 264 
LEU   HD22 H  N N 265 
LEU   HD23 H  N N 266 
LEU   HXT  H  N N 267 
LYS   N    N  N N 268 
LYS   CA   C  N S 269 
LYS   C    C  N N 270 
LYS   O    O  N N 271 
LYS   CB   C  N N 272 
LYS   CG   C  N N 273 
LYS   CD   C  N N 274 
LYS   CE   C  N N 275 
LYS   NZ   N  N N 276 
LYS   OXT  O  N N 277 
LYS   H    H  N N 278 
LYS   H2   H  N N 279 
LYS   HA   H  N N 280 
LYS   HB2  H  N N 281 
LYS   HB3  H  N N 282 
LYS   HG2  H  N N 283 
LYS   HG3  H  N N 284 
LYS   HD2  H  N N 285 
LYS   HD3  H  N N 286 
LYS   HE2  H  N N 287 
LYS   HE3  H  N N 288 
LYS   HZ1  H  N N 289 
LYS   HZ2  H  N N 290 
LYS   HZ3  H  N N 291 
LYS   HXT  H  N N 292 
MET   N    N  N N 293 
MET   CA   C  N S 294 
MET   C    C  N N 295 
MET   O    O  N N 296 
MET   CB   C  N N 297 
MET   CG   C  N N 298 
MET   SD   S  N N 299 
MET   CE   C  N N 300 
MET   OXT  O  N N 301 
MET   H    H  N N 302 
MET   H2   H  N N 303 
MET   HA   H  N N 304 
MET   HB2  H  N N 305 
MET   HB3  H  N N 306 
MET   HG2  H  N N 307 
MET   HG3  H  N N 308 
MET   HE1  H  N N 309 
MET   HE2  H  N N 310 
MET   HE3  H  N N 311 
MET   HXT  H  N N 312 
NA    NA   NA N N 313 
PHE   N    N  N N 314 
PHE   CA   C  N S 315 
PHE   C    C  N N 316 
PHE   O    O  N N 317 
PHE   CB   C  N N 318 
PHE   CG   C  Y N 319 
PHE   CD1  C  Y N 320 
PHE   CD2  C  Y N 321 
PHE   CE1  C  Y N 322 
PHE   CE2  C  Y N 323 
PHE   CZ   C  Y N 324 
PHE   OXT  O  N N 325 
PHE   H    H  N N 326 
PHE   H2   H  N N 327 
PHE   HA   H  N N 328 
PHE   HB2  H  N N 329 
PHE   HB3  H  N N 330 
PHE   HD1  H  N N 331 
PHE   HD2  H  N N 332 
PHE   HE1  H  N N 333 
PHE   HE2  H  N N 334 
PHE   HZ   H  N N 335 
PHE   HXT  H  N N 336 
PRO   N    N  N N 337 
PRO   CA   C  N S 338 
PRO   C    C  N N 339 
PRO   O    O  N N 340 
PRO   CB   C  N N 341 
PRO   CG   C  N N 342 
PRO   CD   C  N N 343 
PRO   OXT  O  N N 344 
PRO   H    H  N N 345 
PRO   HA   H  N N 346 
PRO   HB2  H  N N 347 
PRO   HB3  H  N N 348 
PRO   HG2  H  N N 349 
PRO   HG3  H  N N 350 
PRO   HD2  H  N N 351 
PRO   HD3  H  N N 352 
PRO   HXT  H  N N 353 
SER   N    N  N N 354 
SER   CA   C  N S 355 
SER   C    C  N N 356 
SER   O    O  N N 357 
SER   CB   C  N N 358 
SER   OG   O  N N 359 
SER   OXT  O  N N 360 
SER   H    H  N N 361 
SER   H2   H  N N 362 
SER   HA   H  N N 363 
SER   HB2  H  N N 364 
SER   HB3  H  N N 365 
SER   HG   H  N N 366 
SER   HXT  H  N N 367 
THR   N    N  N N 368 
THR   CA   C  N S 369 
THR   C    C  N N 370 
THR   O    O  N N 371 
THR   CB   C  N R 372 
THR   OG1  O  N N 373 
THR   CG2  C  N N 374 
THR   OXT  O  N N 375 
THR   H    H  N N 376 
THR   H2   H  N N 377 
THR   HA   H  N N 378 
THR   HB   H  N N 379 
THR   HG1  H  N N 380 
THR   HG21 H  N N 381 
THR   HG22 H  N N 382 
THR   HG23 H  N N 383 
THR   HXT  H  N N 384 
TRP   N    N  N N 385 
TRP   CA   C  N S 386 
TRP   C    C  N N 387 
TRP   O    O  N N 388 
TRP   CB   C  N N 389 
TRP   CG   C  Y N 390 
TRP   CD1  C  Y N 391 
TRP   CD2  C  Y N 392 
TRP   NE1  N  Y N 393 
TRP   CE2  C  Y N 394 
TRP   CE3  C  Y N 395 
TRP   CZ2  C  Y N 396 
TRP   CZ3  C  Y N 397 
TRP   CH2  C  Y N 398 
TRP   OXT  O  N N 399 
TRP   H    H  N N 400 
TRP   H2   H  N N 401 
TRP   HA   H  N N 402 
TRP   HB2  H  N N 403 
TRP   HB3  H  N N 404 
TRP   HD1  H  N N 405 
TRP   HE1  H  N N 406 
TRP   HE3  H  N N 407 
TRP   HZ2  H  N N 408 
TRP   HZ3  H  N N 409 
TRP   HH2  H  N N 410 
TRP   HXT  H  N N 411 
TYR   N    N  N N 412 
TYR   CA   C  N S 413 
TYR   C    C  N N 414 
TYR   O    O  N N 415 
TYR   CB   C  N N 416 
TYR   CG   C  Y N 417 
TYR   CD1  C  Y N 418 
TYR   CD2  C  Y N 419 
TYR   CE1  C  Y N 420 
TYR   CE2  C  Y N 421 
TYR   CZ   C  Y N 422 
TYR   OH   O  N N 423 
TYR   OXT  O  N N 424 
TYR   H    H  N N 425 
TYR   H2   H  N N 426 
TYR   HA   H  N N 427 
TYR   HB2  H  N N 428 
TYR   HB3  H  N N 429 
TYR   HD1  H  N N 430 
TYR   HD2  H  N N 431 
TYR   HE1  H  N N 432 
TYR   HE2  H  N N 433 
TYR   HH   H  N N 434 
TYR   HXT  H  N N 435 
VAL   N    N  N N 436 
VAL   CA   C  N S 437 
VAL   C    C  N N 438 
VAL   O    O  N N 439 
VAL   CB   C  N N 440 
VAL   CG1  C  N N 441 
VAL   CG2  C  N N 442 
VAL   OXT  O  N N 443 
VAL   H    H  N N 444 
VAL   H2   H  N N 445 
VAL   HA   H  N N 446 
VAL   HB   H  N N 447 
VAL   HG11 H  N N 448 
VAL   HG12 H  N N 449 
VAL   HG13 H  N N 450 
VAL   HG21 H  N N 451 
VAL   HG22 H  N N 452 
VAL   HG23 H  N N 453 
VAL   HXT  H  N N 454 
VVO   O1   O  N N 455 
VVO   V1   V  N N 456 
# 
loop_
_chem_comp_bond.comp_id 
_chem_comp_bond.atom_id_1 
_chem_comp_bond.atom_id_2 
_chem_comp_bond.value_order 
_chem_comp_bond.pdbx_aromatic_flag 
_chem_comp_bond.pdbx_stereo_config 
_chem_comp_bond.pdbx_ordinal 
A1JFD V1  O3   sing N N 1   
A1JFD V1  O6   sing N N 2   
A1JFD V1  O7   sing N N 3   
A1JFD V1  O10  sing N N 4   
A1JFD C1  C2   sing N N 5   
A1JFD C1  O1   sing N N 6   
A1JFD C1  O2   doub N N 7   
A1JFD C2  C3   sing N N 8   
A1JFD C2  O3   sing N N 9   
A1JFD C3  C4   sing N N 10  
A1JFD C4  O4   doub N N 11  
A1JFD C4  O5   sing N N 12  
A1JFD O1  V2   sing N N 13  
A1JFD O3  V2   sing N N 14  
A1JFD V2  O8   sing N N 15  
A1JFD V2  O9   sing N N 16  
A1JFD V2  O10  sing N N 17  
A1JFD C2  H1   sing N N 18  
A1JFD C3  H2   sing N N 19  
A1JFD C3  H3   sing N N 20  
A1JFD O5  H4   sing N N 21  
A1JFD O6  H5   sing N N 22  
A1JFD O7  H6   sing N N 23  
A1JFD O8  H7   sing N N 24  
A1JFD O9  H8   sing N N 25  
ALA   N   CA   sing N N 26  
ALA   N   H    sing N N 27  
ALA   N   H2   sing N N 28  
ALA   CA  C    sing N N 29  
ALA   CA  CB   sing N N 30  
ALA   CA  HA   sing N N 31  
ALA   C   O    doub N N 32  
ALA   C   OXT  sing N N 33  
ALA   CB  HB1  sing N N 34  
ALA   CB  HB2  sing N N 35  
ALA   CB  HB3  sing N N 36  
ALA   OXT HXT  sing N N 37  
ARG   N   CA   sing N N 38  
ARG   N   H    sing N N 39  
ARG   N   H2   sing N N 40  
ARG   CA  C    sing N N 41  
ARG   CA  CB   sing N N 42  
ARG   CA  HA   sing N N 43  
ARG   C   O    doub N N 44  
ARG   C   OXT  sing N N 45  
ARG   CB  CG   sing N N 46  
ARG   CB  HB2  sing N N 47  
ARG   CB  HB3  sing N N 48  
ARG   CG  CD   sing N N 49  
ARG   CG  HG2  sing N N 50  
ARG   CG  HG3  sing N N 51  
ARG   CD  NE   sing N N 52  
ARG   CD  HD2  sing N N 53  
ARG   CD  HD3  sing N N 54  
ARG   NE  CZ   sing N N 55  
ARG   NE  HE   sing N N 56  
ARG   CZ  NH1  sing N N 57  
ARG   CZ  NH2  doub N N 58  
ARG   NH1 HH11 sing N N 59  
ARG   NH1 HH12 sing N N 60  
ARG   NH2 HH21 sing N N 61  
ARG   NH2 HH22 sing N N 62  
ARG   OXT HXT  sing N N 63  
ASN   N   CA   sing N N 64  
ASN   N   H    sing N N 65  
ASN   N   H2   sing N N 66  
ASN   CA  C    sing N N 67  
ASN   CA  CB   sing N N 68  
ASN   CA  HA   sing N N 69  
ASN   C   O    doub N N 70  
ASN   C   OXT  sing N N 71  
ASN   CB  CG   sing N N 72  
ASN   CB  HB2  sing N N 73  
ASN   CB  HB3  sing N N 74  
ASN   CG  OD1  doub N N 75  
ASN   CG  ND2  sing N N 76  
ASN   ND2 HD21 sing N N 77  
ASN   ND2 HD22 sing N N 78  
ASN   OXT HXT  sing N N 79  
ASP   N   CA   sing N N 80  
ASP   N   H    sing N N 81  
ASP   N   H2   sing N N 82  
ASP   CA  C    sing N N 83  
ASP   CA  CB   sing N N 84  
ASP   CA  HA   sing N N 85  
ASP   C   O    doub N N 86  
ASP   C   OXT  sing N N 87  
ASP   CB  CG   sing N N 88  
ASP   CB  HB2  sing N N 89  
ASP   CB  HB3  sing N N 90  
ASP   CG  OD1  doub N N 91  
ASP   CG  OD2  sing N N 92  
ASP   OD2 HD2  sing N N 93  
ASP   OXT HXT  sing N N 94  
CYS   N   CA   sing N N 95  
CYS   N   H    sing N N 96  
CYS   N   H2   sing N N 97  
CYS   CA  C    sing N N 98  
CYS   CA  CB   sing N N 99  
CYS   CA  HA   sing N N 100 
CYS   C   O    doub N N 101 
CYS   C   OXT  sing N N 102 
CYS   CB  SG   sing N N 103 
CYS   CB  HB2  sing N N 104 
CYS   CB  HB3  sing N N 105 
CYS   SG  HG   sing N N 106 
CYS   OXT HXT  sing N N 107 
DVT   O28 V10  doub N N 108 
DVT   V10 O18  sing N N 109 
DVT   V10 O15  sing N N 110 
DVT   V10 O27  sing N N 111 
DVT   V10 O2   sing N N 112 
DVT   V10 O23  sing N N 113 
DVT   O18 V3   sing N N 114 
DVT   O15 V1   sing N N 115 
DVT   V1  O5   doub N N 116 
DVT   V1  O2   sing N N 117 
DVT   V1  O4   sing N N 118 
DVT   V1  O1   sing N N 119 
DVT   V1  O3   sing N N 120 
DVT   O27 V9   sing N N 121 
DVT   V9  O2   sing N N 122 
DVT   V9  O4   sing N N 123 
DVT   V9  O8   sing N N 124 
DVT   V9  O26  doub N N 125 
DVT   V9  O24  sing N N 126 
DVT   O2  V8   sing N N 127 
DVT   O2  V2   sing N N 128 
DVT   O2  V3   sing N N 129 
DVT   O8  V7   sing N N 130 
DVT   O8  V2   sing N N 131 
DVT   O24 V7   sing N N 132 
DVT   O24 V8   sing N N 133 
DVT   V7  O11  sing N N 134 
DVT   V7  O25  doub N N 135 
DVT   V7  O21  sing N N 136 
DVT   V7  O16  sing N N 137 
DVT   O11 V5   sing N N 138 
DVT   O21 V6   sing N N 139 
DVT   V6  O19  sing N N 140 
DVT   V6  O22  doub N N 141 
DVT   V6  O6   sing N N 142 
DVT   V6  O20  sing N N 143 
DVT   V6  O16  sing N N 144 
DVT   O19 V4   sing N N 145 
DVT   O6  V5   sing N N 146 
DVT   V8  O20  sing N N 147 
DVT   V8  O23  sing N N 148 
DVT   V8  O16  sing N N 149 
DVT   V8  O17  sing N N 150 
DVT   O7  V5   sing N N 151 
DVT   O7  V2   sing N N 152 
DVT   V5  O14  doub N N 153 
DVT   V5  O16  sing N N 154 
DVT   V5  O13  sing N N 155 
DVT   O16 V2   sing N N 156 
DVT   O16 V4   sing N N 157 
DVT   V2  O1   sing N N 158 
DVT   V2  O9   sing N N 159 
DVT   O17 V4   sing N N 160 
DVT   O17 V3   sing N N 161 
DVT   V4  O13  sing N N 162 
DVT   V4  O12  doub N N 163 
DVT   V4  O9   sing N N 164 
DVT   O9  V3   sing N N 165 
DVT   V3  O3   sing N N 166 
DVT   V3  O10  doub N N 167 
GLN   N   CA   sing N N 168 
GLN   N   H    sing N N 169 
GLN   N   H2   sing N N 170 
GLN   CA  C    sing N N 171 
GLN   CA  CB   sing N N 172 
GLN   CA  HA   sing N N 173 
GLN   C   O    doub N N 174 
GLN   C   OXT  sing N N 175 
GLN   CB  CG   sing N N 176 
GLN   CB  HB2  sing N N 177 
GLN   CB  HB3  sing N N 178 
GLN   CG  CD   sing N N 179 
GLN   CG  HG2  sing N N 180 
GLN   CG  HG3  sing N N 181 
GLN   CD  OE1  doub N N 182 
GLN   CD  NE2  sing N N 183 
GLN   NE2 HE21 sing N N 184 
GLN   NE2 HE22 sing N N 185 
GLN   OXT HXT  sing N N 186 
GLU   N   CA   sing N N 187 
GLU   N   H    sing N N 188 
GLU   N   H2   sing N N 189 
GLU   CA  C    sing N N 190 
GLU   CA  CB   sing N N 191 
GLU   CA  HA   sing N N 192 
GLU   C   O    doub N N 193 
GLU   C   OXT  sing N N 194 
GLU   CB  CG   sing N N 195 
GLU   CB  HB2  sing N N 196 
GLU   CB  HB3  sing N N 197 
GLU   CG  CD   sing N N 198 
GLU   CG  HG2  sing N N 199 
GLU   CG  HG3  sing N N 200 
GLU   CD  OE1  doub N N 201 
GLU   CD  OE2  sing N N 202 
GLU   OE2 HE2  sing N N 203 
GLU   OXT HXT  sing N N 204 
GLY   N   CA   sing N N 205 
GLY   N   H    sing N N 206 
GLY   N   H2   sing N N 207 
GLY   CA  C    sing N N 208 
GLY   CA  HA2  sing N N 209 
GLY   CA  HA3  sing N N 210 
GLY   C   O    doub N N 211 
GLY   C   OXT  sing N N 212 
GLY   OXT HXT  sing N N 213 
HIS   N   CA   sing N N 214 
HIS   N   H    sing N N 215 
HIS   N   H2   sing N N 216 
HIS   CA  C    sing N N 217 
HIS   CA  CB   sing N N 218 
HIS   CA  HA   sing N N 219 
HIS   C   O    doub N N 220 
HIS   C   OXT  sing N N 221 
HIS   CB  CG   sing N N 222 
HIS   CB  HB2  sing N N 223 
HIS   CB  HB3  sing N N 224 
HIS   CG  ND1  sing Y N 225 
HIS   CG  CD2  doub Y N 226 
HIS   ND1 CE1  doub Y N 227 
HIS   ND1 HD1  sing N N 228 
HIS   CD2 NE2  sing Y N 229 
HIS   CD2 HD2  sing N N 230 
HIS   CE1 NE2  sing Y N 231 
HIS   CE1 HE1  sing N N 232 
HIS   NE2 HE2  sing N N 233 
HIS   OXT HXT  sing N N 234 
HOH   O   H1   sing N N 235 
HOH   O   H2   sing N N 236 
ILE   N   CA   sing N N 237 
ILE   N   H    sing N N 238 
ILE   N   H2   sing N N 239 
ILE   CA  C    sing N N 240 
ILE   CA  CB   sing N N 241 
ILE   CA  HA   sing N N 242 
ILE   C   O    doub N N 243 
ILE   C   OXT  sing N N 244 
ILE   CB  CG1  sing N N 245 
ILE   CB  CG2  sing N N 246 
ILE   CB  HB   sing N N 247 
ILE   CG1 CD1  sing N N 248 
ILE   CG1 HG12 sing N N 249 
ILE   CG1 HG13 sing N N 250 
ILE   CG2 HG21 sing N N 251 
ILE   CG2 HG22 sing N N 252 
ILE   CG2 HG23 sing N N 253 
ILE   CD1 HD11 sing N N 254 
ILE   CD1 HD12 sing N N 255 
ILE   CD1 HD13 sing N N 256 
ILE   OXT HXT  sing N N 257 
LEU   N   CA   sing N N 258 
LEU   N   H    sing N N 259 
LEU   N   H2   sing N N 260 
LEU   CA  C    sing N N 261 
LEU   CA  CB   sing N N 262 
LEU   CA  HA   sing N N 263 
LEU   C   O    doub N N 264 
LEU   C   OXT  sing N N 265 
LEU   CB  CG   sing N N 266 
LEU   CB  HB2  sing N N 267 
LEU   CB  HB3  sing N N 268 
LEU   CG  CD1  sing N N 269 
LEU   CG  CD2  sing N N 270 
LEU   CG  HG   sing N N 271 
LEU   CD1 HD11 sing N N 272 
LEU   CD1 HD12 sing N N 273 
LEU   CD1 HD13 sing N N 274 
LEU   CD2 HD21 sing N N 275 
LEU   CD2 HD22 sing N N 276 
LEU   CD2 HD23 sing N N 277 
LEU   OXT HXT  sing N N 278 
LYS   N   CA   sing N N 279 
LYS   N   H    sing N N 280 
LYS   N   H2   sing N N 281 
LYS   CA  C    sing N N 282 
LYS   CA  CB   sing N N 283 
LYS   CA  HA   sing N N 284 
LYS   C   O    doub N N 285 
LYS   C   OXT  sing N N 286 
LYS   CB  CG   sing N N 287 
LYS   CB  HB2  sing N N 288 
LYS   CB  HB3  sing N N 289 
LYS   CG  CD   sing N N 290 
LYS   CG  HG2  sing N N 291 
LYS   CG  HG3  sing N N 292 
LYS   CD  CE   sing N N 293 
LYS   CD  HD2  sing N N 294 
LYS   CD  HD3  sing N N 295 
LYS   CE  NZ   sing N N 296 
LYS   CE  HE2  sing N N 297 
LYS   CE  HE3  sing N N 298 
LYS   NZ  HZ1  sing N N 299 
LYS   NZ  HZ2  sing N N 300 
LYS   NZ  HZ3  sing N N 301 
LYS   OXT HXT  sing N N 302 
MET   N   CA   sing N N 303 
MET   N   H    sing N N 304 
MET   N   H2   sing N N 305 
MET   CA  C    sing N N 306 
MET   CA  CB   sing N N 307 
MET   CA  HA   sing N N 308 
MET   C   O    doub N N 309 
MET   C   OXT  sing N N 310 
MET   CB  CG   sing N N 311 
MET   CB  HB2  sing N N 312 
MET   CB  HB3  sing N N 313 
MET   CG  SD   sing N N 314 
MET   CG  HG2  sing N N 315 
MET   CG  HG3  sing N N 316 
MET   SD  CE   sing N N 317 
MET   CE  HE1  sing N N 318 
MET   CE  HE2  sing N N 319 
MET   CE  HE3  sing N N 320 
MET   OXT HXT  sing N N 321 
PHE   N   CA   sing N N 322 
PHE   N   H    sing N N 323 
PHE   N   H2   sing N N 324 
PHE   CA  C    sing N N 325 
PHE   CA  CB   sing N N 326 
PHE   CA  HA   sing N N 327 
PHE   C   O    doub N N 328 
PHE   C   OXT  sing N N 329 
PHE   CB  CG   sing N N 330 
PHE   CB  HB2  sing N N 331 
PHE   CB  HB3  sing N N 332 
PHE   CG  CD1  doub Y N 333 
PHE   CG  CD2  sing Y N 334 
PHE   CD1 CE1  sing Y N 335 
PHE   CD1 HD1  sing N N 336 
PHE   CD2 CE2  doub Y N 337 
PHE   CD2 HD2  sing N N 338 
PHE   CE1 CZ   doub Y N 339 
PHE   CE1 HE1  sing N N 340 
PHE   CE2 CZ   sing Y N 341 
PHE   CE2 HE2  sing N N 342 
PHE   CZ  HZ   sing N N 343 
PHE   OXT HXT  sing N N 344 
PRO   N   CA   sing N N 345 
PRO   N   CD   sing N N 346 
PRO   N   H    sing N N 347 
PRO   CA  C    sing N N 348 
PRO   CA  CB   sing N N 349 
PRO   CA  HA   sing N N 350 
PRO   C   O    doub N N 351 
PRO   C   OXT  sing N N 352 
PRO   CB  CG   sing N N 353 
PRO   CB  HB2  sing N N 354 
PRO   CB  HB3  sing N N 355 
PRO   CG  CD   sing N N 356 
PRO   CG  HG2  sing N N 357 
PRO   CG  HG3  sing N N 358 
PRO   CD  HD2  sing N N 359 
PRO   CD  HD3  sing N N 360 
PRO   OXT HXT  sing N N 361 
SER   N   CA   sing N N 362 
SER   N   H    sing N N 363 
SER   N   H2   sing N N 364 
SER   CA  C    sing N N 365 
SER   CA  CB   sing N N 366 
SER   CA  HA   sing N N 367 
SER   C   O    doub N N 368 
SER   C   OXT  sing N N 369 
SER   CB  OG   sing N N 370 
SER   CB  HB2  sing N N 371 
SER   CB  HB3  sing N N 372 
SER   OG  HG   sing N N 373 
SER   OXT HXT  sing N N 374 
THR   N   CA   sing N N 375 
THR   N   H    sing N N 376 
THR   N   H2   sing N N 377 
THR   CA  C    sing N N 378 
THR   CA  CB   sing N N 379 
THR   CA  HA   sing N N 380 
THR   C   O    doub N N 381 
THR   C   OXT  sing N N 382 
THR   CB  OG1  sing N N 383 
THR   CB  CG2  sing N N 384 
THR   CB  HB   sing N N 385 
THR   OG1 HG1  sing N N 386 
THR   CG2 HG21 sing N N 387 
THR   CG2 HG22 sing N N 388 
THR   CG2 HG23 sing N N 389 
THR   OXT HXT  sing N N 390 
TRP   N   CA   sing N N 391 
TRP   N   H    sing N N 392 
TRP   N   H2   sing N N 393 
TRP   CA  C    sing N N 394 
TRP   CA  CB   sing N N 395 
TRP   CA  HA   sing N N 396 
TRP   C   O    doub N N 397 
TRP   C   OXT  sing N N 398 
TRP   CB  CG   sing N N 399 
TRP   CB  HB2  sing N N 400 
TRP   CB  HB3  sing N N 401 
TRP   CG  CD1  doub Y N 402 
TRP   CG  CD2  sing Y N 403 
TRP   CD1 NE1  sing Y N 404 
TRP   CD1 HD1  sing N N 405 
TRP   CD2 CE2  doub Y N 406 
TRP   CD2 CE3  sing Y N 407 
TRP   NE1 CE2  sing Y N 408 
TRP   NE1 HE1  sing N N 409 
TRP   CE2 CZ2  sing Y N 410 
TRP   CE3 CZ3  doub Y N 411 
TRP   CE3 HE3  sing N N 412 
TRP   CZ2 CH2  doub Y N 413 
TRP   CZ2 HZ2  sing N N 414 
TRP   CZ3 CH2  sing Y N 415 
TRP   CZ3 HZ3  sing N N 416 
TRP   CH2 HH2  sing N N 417 
TRP   OXT HXT  sing N N 418 
TYR   N   CA   sing N N 419 
TYR   N   H    sing N N 420 
TYR   N   H2   sing N N 421 
TYR   CA  C    sing N N 422 
TYR   CA  CB   sing N N 423 
TYR   CA  HA   sing N N 424 
TYR   C   O    doub N N 425 
TYR   C   OXT  sing N N 426 
TYR   CB  CG   sing N N 427 
TYR   CB  HB2  sing N N 428 
TYR   CB  HB3  sing N N 429 
TYR   CG  CD1  doub Y N 430 
TYR   CG  CD2  sing Y N 431 
TYR   CD1 CE1  sing Y N 432 
TYR   CD1 HD1  sing N N 433 
TYR   CD2 CE2  doub Y N 434 
TYR   CD2 HD2  sing N N 435 
TYR   CE1 CZ   doub Y N 436 
TYR   CE1 HE1  sing N N 437 
TYR   CE2 CZ   sing Y N 438 
TYR   CE2 HE2  sing N N 439 
TYR   CZ  OH   sing N N 440 
TYR   OH  HH   sing N N 441 
TYR   OXT HXT  sing N N 442 
VAL   N   CA   sing N N 443 
VAL   N   H    sing N N 444 
VAL   N   H2   sing N N 445 
VAL   CA  C    sing N N 446 
VAL   CA  CB   sing N N 447 
VAL   CA  HA   sing N N 448 
VAL   C   O    doub N N 449 
VAL   C   OXT  sing N N 450 
VAL   CB  CG1  sing N N 451 
VAL   CB  CG2  sing N N 452 
VAL   CB  HB   sing N N 453 
VAL   CG1 HG11 sing N N 454 
VAL   CG1 HG12 sing N N 455 
VAL   CG1 HG13 sing N N 456 
VAL   CG2 HG21 sing N N 457 
VAL   CG2 HG22 sing N N 458 
VAL   CG2 HG23 sing N N 459 
VAL   OXT HXT  sing N N 460 
VVO   V1  O1   doub N N 461 
# 
_pdbx_audit_support.funding_organization   'Ministero dell Universita e della Ricerca' 
_pdbx_audit_support.country                Italy 
_pdbx_audit_support.grant_number           ? 
_pdbx_audit_support.ordinal                1 
# 
_pdbx_initial_refinement_model.id               1 
_pdbx_initial_refinement_model.entity_id_list   ? 
_pdbx_initial_refinement_model.type             'experimental model' 
_pdbx_initial_refinement_model.source_name      PDB 
_pdbx_initial_refinement_model.accession_code   193L 
_pdbx_initial_refinement_model.details          ? 
# 
_atom_sites.entry_id                    9RBG 
_atom_sites.Cartn_transf_matrix[1][1]   ? 
_atom_sites.Cartn_transf_matrix[1][2]   ? 
_atom_sites.Cartn_transf_matrix[1][3]   ? 
_atom_sites.Cartn_transf_matrix[2][1]   ? 
_atom_sites.Cartn_transf_matrix[2][2]   ? 
_atom_sites.Cartn_transf_matrix[2][3]   ? 
_atom_sites.Cartn_transf_matrix[3][1]   ? 
_atom_sites.Cartn_transf_matrix[3][2]   ? 
_atom_sites.Cartn_transf_matrix[3][3]   ? 
_atom_sites.Cartn_transf_vector[1]      ? 
_atom_sites.Cartn_transf_vector[2]      ? 
_atom_sites.Cartn_transf_vector[3]      ? 
_atom_sites.Cartn_transform_axes        ? 
_atom_sites.fract_transf_matrix[1][1]   -0.00850436 
_atom_sites.fract_transf_matrix[1][2]   0.00109721 
_atom_sites.fract_transf_matrix[1][3]   0.00939929 
_atom_sites.fract_transf_matrix[2][1]   0.00465214 
_atom_sites.fract_transf_matrix[2][2]   -0.01051992 
_atom_sites.fract_transf_matrix[2][3]   0.00543723 
_atom_sites.fract_transf_matrix[3][1]   0.01816787 
_atom_sites.fract_transf_matrix[3][2]   0.01558968 
_atom_sites.fract_transf_matrix[3][3]   0.01461823 
_atom_sites.fract_transf_vector[1]      -0.255903 
_atom_sites.fract_transf_vector[2]      -0.007192 
_atom_sites.fract_transf_vector[3]      -0.244292 
_atom_sites.solution_primary            ? 
_atom_sites.solution_secondary          ? 
_atom_sites.solution_hydrogens          ? 
_atom_sites.special_details             ? 
# 
loop_
_atom_type.symbol 
_atom_type.pdbx_scat_Z 
_atom_type.pdbx_N_electrons 
_atom_type.scat_Cromer_Mann_a1 
_atom_type.scat_Cromer_Mann_b1 
_atom_type.scat_Cromer_Mann_a2 
_atom_type.scat_Cromer_Mann_b2 
_atom_type.scat_Cromer_Mann_a3 
_atom_type.scat_Cromer_Mann_b3 
_atom_type.scat_Cromer_Mann_a4 
_atom_type.scat_Cromer_Mann_b4 
_atom_type.scat_Cromer_Mann_c 
C  6  6  2.310  20.844 1.020 10.208 1.589 0.569  0.865 51.651  0.216   
CL 17 17 11.460 0.010  7.196 1.166  6.255 18.519 1.645 47.778  -9.338  
H  1  1  0.493  10.511 0.323 26.126 0.140 3.142  0.041 57.800  0.003   
N  7  7  12.222 0.006  3.135 9.893  2.014 28.997 1.167 0.583   -11.538 
NA 11 11 4.766  3.285  3.176 8.842  1.268 0.314  1.114 129.424 0.736   
O  8  8  3.049  13.277 2.287 5.701  1.546 0.324  0.867 32.909  0.251   
S  16 16 6.905  1.468  5.203 22.215 1.438 0.254  1.586 56.172  1.055   
V  23 23 10.299 6.866  7.353 0.438  2.071 26.894 2.058 102.478 1.552   
# 
loop_
_atom_site.group_PDB 
_atom_site.id 
_atom_site.type_symbol 
_atom_site.label_atom_id 
_atom_site.label_alt_id 
_atom_site.label_comp_id 
_atom_site.label_asym_id 
_atom_site.label_entity_id 
_atom_site.label_seq_id 
_atom_site.pdbx_PDB_ins_code 
_atom_site.Cartn_x 
_atom_site.Cartn_y 
_atom_site.Cartn_z 
_atom_site.occupancy 
_atom_site.B_iso_or_equiv 
_atom_site.pdbx_formal_charge 
_atom_site.auth_seq_id 
_atom_site.auth_comp_id 
_atom_site.auth_asym_id 
_atom_site.auth_atom_id 
_atom_site.pdbx_PDB_model_num 
_atom_site.calc_flag 
ATOM   1    N  N   . LYS   A 1 1   ? -11.178 -7.191  4.538   1.000 31.542 0 1   LYS   AAA N   1 ? 
ATOM   2    C  CA  . LYS   A 1 1   ? -11.986 -7.005  3.301   1.000 31.557 0 1   LYS   AAA CA  1 ? 
ATOM   3    C  C   . LYS   A 1 1   ? -11.098 -7.348  2.113   1.000 30.962 0 1   LYS   AAA C   1 ? 
ATOM   4    O  O   . LYS   A 1 1   ? -9.984  -6.759  2.030   1.000 27.912 0 1   LYS   AAA O   1 ? 
ATOM   5    C  CB  . LYS   A 1 1   ? -12.457 -5.551  3.207   1.000 30.243 0 1   LYS   AAA CB  1 ? 
ATOM   6    C  CG  . LYS   A 1 1   ? -13.308 -5.205  1.991   1.000 30.898 0 1   LYS   AAA CG  1 ? 
ATOM   7    C  CD  A LYS   A 1 1   ? -13.662 -3.729  1.989   0.300 30.612 0 1   LYS   AAA CD  1 ? 
ATOM   8    C  CD  B LYS   A 1 1   ? -13.689 -3.754  1.879   0.700 32.512 0 1   LYS   AAA CD  1 ? 
ATOM   9    C  CE  A LYS   A 1 1   ? -14.233 -3.197  0.694   0.300 30.435 0 1   LYS   AAA CE  1 ? 
ATOM   10   C  CE  B LYS   A 1 1   ? -14.101 -3.425  0.461   0.700 34.272 0 1   LYS   AAA CE  1 ? 
ATOM   11   N  NZ  A LYS   A 1 1   ? -14.747 -1.822  0.883   0.300 29.864 0 1   LYS   AAA NZ  1 ? 
ATOM   12   N  NZ  B LYS   A 1 1   ? -15.034 -4.449  -0.073  0.700 35.392 0 1   LYS   AAA NZ  1 ? 
ATOM   13   N  N   . VAL   A 1 2   ? -11.533 -8.256  1.240   1.000 30.697 0 2   VAL   AAA N   1 ? 
ATOM   14   C  CA  . VAL   A 1 2   ? -10.823 -8.479  -0.049  1.000 33.235 0 2   VAL   AAA CA  1 ? 
ATOM   15   C  C   . VAL   A 1 2   ? -11.512 -7.666  -1.144  1.000 35.447 0 2   VAL   AAA C   1 ? 
ATOM   16   O  O   . VAL   A 1 2   ? -12.585 -8.096  -1.602  1.000 38.821 0 2   VAL   AAA O   1 ? 
ATOM   17   C  CB  . VAL   A 1 2   ? -10.687 -9.958  -0.427  1.000 30.682 0 2   VAL   AAA CB  1 ? 
ATOM   18   C  CG1 . VAL   A 1 2   ? -9.717  -10.124 -1.594  1.000 32.491 0 2   VAL   AAA CG1 1 ? 
ATOM   19   C  CG2 . VAL   A 1 2   ? -10.225 -10.782 0.763   1.000 28.598 0 2   VAL   AAA CG2 1 ? 
ATOM   20   N  N   . PHE   A 1 3   ? -10.887 -6.543  -1.520  1.000 33.942 0 3   PHE   AAA N   1 ? 
ATOM   21   C  CA  . PHE   A 1 3   ? -11.414 -5.540  -2.477  1.000 28.386 0 3   PHE   AAA CA  1 ? 
ATOM   22   C  C   . PHE   A 1 3   ? -11.437 -6.114  -3.876  1.000 30.254 0 3   PHE   AAA C   1 ? 
ATOM   23   O  O   . PHE   A 1 3   ? -10.565 -6.897  -4.239  1.000 31.123 0 3   PHE   AAA O   1 ? 
ATOM   24   C  CB  . PHE   A 1 3   ? -10.541 -4.300  -2.570  1.000 28.735 0 3   PHE   AAA CB  1 ? 
ATOM   25   C  CG  . PHE   A 1 3   ? -10.898 -3.206  -1.614  1.000 27.393 0 3   PHE   AAA CG  1 ? 
ATOM   26   C  CD1 . PHE   A 1 3   ? -10.479 -3.264  -0.295  1.000 28.065 0 3   PHE   AAA CD1 1 ? 
ATOM   27   C  CD2 . PHE   A 1 3   ? -11.645 -2.125  -2.044  1.000 28.582 0 3   PHE   AAA CD2 1 ? 
ATOM   28   C  CE1 . PHE   A 1 3   ? -10.817 -2.254  0.586   1.000 27.617 0 3   PHE   AAA CE1 1 ? 
ATOM   29   C  CE2 . PHE   A 1 3   ? -11.966 -1.107  -1.170  1.000 29.192 0 3   PHE   AAA CE2 1 ? 
ATOM   30   C  CZ  . PHE   A 1 3   ? -11.559 -1.179  0.147   1.000 28.488 0 3   PHE   AAA CZ  1 ? 
ATOM   31   N  N   . GLY   A 1 4   ? -12.446 -5.707  -4.646  1.000 28.828 0 4   GLY   AAA N   1 ? 
ATOM   32   C  CA  . GLY   A 1 4   ? -12.394 -5.893  -6.099  1.000 29.628 0 4   GLY   AAA CA  1 ? 
ATOM   33   C  C   . GLY   A 1 4   ? -11.417 -4.911  -6.709  1.000 29.237 0 4   GLY   AAA C   1 ? 
ATOM   34   O  O   . GLY   A 1 4   ? -11.273 -3.759  -6.161  1.000 26.821 0 4   GLY   AAA O   1 ? 
ATOM   35   N  N   A ARG   A 1 5   ? -10.838 -5.282  -7.851  0.500 30.875 0 5   ARG   AAA N   1 ? 
ATOM   36   N  N   B ARG   A 1 5   ? -10.834 -5.277  -7.850  0.500 31.552 0 5   ARG   AAA N   1 ? 
ATOM   37   C  CA  A ARG   A 1 5   ? -9.913  -4.422  -8.631  0.500 28.849 0 5   ARG   AAA CA  1 ? 
ATOM   38   C  CA  B ARG   A 1 5   ? -9.906  -4.406  -8.616  0.500 29.967 0 5   ARG   AAA CA  1 ? 
ATOM   39   C  C   A ARG   A 1 5   ? -10.494 -3.006  -8.751  0.500 29.387 0 5   ARG   AAA C   1 ? 
ATOM   40   C  C   B ARG   A 1 5   ? -10.503 -2.995  -8.735  0.500 29.982 0 5   ARG   AAA C   1 ? 
ATOM   41   O  O   A ARG   A 1 5   ? -9.901  -2.046  -8.190  0.500 27.108 0 5   ARG   AAA O   1 ? 
ATOM   42   O  O   B ARG   A 1 5   ? -9.934  -2.031  -8.152  0.500 27.377 0 5   ARG   AAA O   1 ? 
ATOM   43   C  CB  A ARG   A 1 5   ? -9.660  -5.070  -9.991  0.500 29.666 0 5   ARG   AAA CB  1 ? 
ATOM   44   C  CB  B ARG   A 1 5   ? -9.627  -5.046  -9.974  0.500 31.715 0 5   ARG   AAA CB  1 ? 
ATOM   45   C  CG  A ARG   A 1 5   ? -8.756  -4.266  -10.913 0.500 29.653 0 5   ARG   AAA CG  1 ? 
ATOM   46   C  CG  B ARG   A 1 5   ? -8.494  -4.397  -10.752 0.500 32.891 0 5   ARG   AAA CG  1 ? 
ATOM   47   C  CD  A ARG   A 1 5   ? -8.371  -5.043  -12.160 0.500 31.272 0 5   ARG   AAA CD  1 ? 
ATOM   48   C  CD  B ARG   A 1 5   ? -7.970  -5.301  -11.852 0.500 35.291 0 5   ARG   AAA CD  1 ? 
ATOM   49   N  NE  A ARG   A 1 5   ? -9.452  -5.235  -13.122 0.500 30.868 0 5   ARG   AAA NE  1 ? 
ATOM   50   N  NE  B ARG   A 1 5   ? -8.811  -5.317  -13.046 0.500 35.752 0 5   ARG   AAA NE  1 ? 
ATOM   51   C  CZ  A ARG   A 1 5   ? -9.884  -4.315  -13.972 0.500 29.790 0 5   ARG   AAA CZ  1 ? 
ATOM   52   C  CZ  B ARG   A 1 5   ? -9.548  -6.349  -13.432 0.500 34.037 0 5   ARG   AAA CZ  1 ? 
ATOM   53   N  NH1 A ARG   A 1 5   ? -9.350  -3.106  -13.982 0.500 28.539 0 5   ARG   AAA NH1 1 ? 
ATOM   54   N  NH1 B ARG   A 1 5   ? -9.568  -7.458  -12.711 0.500 31.080 0 5   ARG   AAA NH1 1 ? 
ATOM   55   N  NH2 A ARG   A 1 5   ? -10.879 -4.597  -14.792 0.500 31.025 0 5   ARG   AAA NH2 1 ? 
ATOM   56   N  NH2 B ARG   A 1 5   ? -10.287 -6.255  -14.525 0.500 36.018 0 5   ARG   AAA NH2 1 ? 
ATOM   57   N  N   . CYS   A 1 6   ? -11.639 -2.860  -9.433  1.000 28.438 0 6   CYS   AAA N   1 ? 
ATOM   58   C  CA  . CYS   A 1 6   ? -12.230 -1.534  -9.744  1.000 29.586 0 6   CYS   AAA CA  1 ? 
ATOM   59   C  C   . CYS   A 1 6   ? -12.660 -0.846  -8.446  1.000 25.527 0 6   CYS   AAA C   1 ? 
ATOM   60   O  O   . CYS   A 1 6   ? -12.494 0.411   -8.317  1.000 27.171 0 6   CYS   AAA O   1 ? 
ATOM   61   C  CB  . CYS   A 1 6   ? -13.331 -1.659  -10.797 1.000 32.661 0 6   CYS   AAA CB  1 ? 
ATOM   62   S  SG  . CYS   A 1 6   ? -12.683 -2.258  -12.379 1.000 35.657 0 6   CYS   AAA SG  1 ? 
ATOM   63   N  N   A GLU   A 1 7   ? -13.145 -1.648  -7.492  0.300 27.339 0 7   GLU   AAA N   1 ? 
ATOM   64   N  N   B GLU   A 1 7   ? -13.164 -1.606  -7.476  0.700 30.930 0 7   GLU   AAA N   1 ? 
ATOM   65   C  CA  A GLU   A 1 7   ? -13.557 -1.233  -6.121  0.300 26.750 0 7   GLU   AAA CA  1 ? 
ATOM   66   C  CA  B GLU   A 1 7   ? -13.548 -1.013  -6.165  0.700 30.929 0 7   GLU   AAA CA  1 ? 
ATOM   67   C  C   A GLU   A 1 7   ? -12.397 -0.513  -5.419  0.300 26.194 0 7   GLU   AAA C   1 ? 
ATOM   68   C  C   B GLU   A 1 7   ? -12.314 -0.360  -5.536  0.700 28.590 0 7   GLU   AAA C   1 ? 
ATOM   69   O  O   A GLU   A 1 7   ? -12.633 0.561   -4.808  0.300 24.639 0 7   GLU   AAA O   1 ? 
ATOM   70   O  O   B GLU   A 1 7   ? -12.392 0.844   -5.113  0.700 26.264 0 7   GLU   AAA O   1 ? 
ATOM   71   C  CB  A GLU   A 1 7   ? -14.002 -2.468  -5.332  0.300 25.735 0 7   GLU   AAA CB  1 ? 
ATOM   72   C  CB  B GLU   A 1 7   ? -14.132 -2.037  -5.194  0.700 32.445 0 7   GLU   AAA CB  1 ? 
ATOM   73   C  CG  A GLU   A 1 7   ? -14.651 -2.159  -3.999  0.300 25.788 0 7   GLU   AAA CG  1 ? 
ATOM   74   C  CG  B GLU   A 1 7   ? -14.634 -1.366  -3.927  0.700 34.869 0 7   GLU   AAA CG  1 ? 
ATOM   75   C  CD  A GLU   A 1 7   ? -15.131 -3.389  -3.255  0.300 25.763 0 7   GLU   AAA CD  1 ? 
ATOM   76   C  CD  B GLU   A 1 7   ? -15.176 -2.291  -2.857  0.700 33.828 0 7   GLU   AAA CD  1 ? 
ATOM   77   O  OE1 A GLU   A 1 7   ? -15.975 -3.239  -2.349  0.300 23.594 0 7   GLU   AAA OE1 1 ? 
ATOM   78   O  OE1 B GLU   A 1 7   ? -15.013 -3.522  -3.009  0.700 39.865 0 7   GLU   AAA OE1 1 ? 
ATOM   79   O  OE2 A GLU   A 1 7   ? -14.674 -4.493  -3.592  0.300 23.337 0 7   GLU   AAA OE2 1 ? 
ATOM   80   O  OE2 B GLU   A 1 7   ? -15.726 -1.765  -1.853  0.700 39.148 0 7   GLU   AAA OE2 1 ? 
ATOM   81   N  N   . LEU   A 1 8   ? -11.191 -1.081  -5.510  1.000 28.379 0 8   LEU   AAA N   1 ? 
ATOM   82   C  CA  . LEU   A 1 8   ? -9.978  -0.526  -4.860  1.000 28.443 0 8   LEU   AAA CA  1 ? 
ATOM   83   C  C   . LEU   A 1 8   ? -9.447  0.683   -5.635  1.000 24.044 0 8   LEU   AAA C   1 ? 
ATOM   84   O  O   . LEU   A 1 8   ? -9.154  1.716   -4.998  1.000 22.876 0 8   LEU   AAA O   1 ? 
ATOM   85   C  CB  . LEU   A 1 8   ? -8.924  -1.607  -4.705  1.000 29.144 0 8   LEU   AAA CB  1 ? 
ATOM   86   C  CG  . LEU   A 1 8   ? -7.735  -1.150  -3.874  1.000 28.627 0 8   LEU   AAA CG  1 ? 
ATOM   87   C  CD1 . LEU   A 1 8   ? -8.144  -0.733  -2.466  1.000 28.248 0 8   LEU   AAA CD1 1 ? 
ATOM   88   C  CD2 . LEU   A 1 8   ? -6.685  -2.224  -3.868  1.000 30.196 0 8   LEU   AAA CD2 1 ? 
ATOM   89   N  N   . ALA   A 1 9   ? -9.468  0.647   -6.968  1.000 27.818 0 9   ALA   AAA N   1 ? 
ATOM   90   C  CA  . ALA   A 1 9   ? -9.139  1.826   -7.813  1.000 29.065 0 9   ALA   AAA CA  1 ? 
ATOM   91   C  C   . ALA   A 1 9   ? -9.987  3.036   -7.389  1.000 27.204 0 9   ALA   AAA C   1 ? 
ATOM   92   O  O   . ALA   A 1 9   ? -9.411  4.128   -7.061  1.000 22.507 0 9   ALA   AAA O   1 ? 
ATOM   93   C  CB  . ALA   A 1 9   ? -9.294  1.472   -9.270  1.000 27.874 0 9   ALA   AAA CB  1 ? 
ATOM   94   N  N   . ALA   A 1 10  ? -11.313 2.891   -7.308  1.000 29.996 0 10  ALA   AAA N   1 ? 
ATOM   95   C  CA  . ALA   A 1 10  ? -12.238 3.962   -6.863  1.000 28.626 0 10  ALA   AAA CA  1 ? 
ATOM   96   C  C   . ALA   A 1 10  ? -11.801 4.516   -5.502  1.000 29.347 0 10  ALA   AAA C   1 ? 
ATOM   97   O  O   . ALA   A 1 10  ? -11.677 5.793   -5.359  1.000 28.841 0 10  ALA   AAA O   1 ? 
ATOM   98   C  CB  . ALA   A 1 10  ? -13.634 3.427   -6.798  1.000 31.728 0 10  ALA   AAA CB  1 ? 
ATOM   99   N  N   . ALA   A 1 11  ? -11.515 3.611   -4.556  1.000 26.802 0 11  ALA   AAA N   1 ? 
ATOM   100  C  CA  . ALA   A 1 11  ? -11.185 3.985   -3.160  1.000 24.989 0 11  ALA   AAA CA  1 ? 
ATOM   101  C  C   . ALA   A 1 11  ? -9.881  4.785   -3.170  1.000 27.152 0 11  ALA   AAA C   1 ? 
ATOM   102  O  O   . ALA   A 1 11  ? -9.816  5.856   -2.556  1.000 29.602 0 11  ALA   AAA O   1 ? 
ATOM   103  C  CB  . ALA   A 1 11  ? -11.135 2.787   -2.239  1.000 28.169 0 11  ALA   AAA CB  1 ? 
ATOM   104  N  N   A MET   A 1 12  ? -8.870  4.282   -3.882  0.500 27.528 0 12  MET   AAA N   1 ? 
ATOM   105  N  N   B MET   A 1 12  ? -8.859  4.284   -3.857  0.500 26.701 0 12  MET   AAA N   1 ? 
ATOM   106  C  CA  A MET   A 1 12  ? -7.521  4.901   -3.940  0.500 27.100 0 12  MET   AAA CA  1 ? 
ATOM   107  C  CA  B MET   A 1 12  ? -7.541  4.961   -3.914  0.500 25.788 0 12  MET   AAA CA  1 ? 
ATOM   108  C  C   A MET   A 1 12  ? -7.646  6.278   -4.606  0.500 26.621 0 12  MET   AAA C   1 ? 
ATOM   109  C  C   B MET   A 1 12  ? -7.732  6.336   -4.536  0.500 25.976 0 12  MET   AAA C   1 ? 
ATOM   110  O  O   A MET   A 1 12  ? -7.003  7.240   -4.125  0.500 26.508 0 12  MET   AAA O   1 ? 
ATOM   111  O  O   B MET   A 1 12  ? -7.190  7.323   -3.980  0.500 25.623 0 12  MET   AAA O   1 ? 
ATOM   112  C  CB  A MET   A 1 12  ? -6.556  3.994   -4.709  0.500 25.239 0 12  MET   AAA CB  1 ? 
ATOM   113  C  CB  B MET   A 1 12  ? -6.574  4.173   -4.786  0.500 22.966 0 12  MET   AAA CB  1 ? 
ATOM   114  C  CG  A MET   A 1 12  ? -6.183  2.712   -3.944  0.500 24.942 0 12  MET   AAA CG  1 ? 
ATOM   115  C  CG  B MET   A 1 12  ? -6.583  2.711   -4.481  0.500 23.334 0 12  MET   AAA CG  1 ? 
ATOM   116  S  SD  A MET   A 1 12  ? -5.262  1.482   -4.929  0.500 23.836 0 12  MET   AAA SD  1 ? 
ATOM   117  S  SD  B MET   A 1 12  ? -4.985  2.080   -4.912  0.500 20.477 0 12  MET   AAA SD  1 ? 
ATOM   118  C  CE  A MET   A 1 12  ? -4.141  0.956   -3.641  0.500 20.069 0 12  MET   AAA CE  1 ? 
ATOM   119  C  CE  B MET   A 1 12  ? -5.408  0.424   -5.455  0.500 13.699 0 12  MET   AAA CE  1 ? 
ATOM   120  N  N   . LYS   A 1 13  ? -8.498  6.391   -5.631  1.000 27.204 0 13  LYS   AAA N   1 ? 
ATOM   121  C  CA  . LYS   A 1 13  ? -8.720  7.656   -6.388  1.000 31.918 0 13  LYS   AAA CA  1 ? 
ATOM   122  C  C   . LYS   A 1 13  ? -9.355  8.687   -5.447  1.000 31.434 0 13  LYS   AAA C   1 ? 
ATOM   123  O  O   . LYS   A 1 13  ? -8.868  9.843   -5.368  1.000 28.805 0 13  LYS   AAA O   1 ? 
ATOM   124  C  CB  . LYS   A 1 13  ? -9.579  7.383   -7.623  1.000 35.277 0 13  LYS   AAA CB  1 ? 
ATOM   125  C  CG  . LYS   A 1 13  ? -9.773  8.583   -8.544  1.000 39.624 0 13  LYS   AAA CG  1 ? 
ATOM   126  C  CD  . LYS   A 1 13  ? -10.008 8.168   -9.981  1.000 45.949 0 13  LYS   AAA CD  1 ? 
ATOM   127  C  CE  . LYS   A 1 13  ? -10.003 9.322   -10.961 1.000 49.738 0 13  LYS   AAA CE  1 ? 
ATOM   128  N  NZ  . LYS   A 1 13  ? -10.796 10.471  -10.461 1.000 52.144 0 13  LYS   AAA NZ  1 ? 
ATOM   129  N  N   . ARG   A 1 14  ? -10.352 8.261   -4.678  1.000 31.073 0 14  ARG   AAA N   1 ? 
ATOM   130  C  CA  . ARG   A 1 14  ? -11.056 9.155   -3.728  1.000 33.772 0 14  ARG   AAA CA  1 ? 
ATOM   131  C  C   . ARG   A 1 14  ? -10.098 9.634   -2.634  1.000 33.041 0 14  ARG   AAA C   1 ? 
ATOM   132  O  O   . ARG   A 1 14  ? -10.263 10.776  -2.187  1.000 31.851 0 14  ARG   AAA O   1 ? 
ATOM   133  C  CB  . ARG   A 1 14  ? -12.236 8.425   -3.104  1.000 35.474 0 14  ARG   AAA CB  1 ? 
ATOM   134  C  CG  . ARG   A 1 14  ? -13.308 9.370   -2.586  1.000 43.171 0 14  ARG   AAA CG  1 ? 
ATOM   135  C  CD  . ARG   A 1 14  ? -13.453 9.356   -1.090  1.000 46.884 0 14  ARG   AAA CD  1 ? 
ATOM   136  N  NE  . ARG   A 1 14  ? -13.882 8.045   -0.631  1.000 49.113 0 14  ARG   AAA NE  1 ? 
ATOM   137  C  CZ  . ARG   A 1 14  ? -14.320 7.799   0.594   1.000 58.367 0 14  ARG   AAA CZ  1 ? 
ATOM   138  N  NH1 . ARG   A 1 14  ? -14.404 8.785   1.478   1.000 58.366 0 14  ARG   AAA NH1 1 ? 
ATOM   139  N  NH2 . ARG   A 1 14  ? -14.663 6.567   0.938   1.000 59.998 0 14  ARG   AAA NH2 1 ? 
ATOM   140  N  N   . HIS   A 1 15  ? -9.149  8.790   -2.205  1.000 33.579 0 15  HIS   AAA N   1 ? 
ATOM   141  C  CA  . HIS   A 1 15  ? -8.208  9.133   -1.104  1.000 31.761 0 15  HIS   AAA CA  1 ? 
ATOM   142  C  C   . HIS   A 1 15  ? -6.983  9.890   -1.646  1.000 32.696 0 15  HIS   AAA C   1 ? 
ATOM   143  O  O   . HIS   A 1 15  ? -6.044  10.103  -0.858  1.000 32.527 0 15  HIS   AAA O   1 ? 
ATOM   144  C  CB  . HIS   A 1 15  ? -7.900  7.892   -0.252  1.000 32.241 0 15  HIS   AAA CB  1 ? 
ATOM   145  C  CG  . HIS   A 1 15  ? -9.086  7.374   0.505   1.000 31.826 0 15  HIS   AAA CG  1 ? 
ATOM   146  N  ND1 . HIS   A 1 15  ? -9.588  8.011   1.631   1.000 36.272 0 15  HIS   AAA ND1 1 ? 
ATOM   147  C  CD2 . HIS   A 1 15  ? -9.874  6.285   0.305   1.000 34.201 0 15  HIS   AAA CD2 1 ? 
ATOM   148  C  CE1 . HIS   A 1 15  ? -10.627 7.333   2.095   1.000 37.411 0 15  HIS   AAA CE1 1 ? 
ATOM   149  N  NE2 . HIS   A 1 15  ? -10.821 6.254   1.301   1.000 35.136 0 15  HIS   AAA NE2 1 ? 
ATOM   150  N  N   . GLY   A 1 16  ? -7.028  10.369  -2.895  1.000 30.590 0 16  GLY   AAA N   1 ? 
ATOM   151  C  CA  . GLY   A 1 16  ? -5.995  11.232  -3.509  1.000 30.272 0 16  GLY   AAA CA  1 ? 
ATOM   152  C  C   . GLY   A 1 16  ? -4.750  10.501  -4.000  1.000 32.192 0 16  GLY   AAA C   1 ? 
ATOM   153  O  O   . GLY   A 1 16  ? -3.739  11.188  -4.155  1.000 31.515 0 16  GLY   AAA O   1 ? 
ATOM   154  N  N   . LEU   A 1 17  ? -4.792  9.190   -4.256  1.000 30.795 0 17  LEU   AAA N   1 ? 
ATOM   155  C  CA  . LEU   A 1 17  ? -3.606  8.411   -4.729  1.000 31.719 0 17  LEU   AAA CA  1 ? 
ATOM   156  C  C   . LEU   A 1 17  ? -3.368  8.671   -6.220  1.000 30.363 0 17  LEU   AAA C   1 ? 
ATOM   157  O  O   . LEU   A 1 17  ? -2.198  8.587   -6.665  1.000 34.406 0 17  LEU   AAA O   1 ? 
ATOM   158  C  CB  . LEU   A 1 17  ? -3.793  6.907   -4.496  1.000 32.543 0 17  LEU   AAA CB  1 ? 
ATOM   159  C  CG  . LEU   A 1 17  ? -3.310  6.352   -3.152  1.000 32.353 0 17  LEU   AAA CG  1 ? 
ATOM   160  C  CD1 . LEU   A 1 17  ? -3.201  4.834   -3.170  1.000 33.671 0 17  LEU   AAA CD1 1 ? 
ATOM   161  C  CD2 . LEU   A 1 17  ? -1.985  6.976   -2.740  1.000 31.240 0 17  LEU   AAA CD2 1 ? 
ATOM   162  N  N   . ASP   A 1 18  ? -4.421  8.988   -6.971  1.000 31.858 0 18  ASP   AAA N   1 ? 
ATOM   163  C  CA  . ASP   A 1 18  ? -4.340  9.107   -8.451  1.000 33.171 0 18  ASP   AAA CA  1 ? 
ATOM   164  C  C   . ASP   A 1 18  ? -3.342  10.209  -8.813  1.000 33.334 0 18  ASP   AAA C   1 ? 
ATOM   165  O  O   . ASP   A 1 18  ? -3.604  11.391  -8.503  1.000 31.922 0 18  ASP   AAA O   1 ? 
ATOM   166  C  CB  . ASP   A 1 18  ? -5.698  9.410   -9.076  1.000 35.006 0 18  ASP   AAA CB  1 ? 
ATOM   167  C  CG  . ASP   A 1 18  ? -5.647  9.319   -10.580 1.000 42.962 0 18  ASP   AAA CG  1 ? 
ATOM   168  O  OD1 . ASP   A 1 18  ? -4.570  8.958   -11.094 1.000 44.107 0 18  ASP   AAA OD1 1 ? 
ATOM   169  O  OD2 . ASP   A 1 18  ? -6.686  9.600   -11.221 1.000 44.403 0 18  ASP   AAA OD2 1 ? 
ATOM   170  N  N   A ASN   A 1 19  ? -2.215  9.827   -9.422  0.500 32.459 0 19  ASN   AAA N   1 ? 
ATOM   171  N  N   B ASN   A 1 19  ? -2.233  9.820   -9.449  0.500 32.361 0 19  ASN   AAA N   1 ? 
ATOM   172  C  CA  A ASN   A 1 19  ? -1.108  10.738  -9.817  0.500 29.778 0 19  ASN   AAA CA  1 ? 
ATOM   173  C  CA  B ASN   A 1 19  ? -1.088  10.690  -9.832  0.500 29.635 0 19  ASN   AAA CA  1 ? 
ATOM   174  C  C   A ASN   A 1 19  ? -0.474  11.368  -8.576  0.500 29.328 0 19  ASN   AAA C   1 ? 
ATOM   175  C  C   B ASN   A 1 19  ? -0.473  11.348  -8.589  0.500 29.281 0 19  ASN   AAA C   1 ? 
ATOM   176  O  O   A ASN   A 1 19  ? 0.206   12.405  -8.732  0.500 30.120 0 19  ASN   AAA O   1 ? 
ATOM   177  O  O   B ASN   A 1 19  ? 0.201   12.385  -8.761  0.500 30.139 0 19  ASN   AAA O   1 ? 
ATOM   178  C  CB  A ASN   A 1 19  ? -1.602  11.801  -10.797 0.500 30.953 0 19  ASN   AAA CB  1 ? 
ATOM   179  C  CB  B ASN   A 1 19  ? -1.497  11.737  -10.871 0.500 31.053 0 19  ASN   AAA CB  1 ? 
ATOM   180  C  CG  A ASN   A 1 19  ? -2.150  11.166  -12.054 0.500 31.567 0 19  ASN   AAA CG  1 ? 
ATOM   181  C  CG  B ASN   A 1 19  ? -0.362  12.078  -11.813 0.500 31.172 0 19  ASN   AAA CG  1 ? 
ATOM   182  O  OD1 A ASN   A 1 19  ? -1.419  10.491  -12.767 0.500 32.771 0 19  ASN   AAA OD1 1 ? 
ATOM   183  O  OD1 B ASN   A 1 19  ? 0.313   11.192  -12.330 0.500 32.086 0 19  ASN   AAA OD1 1 ? 
ATOM   184  N  ND2 A ASN   A 1 19  ? -3.435  11.353  -12.308 0.500 33.182 0 19  ASN   AAA ND2 1 ? 
ATOM   185  N  ND2 B ASN   A 1 19  ? -0.139  13.362  -12.028 0.500 33.731 0 19  ASN   AAA ND2 1 ? 
ATOM   186  N  N   . TYR   A 1 20  ? -0.628  10.743  -7.400  1.000 27.850 0 20  TYR   AAA N   1 ? 
ATOM   187  C  CA  . TYR   A 1 20  ? 0.076   11.187  -6.170  1.000 29.313 0 20  TYR   AAA CA  1 ? 
ATOM   188  C  C   . TYR   A 1 20  ? 1.584   11.011  -6.422  1.000 28.978 0 20  TYR   AAA C   1 ? 
ATOM   189  O  O   . TYR   A 1 20  ? 2.017   9.886   -6.726  1.000 27.123 0 20  TYR   AAA O   1 ? 
ATOM   190  C  CB  . TYR   A 1 20  ? -0.394  10.447  -4.912  1.000 29.420 0 20  TYR   AAA CB  1 ? 
ATOM   191  C  CG  . TYR   A 1 20  ? 0.116   11.112  -3.665  1.000 29.633 0 20  TYR   AAA CG  1 ? 
ATOM   192  C  CD1 . TYR   A 1 20  ? -0.575  12.163  -3.093  1.000 28.143 0 20  TYR   AAA CD1 1 ? 
ATOM   193  C  CD2 . TYR   A 1 20  ? 1.347   10.782  -3.127  1.000 28.120 0 20  TYR   AAA CD2 1 ? 
ATOM   194  C  CE1 . TYR   A 1 20  ? -0.102  12.813  -1.968  1.000 28.201 0 20  TYR   AAA CE1 1 ? 
ATOM   195  C  CE2 . TYR   A 1 20  ? 1.852   11.449  -2.023  1.000 30.453 0 20  TYR   AAA CE2 1 ? 
ATOM   196  C  CZ  . TYR   A 1 20  ? 1.126   12.471  -1.445  1.000 30.158 0 20  TYR   AAA CZ  1 ? 
ATOM   197  O  OH  . TYR   A 1 20  ? 1.597   13.112  -0.345  1.000 34.251 0 20  TYR   AAA OH  1 ? 
ATOM   198  N  N   . ARG   A 1 21  ? 2.348   12.109  -6.330  1.000 30.543 0 21  ARG   AAA N   1 ? 
ATOM   199  C  CA  . ARG   A 1 21  ? 3.782   12.202  -6.720  1.000 31.193 0 21  ARG   AAA CA  1 ? 
ATOM   200  C  C   . ARG   A 1 21  ? 3.994   11.563  -8.102  1.000 27.721 0 21  ARG   AAA C   1 ? 
ATOM   201  O  O   . ARG   A 1 21  ? 5.034   10.935  -8.286  1.000 28.757 0 21  ARG   AAA O   1 ? 
ATOM   202  C  CB  . ARG   A 1 21  ? 4.685   11.534  -5.679  1.000 35.137 0 21  ARG   AAA CB  1 ? 
ATOM   203  C  CG  . ARG   A 1 21  ? 4.664   12.193  -4.309  1.000 40.628 0 21  ARG   AAA CG  1 ? 
ATOM   204  C  CD  . ARG   A 1 21  ? 4.620   13.718  -4.321  1.000 45.982 0 21  ARG   AAA CD  1 ? 
ATOM   205  N  NE  . ARG   A 1 21  ? 4.465   14.267  -2.976  1.000 49.773 0 21  ARG   AAA NE  1 ? 
ATOM   206  C  CZ  . ARG   A 1 21  ? 5.463   14.527  -2.125  1.000 52.309 0 21  ARG   AAA CZ  1 ? 
ATOM   207  N  NH1 . ARG   A 1 21  ? 6.728   14.305  -2.464  1.000 51.686 0 21  ARG   AAA NH1 1 ? 
ATOM   208  N  NH2 . ARG   A 1 21  ? 5.181   15.012  -0.924  1.000 53.016 0 21  ARG   AAA NH2 1 ? 
ATOM   209  N  N   . GLY   A 1 22  ? 3.045   11.720  -9.031  1.000 31.496 0 22  GLY   AAA N   1 ? 
ATOM   210  C  CA  . GLY   A 1 22  ? 3.201   11.365  -10.456 1.000 30.304 0 22  GLY   AAA CA  1 ? 
ATOM   211  C  C   . GLY   A 1 22  ? 2.920   9.900   -10.737 1.000 28.339 0 22  GLY   AAA C   1 ? 
ATOM   212  O  O   . GLY   A 1 22  ? 3.119   9.451   -11.884 1.000 29.722 0 22  GLY   AAA O   1 ? 
ATOM   213  N  N   . TYR   A 1 23  ? 2.463   9.159   -9.731  1.000 26.489 0 23  TYR   AAA N   1 ? 
ATOM   214  C  CA  . TYR   A 1 23  ? 2.151   7.728   -9.906  1.000 25.205 0 23  TYR   AAA CA  1 ? 
ATOM   215  C  C   . TYR   A 1 23  ? 0.686   7.571   -10.239 1.000 27.726 0 23  TYR   AAA C   1 ? 
ATOM   216  O  O   . TYR   A 1 23  ? -0.167  7.829   -9.381  1.000 23.188 0 23  TYR   AAA O   1 ? 
ATOM   217  C  CB  . TYR   A 1 23  ? 2.501   6.891   -8.686  1.000 22.337 0 23  TYR   AAA CB  1 ? 
ATOM   218  C  CG  . TYR   A 1 23  ? 3.979   6.778   -8.526  1.000 19.201 0 23  TYR   AAA CG  1 ? 
ATOM   219  C  CD1 . TYR   A 1 23  ? 4.683   5.782   -9.165  1.000 22.870 0 23  TYR   AAA CD1 1 ? 
ATOM   220  C  CD2 . TYR   A 1 23  ? 4.671   7.662   -7.717  1.000 20.868 0 23  TYR   AAA CD2 1 ? 
ATOM   221  C  CE1 . TYR   A 1 23  ? 6.055   5.692   -9.021  1.000 19.316 0 23  TYR   AAA CE1 1 ? 
ATOM   222  C  CE2 . TYR   A 1 23  ? 6.042   7.586   -7.555  1.000 21.780 0 23  TYR   AAA CE2 1 ? 
ATOM   223  C  CZ  . TYR   A 1 23  ? 6.747   6.571   -8.198  1.000 21.643 0 23  TYR   AAA CZ  1 ? 
ATOM   224  O  OH  . TYR   A 1 23  ? 8.111   6.465   -8.066  1.000 22.099 0 23  TYR   AAA OH  1 ? 
ATOM   225  N  N   . SER   A 1 24  ? 0.444   7.124   -11.464 1.000 30.312 0 24  SER   AAA N   1 ? 
ATOM   226  C  CA  . SER   A 1 24  ? -0.894  6.834   -12.009 1.000 33.491 0 24  SER   AAA CA  1 ? 
ATOM   227  C  C   . SER   A 1 24  ? -1.574  5.819   -11.092 1.000 32.186 0 24  SER   AAA C   1 ? 
ATOM   228  O  O   . SER   A 1 24  ? -0.858  4.993   -10.460 1.000 28.630 0 24  SER   AAA O   1 ? 
ATOM   229  C  CB  . SER   A 1 24  ? -0.790  6.346   -13.423 1.000 36.364 0 24  SER   AAA CB  1 ? 
ATOM   230  O  OG  . SER   A 1 24  ? -0.255  5.028   -13.479 1.000 37.367 0 24  SER   AAA OG  1 ? 
ATOM   231  N  N   . LEU   A 1 25  ? -2.905  5.880   -11.041 1.000 30.059 0 25  LEU   AAA N   1 ? 
ATOM   232  C  CA  . LEU   A 1 25  ? -3.757  4.978   -10.237 1.000 28.610 0 25  LEU   AAA CA  1 ? 
ATOM   233  C  C   . LEU   A 1 25  ? -3.390  3.515   -10.509 1.000 26.570 0 25  LEU   AAA C   1 ? 
ATOM   234  O  O   . LEU   A 1 25  ? -3.340  2.731   -9.571  1.000 23.971 0 25  LEU   AAA O   1 ? 
ATOM   235  C  CB  . LEU   A 1 25  ? -5.221  5.247   -10.594 1.000 30.385 0 25  LEU   AAA CB  1 ? 
ATOM   236  C  CG  . LEU   A 1 25  ? -6.220  4.687   -9.589  1.000 32.149 0 25  LEU   AAA CG  1 ? 
ATOM   237  C  CD1 . LEU   A 1 25  ? -5.991  5.320   -8.212  1.000 32.586 0 25  LEU   AAA CD1 1 ? 
ATOM   238  C  CD2 . LEU   A 1 25  ? -7.649  4.917   -10.084 1.000 34.131 0 25  LEU   AAA CD2 1 ? 
ATOM   239  N  N   . GLY   A 1 26  ? -3.083  3.145   -11.749 1.000 25.144 0 26  GLY   AAA N   1 ? 
ATOM   240  C  CA  . GLY   A 1 26  ? -2.833  1.729   -12.072 1.000 22.477 0 26  GLY   AAA CA  1 ? 
ATOM   241  C  C   . GLY   A 1 26  ? -1.579  1.164   -11.396 1.000 21.404 0 26  GLY   AAA C   1 ? 
ATOM   242  O  O   . GLY   A 1 26  ? -1.541  -0.044  -11.188 1.000 21.065 0 26  GLY   AAA O   1 ? 
ATOM   243  N  N   . ASN   A 1 27  ? -0.562  1.994   -11.169 1.000 22.548 0 27  ASN   AAA N   1 ? 
ATOM   244  C  CA  . ASN   A 1 27  ? 0.644   1.664   -10.359 1.000 21.325 0 27  ASN   AAA CA  1 ? 
ATOM   245  C  C   . ASN   A 1 27  ? 0.203   1.209   -8.968  1.000 20.850 0 27  ASN   AAA C   1 ? 
ATOM   246  O  O   . ASN   A 1 27  ? 0.668   0.117   -8.509  1.000 20.879 0 27  ASN   AAA O   1 ? 
ATOM   247  C  CB  . ASN   A 1 27  ? 1.563   2.858   -10.228 1.000 22.851 0 27  ASN   AAA CB  1 ? 
ATOM   248  C  CG  . ASN   A 1 27  ? 2.329   3.029   -11.514 1.000 25.109 0 27  ASN   AAA CG  1 ? 
ATOM   249  O  OD1 . ASN   A 1 27  ? 3.171   2.196   -11.818 1.000 23.670 0 27  ASN   AAA OD1 1 ? 
ATOM   250  N  ND2 . ASN   A 1 27  ? 1.970   4.051   -12.288 1.000 27.045 0 27  ASN   AAA ND2 1 ? 
ATOM   251  N  N   . TRP   A 1 28  ? -0.727  1.944   -8.359  1.000 20.698 0 28  TRP   AAA N   1 ? 
ATOM   252  C  CA  . TRP   A 1 28  ? -1.153  1.670   -6.971  1.000 22.310 0 28  TRP   AAA CA  1 ? 
ATOM   253  C  C   . TRP   A 1 28  ? -1.933  0.373   -6.920  1.000 20.485 0 28  TRP   AAA C   1 ? 
ATOM   254  O  O   . TRP   A 1 28  ? -1.796  -0.393  -5.975  1.000 21.196 0 28  TRP   AAA O   1 ? 
ATOM   255  C  CB  . TRP   A 1 28  ? -1.977  2.839   -6.463  1.000 22.257 0 28  TRP   AAA CB  1 ? 
ATOM   256  C  CG  . TRP   A 1 28  ? -1.173  4.082   -6.309  1.000 22.714 0 28  TRP   AAA CG  1 ? 
ATOM   257  C  CD1 . TRP   A 1 28  ? -1.180  5.159   -7.141  1.000 22.382 0 28  TRP   AAA CD1 1 ? 
ATOM   258  C  CD2 . TRP   A 1 28  ? -0.192  4.361   -5.304  1.000 23.327 0 28  TRP   AAA CD2 1 ? 
ATOM   259  N  NE1 . TRP   A 1 28  ? -0.294  6.099   -6.716  1.000 25.214 0 28  TRP   AAA NE1 1 ? 
ATOM   260  C  CE2 . TRP   A 1 28  ? 0.348   5.630   -5.598  1.000 21.807 0 28  TRP   AAA CE2 1 ? 
ATOM   261  C  CE3 . TRP   A 1 28  ? 0.288   3.661   -4.182  1.000 20.191 0 28  TRP   AAA CE3 1 ? 
ATOM   262  C  CZ2 . TRP   A 1 28  ? 1.276   6.252   -4.774  1.000 24.031 0 28  TRP   AAA CZ2 1 ? 
ATOM   263  C  CZ3 . TRP   A 1 28  ? 1.227   4.269   -3.382  1.000 24.668 0 28  TRP   AAA CZ3 1 ? 
ATOM   264  C  CH2 . TRP   A 1 28  ? 1.734   5.532   -3.689  1.000 24.937 0 28  TRP   AAA CH2 1 ? 
ATOM   265  N  N   . VAL   A 1 29  ? -2.729  0.097   -7.941  1.000 23.375 0 29  VAL   AAA N   1 ? 
ATOM   266  C  CA  . VAL   A 1 29  ? -3.591  -1.107  -7.976  1.000 21.819 0 29  VAL   AAA CA  1 ? 
ATOM   267  C  C   . VAL   A 1 29  ? -2.715  -2.319  -8.225  1.000 23.050 0 29  VAL   AAA C   1 ? 
ATOM   268  O  O   . VAL   A 1 29  ? -2.920  -3.365  -7.618  1.000 23.164 0 29  VAL   AAA O   1 ? 
ATOM   269  C  CB  . VAL   A 1 29  ? -4.717  -0.942  -9.017  1.000 26.213 0 29  VAL   AAA CB  1 ? 
ATOM   270  C  CG1 . VAL   A 1 29  ? -5.417  -2.245  -9.258  1.000 23.017 0 29  VAL   AAA CG1 1 ? 
ATOM   271  C  CG2 . VAL   A 1 29  ? -5.702  0.154   -8.617  1.000 27.304 0 29  VAL   AAA CG2 1 ? 
ATOM   272  N  N   . CYS   A 1 30  ? -1.715  -2.129  -9.070  1.000 22.499 0 30  CYS   AAA N   1 ? 
ATOM   273  C  CA  . CYS   A 1 30  ? -0.759  -3.195  -9.381  1.000 21.623 0 30  CYS   AAA CA  1 ? 
ATOM   274  C  C   . CYS   A 1 30  ? 0.024   -3.585  -8.113  1.000 17.582 0 30  CYS   AAA C   1 ? 
ATOM   275  O  O   . CYS   A 1 30  ? 0.140   -4.794  -7.867  1.000 17.586 0 30  CYS   AAA O   1 ? 
ATOM   276  C  CB  . CYS   A 1 30  ? 0.170   -2.760  -10.506 1.000 23.686 0 30  CYS   AAA CB  1 ? 
ATOM   277  S  SG  . CYS   A 1 30  ? 1.273   -4.093  -11.027 1.000 23.579 0 30  CYS   AAA SG  1 ? 
ATOM   278  N  N   . ALA   A 1 31  ? 0.468   -2.583  -7.358  1.000 19.955 0 31  ALA   AAA N   1 ? 
ATOM   279  C  CA  . ALA   A 1 31  ? 1.220   -2.773  -6.095  1.000 18.377 0 31  ALA   AAA CA  1 ? 
ATOM   280  C  C   . ALA   A 1 31  ? 0.345   -3.556  -5.116  1.000 18.822 0 31  ALA   AAA C   1 ? 
ATOM   281  O  O   . ALA   A 1 31  ? 0.768   -4.628  -4.632  1.000 18.919 0 31  ALA   AAA O   1 ? 
ATOM   282  C  CB  . ALA   A 1 31  ? 1.650   -1.460  -5.542  1.000 19.457 0 31  ALA   AAA CB  1 ? 
ATOM   283  N  N   . ALA   A 1 32  ? -0.887  -3.082  -4.892  1.000 20.385 0 32  ALA   AAA N   1 ? 
ATOM   284  C  CA  . ALA   A 1 32  ? -1.832  -3.762  -3.988  1.000 20.868 0 32  ALA   AAA CA  1 ? 
ATOM   285  C  C   . ALA   A 1 32  ? -2.075  -5.200  -4.451  1.000 18.920 0 32  ALA   AAA C   1 ? 
ATOM   286  O  O   . ALA   A 1 32  ? -2.153  -6.152  -3.649  1.000 21.634 0 32  ALA   AAA O   1 ? 
ATOM   287  C  CB  . ALA   A 1 32  ? -3.094  -2.978  -3.951  1.000 20.804 0 32  ALA   AAA CB  1 ? 
ATOM   288  N  N   . LYS   A 1 33  ? -2.256  -5.426  -5.751  1.000 18.422 0 33  LYS   AAA N   1 ? 
ATOM   289  C  CA  . LYS   A 1 33  ? -2.477  -6.800  -6.200  1.000 18.848 0 33  LYS   AAA CA  1 ? 
ATOM   290  C  C   . LYS   A 1 33  ? -1.362  -7.723  -5.731  1.000 22.737 0 33  LYS   AAA C   1 ? 
ATOM   291  O  O   . LYS   A 1 33  ? -1.599  -8.816  -5.207  1.000 24.857 0 33  LYS   AAA O   1 ? 
ATOM   292  C  CB  . LYS   A 1 33  ? -2.502  -6.859  -7.727  1.000 23.223 0 33  LYS   AAA CB  1 ? 
ATOM   293  C  CG  . LYS   A 1 33  ? -2.591  -8.280  -8.229  1.000 23.018 0 33  LYS   AAA CG  1 ? 
ATOM   294  C  CD  . LYS   A 1 33  ? -3.950  -8.861  -8.049  1.000 27.049 0 33  LYS   AAA CD  1 ? 
ATOM   295  C  CE  . LYS   A 1 33  ? -3.983  -10.272 -8.587  1.000 26.243 0 33  LYS   AAA CE  1 ? 
ATOM   296  N  NZ  . LYS   A 1 33  ? -5.291  -10.897 -8.287  1.000 29.303 0 33  LYS   AAA NZ  1 ? 
ATOM   297  N  N   . PHE   A 1 34  ? -0.124  -7.362  -6.011  1.000 22.552 0 34  PHE   AAA N   1 ? 
ATOM   298  C  CA  . PHE   A 1 34  ? 0.962   -8.334  -5.769  1.000 23.660 0 34  PHE   AAA CA  1 ? 
ATOM   299  C  C   . PHE   A 1 34  ? 1.416   -8.266  -4.321  1.000 21.490 0 34  PHE   AAA C   1 ? 
ATOM   300  O  O   . PHE   A 1 34  ? 1.989   -9.263  -3.901  1.000 22.282 0 34  PHE   AAA O   1 ? 
ATOM   301  C  CB  . PHE   A 1 34  ? 2.134   -8.133  -6.732  1.000 22.384 0 34  PHE   AAA CB  1 ? 
ATOM   302  C  CG  . PHE   A 1 34  ? 1.781   -8.501  -8.147  1.000 22.409 0 34  PHE   AAA CG  1 ? 
ATOM   303  C  CD1 . PHE   A 1 34  ? 1.296   -9.765  -8.429  1.000 24.233 0 34  PHE   AAA CD1 1 ? 
ATOM   304  C  CD2 . PHE   A 1 34  ? 1.847   -7.558  -9.169  1.000 27.453 0 34  PHE   AAA CD2 1 ? 
ATOM   305  C  CE1 . PHE   A 1 34  ? 0.927   -10.102 -9.722  1.000 26.609 0 34  PHE   AAA CE1 1 ? 
ATOM   306  C  CE2 . PHE   A 1 34  ? 1.518   -7.916  -10.474 1.000 29.281 0 34  PHE   AAA CE2 1 ? 
ATOM   307  C  CZ  . PHE   A 1 34  ? 1.055   -9.184  -10.738 1.000 24.920 0 34  PHE   AAA CZ  1 ? 
ATOM   308  N  N   . GLU   A 1 35  ? 1.123   -7.189  -3.606  1.000 19.951 0 35  GLU   AAA N   1 ? 
ATOM   309  C  CA  . GLU   A 1 35  ? 1.494   -7.114  -2.165  1.000 20.057 0 35  GLU   AAA CA  1 ? 
ATOM   310  C  C   . GLU   A 1 35  ? 0.539   -8.003  -1.358  1.000 20.572 0 35  GLU   AAA C   1 ? 
ATOM   311  O  O   . GLU   A 1 35  ? 0.989   -8.791  -0.494  1.000 20.156 0 35  GLU   AAA O   1 ? 
ATOM   312  C  CB  . GLU   A 1 35  ? 1.452   -5.670  -1.691  1.000 20.462 0 35  GLU   AAA CB  1 ? 
ATOM   313  C  CG  . GLU   A 1 35  ? 2.613   -4.833  -2.159  1.000 21.014 0 35  GLU   AAA CG  1 ? 
ATOM   314  C  CD  . GLU   A 1 35  ? 4.001   -5.229  -1.676  1.000 21.628 0 35  GLU   AAA CD  1 ? 
ATOM   315  O  OE1 . GLU   A 1 35  ? 4.119   -6.134  -0.812  1.000 21.514 0 35  GLU   AAA OE1 1 ? 
ATOM   316  O  OE2 . GLU   A 1 35  ? 4.984   -4.634  -2.214  1.000 22.604 0 35  GLU   AAA OE2 1 ? 
ATOM   317  N  N   . SER   A 1 36  ? -0.757  -7.905  -1.626  1.000 22.318 0 36  SER   AAA N   1 ? 
ATOM   318  C  CA  . SER   A 1 36  ? -1.784  -8.396  -0.682  1.000 24.426 0 36  SER   AAA CA  1 ? 
ATOM   319  C  C   . SER   A 1 36  ? -2.835  -9.239  -1.373  1.000 25.880 0 36  SER   AAA C   1 ? 
ATOM   320  O  O   . SER   A 1 36  ? -3.663  -9.824  -0.649  1.000 26.314 0 36  SER   AAA O   1 ? 
ATOM   321  C  CB  . SER   A 1 36  ? -2.410  -7.233  0.018   1.000 24.372 0 36  SER   AAA CB  1 ? 
ATOM   322  O  OG  . SER   A 1 36  ? -3.274  -6.503  -0.849  1.000 21.950 0 36  SER   AAA OG  1 ? 
ATOM   323  N  N   . ASN   A 1 37  ? -2.868  -9.237  -2.702  1.000 28.691 0 37  ASN   AAA N   1 ? 
ATOM   324  C  CA  . ASN   A 1 37  ? -4.041  -9.754  -3.441  1.000 29.127 0 37  ASN   AAA CA  1 ? 
ATOM   325  C  C   . ASN   A 1 37  ? -5.304  -9.011  -3.006  1.000 22.921 0 37  ASN   AAA C   1 ? 
ATOM   326  O  O   . ASN   A 1 37  ? -6.350  -9.672  -2.927  1.000 31.419 0 37  ASN   AAA O   1 ? 
ATOM   327  C  CB  . ASN   A 1 37  ? -4.195  -11.251 -3.211  1.000 30.017 0 37  ASN   AAA CB  1 ? 
ATOM   328  C  CG  . ASN   A 1 37  ? -4.753  -11.943 -4.431  1.000 36.318 0 37  ASN   AAA CG  1 ? 
ATOM   329  O  OD1 . ASN   A 1 37  ? -5.395  -11.315 -5.273  1.000 38.162 0 37  ASN   AAA OD1 1 ? 
ATOM   330  N  ND2 . ASN   A 1 37  ? -4.508  -13.236 -4.532  1.000 38.342 0 37  ASN   AAA ND2 1 ? 
ATOM   331  N  N   . PHE   A 1 38  ? -5.234  -7.696  -2.783  1.000 24.350 0 38  PHE   AAA N   1 ? 
ATOM   332  C  CA  . PHE   A 1 38  ? -6.358  -6.755  -2.522  1.000 23.752 0 38  PHE   AAA CA  1 ? 
ATOM   333  C  C   . PHE   A 1 38  ? -7.043  -7.027  -1.167  1.000 24.361 0 38  PHE   AAA C   1 ? 
ATOM   334  O  O   . PHE   A 1 38  ? -8.167  -6.518  -0.960  1.000 22.990 0 38  PHE   AAA O   1 ? 
ATOM   335  C  CB  . PHE   A 1 38  ? -7.416  -6.837  -3.632  1.000 25.519 0 38  PHE   AAA CB  1 ? 
ATOM   336  C  CG  . PHE   A 1 38  ? -6.902  -6.541  -5.019  1.000 28.897 0 38  PHE   AAA CG  1 ? 
ATOM   337  C  CD1 . PHE   A 1 38  ? -6.058  -5.465  -5.261  1.000 27.112 0 38  PHE   AAA CD1 1 ? 
ATOM   338  C  CD2 . PHE   A 1 38  ? -7.318  -7.317  -6.087  1.000 30.032 0 38  PHE   AAA CD2 1 ? 
ATOM   339  C  CE1 . PHE   A 1 38  ? -5.623  -5.186  -6.554  1.000 27.144 0 38  PHE   AAA CE1 1 ? 
ATOM   340  C  CE2 . PHE   A 1 38  ? -6.868  -7.051  -7.377  1.000 30.500 0 38  PHE   AAA CE2 1 ? 
ATOM   341  C  CZ  . PHE   A 1 38  ? -6.028  -5.990  -7.608  1.000 29.418 0 38  PHE   AAA CZ  1 ? 
ATOM   342  N  N   . ASN   A 1 39  ? -6.341  -7.730  -0.263  1.000 25.040 0 39  ASN   AAA N   1 ? 
ATOM   343  C  CA  . ASN   A 1 39  ? -6.866  -8.188  1.048   1.000 21.948 0 39  ASN   AAA CA  1 ? 
ATOM   344  C  C   . ASN   A 1 39  ? -6.362  -7.221  2.101   1.000 21.297 0 39  ASN   AAA C   1 ? 
ATOM   345  O  O   . ASN   A 1 39  ? -5.120  -7.248  2.386   1.000 20.541 0 39  ASN   AAA O   1 ? 
ATOM   346  C  CB  . ASN   A 1 39  ? -6.457  -9.623  1.331   1.000 19.824 0 39  ASN   AAA CB  1 ? 
ATOM   347  C  CG  . ASN   A 1 39  ? -6.928  -10.127 2.682   1.000 21.308 0 39  ASN   AAA CG  1 ? 
ATOM   348  O  OD1 . ASN   A 1 39  ? -7.622  -9.398  3.382   1.000 21.965 0 39  ASN   AAA OD1 1 ? 
ATOM   349  N  ND2 . ASN   A 1 39  ? -6.472  -11.315 3.033   1.000 23.326 0 39  ASN   AAA ND2 1 ? 
ATOM   350  N  N   . THR   A 1 40  ? -7.254  -6.432  2.690   1.000 21.121 0 40  THR   AAA N   1 ? 
ATOM   351  C  CA  . THR   A 1 40  ? -6.874  -5.448  3.723   1.000 21.168 0 40  THR   AAA CA  1 ? 
ATOM   352  C  C   . THR   A 1 40  ? -6.279  -6.181  4.938   1.000 19.495 0 40  THR   AAA C   1 ? 
ATOM   353  O  O   . THR   A 1 40  ? -5.537  -5.522  5.633   1.000 21.613 0 40  THR   AAA O   1 ? 
ATOM   354  C  CB  . THR   A 1 40  ? -8.038  -4.558  4.157   1.000 23.121 0 40  THR   AAA CB  1 ? 
ATOM   355  O  OG1 . THR   A 1 40  ? -8.999  -5.391  4.828   1.000 25.009 0 40  THR   AAA OG1 1 ? 
ATOM   356  C  CG2 . THR   A 1 40  ? -8.725  -3.855  3.002   1.000 20.584 0 40  THR   AAA CG2 1 ? 
ATOM   357  N  N   . GLN   A 1 41  ? -6.552  -7.464  5.152   1.000 19.432 0 41  GLN   AAA N   1 ? 
ATOM   358  C  CA  . GLN   A 1 41  ? -6.104  -8.162  6.386   1.000 18.951 0 41  GLN   AAA CA  1 ? 
ATOM   359  C  C   . GLN   A 1 41  ? -4.771  -8.852  6.181   1.000 19.637 0 41  GLN   AAA C   1 ? 
ATOM   360  O  O   . GLN   A 1 41  ? -4.294  -9.463  7.111   1.000 20.605 0 41  GLN   AAA O   1 ? 
ATOM   361  C  CB  . GLN   A 1 41  ? -7.162  -9.153  6.846   1.000 19.229 0 41  GLN   AAA CB  1 ? 
ATOM   362  C  CG  . GLN   A 1 41  ? -8.444  -8.483  7.280   1.000 21.452 0 41  GLN   AAA CG  1 ? 
ATOM   363  C  CD  . GLN   A 1 41  ? -9.317  -9.413  8.075   1.000 25.863 0 41  GLN   AAA CD  1 ? 
ATOM   364  O  OE1 . GLN   A 1 41  ? -9.126  -9.581  9.280   1.000 22.586 0 41  GLN   AAA OE1 1 ? 
ATOM   365  N  NE2 . GLN   A 1 41  ? -10.263 -10.047 7.438   1.000 24.302 0 41  GLN   AAA NE2 1 ? 
ATOM   366  N  N   . ALA   A 1 42  ? -4.207  -8.816  4.993   1.000 18.146 0 42  ALA   AAA N   1 ? 
ATOM   367  C  CA  . ALA   A 1 42  ? -2.895  -9.429  4.729   1.000 19.415 0 42  ALA   AAA CA  1 ? 
ATOM   368  C  C   . ALA   A 1 42  ? -1.829  -8.981  5.751   1.000 17.812 0 42  ALA   AAA C   1 ? 
ATOM   369  O  O   . ALA   A 1 42  ? -1.656  -7.791  5.971   1.000 17.970 0 42  ALA   AAA O   1 ? 
ATOM   370  C  CB  . ALA   A 1 42  ? -2.449  -9.128  3.328   1.000 21.947 0 42  ALA   AAA CB  1 ? 
ATOM   371  N  N   . THR   A 1 43  ? -1.123  -9.957  6.316   1.000 18.948 0 43  THR   AAA N   1 ? 
ATOM   372  C  CA  . THR   A 1 43  ? 0.107   -9.723  7.118   1.000 20.945 0 43  THR   AAA CA  1 ? 
ATOM   373  C  C   . THR   A 1 43  ? 1.190   -10.682 6.663   1.000 21.387 0 43  THR   AAA C   1 ? 
ATOM   374  O  O   . THR   A 1 43  ? 0.866   -11.830 6.277   1.000 22.936 0 43  THR   AAA O   1 ? 
ATOM   375  C  CB  . THR   A 1 43  ? -0.096  -9.914  8.623   1.000 21.739 0 43  THR   AAA CB  1 ? 
ATOM   376  O  OG1 . THR   A 1 43  ? -0.499  -11.262 8.861   1.000 21.773 0 43  THR   AAA OG1 1 ? 
ATOM   377  C  CG2 . THR   A 1 43  ? -1.110  -8.965  9.212   1.000 20.586 0 43  THR   AAA CG2 1 ? 
ATOM   378  N  N   . ASN   A 1 44  ? 2.439   -10.237 6.693   1.000 20.905 0 44  ASN   AAA N   1 ? 
ATOM   379  C  CA  . ASN   A 1 44  ? 3.603   -11.067 6.319   1.000 21.364 0 44  ASN   AAA CA  1 ? 
ATOM   380  C  C   . ASN   A 1 44  ? 4.765   -10.632 7.212   1.000 20.168 0 44  ASN   AAA C   1 ? 
ATOM   381  O  O   . ASN   A 1 44  ? 5.147   -9.458  7.205   1.000 19.611 0 44  ASN   AAA O   1 ? 
ATOM   382  C  CB  . ASN   A 1 44  ? 3.892   -10.995 4.823   1.000 23.791 0 44  ASN   AAA CB  1 ? 
ATOM   383  C  CG  . ASN   A 1 44  ? 2.802   -11.663 4.007   1.000 26.835 0 44  ASN   AAA CG  1 ? 
ATOM   384  O  OD1 . ASN   A 1 44  ? 1.990   -10.993 3.362   1.000 31.508 0 44  ASN   AAA OD1 1 ? 
ATOM   385  N  ND2 . ASN   A 1 44  ? 2.756   -12.987 4.064   1.000 29.631 0 44  ASN   AAA ND2 1 ? 
ATOM   386  N  N   A ARG   A 1 45  ? 5.307   -11.589 7.953   0.500 21.983 0 45  ARG   AAA N   1 ? 
ATOM   387  N  N   B ARG   A 1 45  ? 5.309   -11.587 7.952   0.500 21.484 0 45  ARG   AAA N   1 ? 
ATOM   388  C  CA  A ARG   A 1 45  ? 6.511   -11.407 8.799   0.500 22.684 0 45  ARG   AAA CA  1 ? 
ATOM   389  C  CA  B ARG   A 1 45  ? 6.507   -11.408 8.810   0.500 21.860 0 45  ARG   AAA CA  1 ? 
ATOM   390  C  C   A ARG   A 1 45  ? 7.755   -11.355 7.910   0.500 21.406 0 45  ARG   AAA C   1 ? 
ATOM   391  C  C   B ARG   A 1 45  ? 7.766   -11.374 7.939   0.500 20.961 0 45  ARG   AAA C   1 ? 
ATOM   392  O  O   A ARG   A 1 45  ? 7.893   -12.196 7.013   0.500 24.177 0 45  ARG   AAA O   1 ? 
ATOM   393  O  O   B ARG   A 1 45  ? 7.937   -12.262 7.098   0.500 24.180 0 45  ARG   AAA O   1 ? 
ATOM   394  C  CB  A ARG   A 1 45  ? 6.578   -12.537 9.823   0.500 23.637 0 45  ARG   AAA CB  1 ? 
ATOM   395  C  CB  B ARG   A 1 45  ? 6.538   -12.543 9.830   0.500 21.949 0 45  ARG   AAA CB  1 ? 
ATOM   396  C  CG  A ARG   A 1 45  ? 7.477   -12.207 11.002  0.500 23.799 0 45  ARG   AAA CG  1 ? 
ATOM   397  C  CG  B ARG   A 1 45  ? 7.803   -12.556 10.669  0.500 21.904 0 45  ARG   AAA CG  1 ? 
ATOM   398  C  CD  A ARG   A 1 45  ? 6.696   -11.557 12.110  0.500 24.837 0 45  ARG   AAA CD  1 ? 
ATOM   399  C  CD  B ARG   A 1 45  ? 7.818   -11.457 11.706  0.500 20.781 0 45  ARG   AAA CD  1 ? 
ATOM   400  N  NE  A ARG   A 1 45  ? 7.553   -10.964 13.126  0.500 25.161 0 45  ARG   AAA NE  1 ? 
ATOM   401  N  NE  B ARG   A 1 45  ? 6.486   -10.997 12.070  0.500 20.566 0 45  ARG   AAA NE  1 ? 
ATOM   402  C  CZ  A ARG   A 1 45  ? 7.610   -11.348 14.401  0.500 23.252 0 45  ARG   AAA CZ  1 ? 
ATOM   403  C  CZ  B ARG   A 1 45  ? 5.616   -11.644 12.854  0.500 18.003 0 45  ARG   AAA CZ  1 ? 
ATOM   404  N  NH1 A ARG   A 1 45  ? 6.865   -12.349 14.842  0.500 23.211 0 45  ARG   AAA NH1 1 ? 
ATOM   405  N  NH1 B ARG   A 1 45  ? 5.905   -12.819 13.391  0.500 16.939 0 45  ARG   AAA NH1 1 ? 
ATOM   406  N  NH2 A ARG   A 1 45  ? 8.388   -10.692 15.233  0.500 20.602 0 45  ARG   AAA NH2 1 ? 
ATOM   407  N  NH2 B ARG   A 1 45  ? 4.447   -11.086 13.099  0.500 20.677 0 45  ARG   AAA NH2 1 ? 
ATOM   408  N  N   . ASN   A 1 46  ? 8.621   -10.369 8.136   1.000 19.621 0 46  ASN   AAA N   1 ? 
ATOM   409  C  CA  . ASN   A 1 46  ? 9.911   -10.260 7.422   1.000 21.191 0 46  ASN   AAA CA  1 ? 
ATOM   410  C  C   . ASN   A 1 46  ? 10.962  -11.001 8.259   1.000 23.105 0 46  ASN   AAA C   1 ? 
ATOM   411  O  O   . ASN   A 1 46  ? 10.795  -11.106 9.486   1.000 28.796 0 46  ASN   AAA O   1 ? 
ATOM   412  C  CB  . ASN   A 1 46  ? 10.248  -8.784  7.237   1.000 22.137 0 46  ASN   AAA CB  1 ? 
ATOM   413  C  CG  . ASN   A 1 46  ? 9.143   -8.036  6.538   1.000 24.251 0 46  ASN   AAA CG  1 ? 
ATOM   414  O  OD1 . ASN   A 1 46  ? 8.722   -6.973  6.982   1.000 24.073 0 46  ASN   AAA OD1 1 ? 
ATOM   415  N  ND2 . ASN   A 1 46  ? 8.691   -8.569  5.424   1.000 23.601 0 46  ASN   AAA ND2 1 ? 
ATOM   416  N  N   . THR   A 1 47  ? 12.040  -11.461 7.624   1.000 28.761 0 47  THR   AAA N   1 ? 
ATOM   417  C  CA  . THR   A 1 47  ? 13.157  -12.215 8.273   1.000 29.986 0 47  THR   AAA CA  1 ? 
ATOM   418  C  C   . THR   A 1 47  ? 13.691  -11.409 9.465   1.000 29.606 0 47  THR   AAA C   1 ? 
ATOM   419  O  O   . THR   A 1 47  ? 13.943  -12.016 10.528  1.000 35.773 0 47  THR   AAA O   1 ? 
ATOM   420  C  CB  . THR   A 1 47  ? 14.213  -12.627 7.240   1.000 34.416 0 47  THR   AAA CB  1 ? 
ATOM   421  O  OG1 . THR   A 1 47  ? 14.672  -11.488 6.506   1.000 36.785 0 47  THR   AAA OG1 1 ? 
ATOM   422  C  CG2 . THR   A 1 47  ? 13.679  -13.631 6.239   1.000 37.131 0 47  THR   AAA CG2 1 ? 
ATOM   423  N  N   . ASP   A 1 48  ? 13.777  -10.082 9.324   1.000 27.927 0 48  ASP   AAA N   1 ? 
ATOM   424  C  CA  . ASP   A 1 48  ? 14.310  -9.126  10.338  1.000 31.312 0 48  ASP   AAA CA  1 ? 
ATOM   425  C  C   . ASP   A 1 48  ? 13.357  -8.978  11.538  1.000 29.408 0 48  ASP   AAA C   1 ? 
ATOM   426  O  O   . ASP   A 1 48  ? 13.672  -8.159  12.448  1.000 28.793 0 48  ASP   AAA O   1 ? 
ATOM   427  C  CB  . ASP   A 1 48  ? 14.610  -7.762  9.696   1.000 32.660 0 48  ASP   AAA CB  1 ? 
ATOM   428  C  CG  . ASP   A 1 48  ? 13.378  -7.007  9.227   1.000 37.598 0 48  ASP   AAA CG  1 ? 
ATOM   429  O  OD1 . ASP   A 1 48  ? 12.394  -7.668  8.888   1.000 43.131 0 48  ASP   AAA OD1 1 ? 
ATOM   430  O  OD2 . ASP   A 1 48  ? 13.405  -5.756  9.218   1.000 43.725 0 48  ASP   AAA OD2 1 ? 
ATOM   431  N  N   . GLY   A 1 49  ? 12.180  -9.627  11.530  1.000 26.547 0 49  GLY   AAA N   1 ? 
ATOM   432  C  CA  . GLY   A 1 49  ? 11.220  -9.583  12.650  1.000 28.152 0 49  GLY   AAA CA  1 ? 
ATOM   433  C  C   . GLY   A 1 49  ? 10.137  -8.527  12.470  1.000 23.507 0 49  GLY   AAA C   1 ? 
ATOM   434  O  O   . GLY   A 1 49  ? 9.156   -8.541  13.229  1.000 24.543 0 49  GLY   AAA O   1 ? 
ATOM   435  N  N   . SER   A 1 50  ? 10.294  -7.602  11.536  1.000 23.384 0 50  SER   AAA N   1 ? 
ATOM   436  C  CA  . SER   A 1 50  ? 9.222   -6.637  11.223  1.000 21.831 0 50  SER   AAA CA  1 ? 
ATOM   437  C  C   . SER   A 1 50  ? 8.087   -7.400  10.540  1.000 22.398 0 50  SER   AAA C   1 ? 
ATOM   438  O  O   . SER   A 1 50  ? 8.269   -8.563  10.131  1.000 18.868 0 50  SER   AAA O   1 ? 
ATOM   439  C  CB  . SER   A 1 50  ? 9.719   -5.490  10.372  1.000 21.485 0 50  SER   AAA CB  1 ? 
ATOM   440  O  OG  . SER   A 1 50  ? 10.210  -6.010  9.183   1.000 21.688 0 50  SER   AAA OG  1 ? 
ATOM   441  N  N   . THR   A 1 51  ? 6.954   -6.725  10.406  1.000 18.502 0 51  THR   AAA N   1 ? 
ATOM   442  C  CA  . THR   A 1 51  ? 5.753   -7.276  9.719   1.000 17.349 0 51  THR   AAA CA  1 ? 
ATOM   443  C  C   . THR   A 1 51  ? 5.230   -6.233  8.743   1.000 15.705 0 51  THR   AAA C   1 ? 
ATOM   444  O  O   . THR   A 1 51  ? 5.306   -4.994  8.975   1.000 17.532 0 51  THR   AAA O   1 ? 
ATOM   445  C  CB  . THR   A 1 51  ? 4.685   -7.653  10.748  1.000 18.837 0 51  THR   AAA CB  1 ? 
ATOM   446  O  OG1 . THR   A 1 51  ? 5.291   -8.576  11.652  1.000 19.155 0 51  THR   AAA OG1 1 ? 
ATOM   447  C  CG2 . THR   A 1 51  ? 3.470   -8.358  10.202  1.000 21.193 0 51  THR   AAA CG2 1 ? 
ATOM   448  N  N   . ASP   A 1 52  ? 4.771   -6.736  7.598   1.000 16.977 0 52  ASP   AAA N   1 ? 
ATOM   449  C  CA  . ASP   A 1 52  ? 4.069   -5.904  6.597   1.000 16.524 0 52  ASP   AAA CA  1 ? 
ATOM   450  C  C   . ASP   A 1 52  ? 2.564   -6.082  6.753   1.000 17.185 0 52  ASP   AAA C   1 ? 
ATOM   451  O  O   . ASP   A 1 52  ? 2.108   -7.235  6.951   1.000 18.460 0 52  ASP   AAA O   1 ? 
ATOM   452  C  CB  . ASP   A 1 52  ? 4.472   -6.288  5.184   1.000 17.968 0 52  ASP   AAA CB  1 ? 
ATOM   453  C  CG  . ASP   A 1 52  ? 5.937   -6.117  4.875   1.000 23.733 0 52  ASP   AAA CG  1 ? 
ATOM   454  O  OD1 . ASP   A 1 52  ? 6.598   -5.409  5.623   1.000 22.266 0 52  ASP   AAA OD1 1 ? 
ATOM   455  O  OD2 . ASP   A 1 52  ? 6.343   -6.602  3.819   1.000 26.548 0 52  ASP   AAA OD2 1 ? 
ATOM   456  N  N   . TYR   A 1 53  ? 1.838   -4.973  6.658   1.000 17.006 0 53  TYR   AAA N   1 ? 
ATOM   457  C  CA  . TYR   A 1 53  ? 0.395   -4.889  7.010   1.000 15.473 0 53  TYR   AAA CA  1 ? 
ATOM   458  C  C   . TYR   A 1 53  ? -0.449  -4.333  5.861   1.000 17.130 0 53  TYR   AAA C   1 ? 
ATOM   459  O  O   . TYR   A 1 53  ? -0.167  -3.240  5.408   1.000 17.714 0 53  TYR   AAA O   1 ? 
ATOM   460  C  CB  . TYR   A 1 53  ? 0.211   -3.999  8.240   1.000 16.642 0 53  TYR   AAA CB  1 ? 
ATOM   461  C  CG  . TYR   A 1 53  ? 0.789   -4.586  9.500   1.000 16.680 0 53  TYR   AAA CG  1 ? 
ATOM   462  C  CD1 . TYR   A 1 53  ? 2.090   -4.343  9.853   1.000 16.667 0 53  TYR   AAA CD1 1 ? 
ATOM   463  C  CD2 . TYR   A 1 53  ? 0.032   -5.403  10.318  1.000 18.430 0 53  TYR   AAA CD2 1 ? 
ATOM   464  C  CE1 . TYR   A 1 53  ? 2.655   -4.914  10.989  1.000 16.903 0 53  TYR   AAA CE1 1 ? 
ATOM   465  C  CE2 . TYR   A 1 53  ? 0.563   -5.967  11.468  1.000 19.693 0 53  TYR   AAA CE2 1 ? 
ATOM   466  C  CZ  . TYR   A 1 53  ? 1.889   -5.734  11.799  1.000 18.007 0 53  TYR   AAA CZ  1 ? 
ATOM   467  O  OH  . TYR   A 1 53  ? 2.456   -6.254  12.942  1.000 19.109 0 53  TYR   AAA OH  1 ? 
ATOM   468  N  N   . GLY   A 1 54  ? -1.519  -5.065  5.569   1.000 17.422 0 54  GLY   AAA N   1 ? 
ATOM   469  C  CA  . GLY   A 1 54  ? -2.665  -4.606  4.779   1.000 20.587 0 54  GLY   AAA CA  1 ? 
ATOM   470  C  C   . GLY   A 1 54  ? -2.424  -4.567  3.281   1.000 20.748 0 54  GLY   AAA C   1 ? 
ATOM   471  O  O   . GLY   A 1 54  ? -1.509  -5.156  2.789   1.000 21.314 0 54  GLY   AAA O   1 ? 
ATOM   472  N  N   . ILE   A 1 55  ? -3.293  -3.820  2.616   1.000 22.103 0 55  ILE   AAA N   1 ? 
ATOM   473  C  CA  . ILE   A 1 55  ? -3.453  -3.865  1.146   1.000 24.045 0 55  ILE   AAA CA  1 ? 
ATOM   474  C  C   . ILE   A 1 55  ? -2.125  -3.443  0.474   1.000 23.364 0 55  ILE   AAA C   1 ? 
ATOM   475  O  O   . ILE   A 1 55  ? -1.833  -3.994  -0.558  1.000 20.498 0 55  ILE   AAA O   1 ? 
ATOM   476  C  CB  . ILE   A 1 55  ? -4.713  -3.039  0.784   1.000 30.044 0 55  ILE   AAA CB  1 ? 
ATOM   477  C  CG1 . ILE   A 1 55  ? -5.347  -3.520  -0.515  1.000 33.263 0 55  ILE   AAA CG1 1 ? 
ATOM   478  C  CG2 . ILE   A 1 55  ? -4.463  -1.535  0.810   1.000 28.484 0 55  ILE   AAA CG2 1 ? 
ATOM   479  C  CD1 . ILE   A 1 55  ? -6.835  -3.282  -0.569  1.000 35.749 0 55  ILE   AAA CD1 1 ? 
ATOM   480  N  N   . LEU   A 1 56  ? -1.317  -2.569  1.065   1.000 21.325 0 56  LEU   AAA N   1 ? 
ATOM   481  C  CA  . LEU   A 1 56  ? 0.006   -2.188  0.517   1.000 21.064 0 56  LEU   AAA CA  1 ? 
ATOM   482  C  C   . LEU   A 1 56  ? 1.172   -2.661  1.409   1.000 19.500 0 56  LEU   AAA C   1 ? 
ATOM   483  O  O   . LEU   A 1 56  ? 2.337   -2.245  1.156   1.000 18.219 0 56  LEU   AAA O   1 ? 
ATOM   484  C  CB  . LEU   A 1 56  ? 0.030   -0.672  0.320   1.000 22.728 0 56  LEU   AAA CB  1 ? 
ATOM   485  C  CG  . LEU   A 1 56  ? -0.886  -0.117  -0.777  1.000 25.606 0 56  LEU   AAA CG  1 ? 
ATOM   486  C  CD1 . LEU   A 1 56  ? -0.886  1.397   -0.740  1.000 26.440 0 56  LEU   AAA CD1 1 ? 
ATOM   487  C  CD2 . LEU   A 1 56  ? -0.483  -0.649  -2.148  1.000 28.629 0 56  LEU   AAA CD2 1 ? 
ATOM   488  N  N   . GLN   A 1 57  ? 0.930   -3.592  2.340   1.000 18.229 0 57  GLN   AAA N   1 ? 
ATOM   489  C  CA  . GLN   A 1 57  ? 2.031   -4.356  2.986   1.000 19.411 0 57  GLN   AAA CA  1 ? 
ATOM   490  C  C   . GLN   A 1 57  ? 3.025   -3.340  3.563   1.000 18.805 0 57  GLN   AAA C   1 ? 
ATOM   491  O  O   . GLN   A 1 57  ? 4.268   -3.404  3.312   1.000 18.899 0 57  GLN   AAA O   1 ? 
ATOM   492  C  CB  . GLN   A 1 57  ? 2.559   -5.359  1.962   1.000 17.508 0 57  GLN   AAA CB  1 ? 
ATOM   493  C  CG  . GLN   A 1 57  ? 1.636   -6.555  1.825   1.000 18.704 0 57  GLN   AAA CG  1 ? 
ATOM   494  C  CD  . GLN   A 1 57  ? 1.573   -7.313  3.117   1.000 17.853 0 57  GLN   AAA CD  1 ? 
ATOM   495  O  OE1 . GLN   A 1 57  ? 2.452   -8.146  3.428   1.000 17.678 0 57  GLN   AAA OE1 1 ? 
ATOM   496  N  NE2 . GLN   A 1 57  ? 0.470   -7.106  3.834   1.000 17.918 0 57  GLN   AAA NE2 1 ? 
ATOM   497  N  N   . ILE   A 1 58  ? 2.499   -2.389  4.303   1.000 19.123 0 58  ILE   AAA N   1 ? 
ATOM   498  C  CA  . ILE   A 1 58  ? 3.310   -1.326  4.948   1.000 21.065 0 58  ILE   AAA CA  1 ? 
ATOM   499  C  C   . ILE   A 1 58  ? 4.069   -1.926  6.147   1.000 19.294 0 58  ILE   AAA C   1 ? 
ATOM   500  O  O   . ILE   A 1 58  ? 3.468   -2.721  6.947   1.000 18.369 0 58  ILE   AAA O   1 ? 
ATOM   501  C  CB  . ILE   A 1 58  ? 2.379   -0.158  5.287   1.000 21.286 0 58  ILE   AAA CB  1 ? 
ATOM   502  C  CG1 . ILE   A 1 58  ? 1.891   0.437   3.958   1.000 23.611 0 58  ILE   AAA CG1 1 ? 
ATOM   503  C  CG2 . ILE   A 1 58  ? 2.984   0.868   6.244   1.000 21.809 0 58  ILE   AAA CG2 1 ? 
ATOM   504  C  CD1 . ILE   A 1 58  ? 1.068   1.674   4.110   1.000 25.081 0 58  ILE   AAA CD1 1 ? 
ATOM   505  N  N   . ASN   A 1 59  ? 5.360   -1.596  6.206   1.000 18.944 0 59  ASN   AAA N   1 ? 
ATOM   506  C  CA  . ASN   A 1 59  ? 6.349   -2.307  7.040   1.000 19.990 0 59  ASN   AAA CA  1 ? 
ATOM   507  C  C   . ASN   A 1 59  ? 6.492   -1.596  8.390   1.000 19.514 0 59  ASN   AAA C   1 ? 
ATOM   508  O  O   . ASN   A 1 59  ? 6.812   -0.366  8.426   1.000 21.329 0 59  ASN   AAA O   1 ? 
ATOM   509  C  CB  . ASN   A 1 59  ? 7.612   -2.464  6.208   1.000 21.378 0 59  ASN   AAA CB  1 ? 
ATOM   510  C  CG  A ASN   A 1 59  ? 8.651   -3.320  6.882   0.600 24.410 0 59  ASN   AAA CG  1 ? 
ATOM   511  C  CG  B ASN   A 1 59  ? 8.681   -3.342  6.828   0.400 21.322 0 59  ASN   AAA CG  1 ? 
ATOM   512  O  OD1 A ASN   A 1 59  ? 8.888   -3.151  8.072   0.600 25.376 0 59  ASN   AAA OD1 1 ? 
ATOM   513  O  OD1 B ASN   A 1 59  ? 8.523   -3.872  7.924   0.400 19.118 0 59  ASN   AAA OD1 1 ? 
ATOM   514  N  ND2 A ASN   A 1 59  ? 9.240   -4.234  6.133   0.600 28.432 0 59  ASN   AAA ND2 1 ? 
ATOM   515  N  ND2 B ASN   A 1 59  ? 9.768   -3.527  6.105   0.400 22.764 0 59  ASN   AAA ND2 1 ? 
ATOM   516  N  N   . SER   A 1 60  ? 6.364   -2.376  9.452   1.000 20.768 0 60  SER   AAA N   1 ? 
ATOM   517  C  CA  . SER   A 1 60  ? 6.510   -1.928  10.863  1.000 21.440 0 60  SER   AAA CA  1 ? 
ATOM   518  C  C   . SER   A 1 60  ? 7.936   -1.437  11.182  1.000 23.307 0 60  SER   AAA C   1 ? 
ATOM   519  O  O   . SER   A 1 60  ? 8.071   -0.712  12.209  1.000 24.484 0 60  SER   AAA O   1 ? 
ATOM   520  C  CB  . SER   A 1 60  ? 6.091   -3.022  11.802  1.000 19.552 0 60  SER   AAA CB  1 ? 
ATOM   521  O  OG  . SER   A 1 60  ? 6.917   -4.157  11.713  1.000 20.346 0 60  SER   AAA OG  1 ? 
ATOM   522  N  N   . ARG   A 1 61  ? 8.928   -1.768  10.348  1.000 26.335 0 61  ARG   AAA N   1 ? 
ATOM   523  C  CA  . ARG   A 1 61  ? 10.335  -1.314  10.538  1.000 31.143 0 61  ARG   AAA CA  1 ? 
ATOM   524  C  C   . ARG   A 1 61  ? 10.325  0.215   10.632  1.000 33.010 0 61  ARG   AAA C   1 ? 
ATOM   525  O  O   . ARG   A 1 61  ? 11.028  0.753   11.504  1.000 30.845 0 61  ARG   AAA O   1 ? 
ATOM   526  C  CB  . ARG   A 1 61  ? 11.233  -1.828  9.408   1.000 33.340 0 61  ARG   AAA CB  1 ? 
ATOM   527  C  CG  . ARG   A 1 61  ? 12.682  -1.345  9.450   1.000 37.286 0 61  ARG   AAA CG  1 ? 
ATOM   528  C  CD  . ARG   A 1 61  ? 13.444  -1.714  10.715  1.000 41.796 0 61  ARG   AAA CD  1 ? 
ATOM   529  N  NE  . ARG   A 1 61  ? 13.488  -3.159  10.947  1.000 42.029 0 61  ARG   AAA NE  1 ? 
ATOM   530  C  CZ  . ARG   A 1 61  ? 13.706  -3.751  12.126  1.000 42.445 0 61  ARG   AAA CZ  1 ? 
ATOM   531  N  NH1 . ARG   A 1 61  ? 13.921  -3.032  13.220  1.000 37.801 0 61  ARG   AAA NH1 1 ? 
ATOM   532  N  NH2 . ARG   A 1 61  ? 13.699  -5.074  12.205  1.000 39.323 0 61  ARG   AAA NH2 1 ? 
ATOM   533  N  N   . TRP   A 1 62  ? 9.499   0.878   9.812   1.000 26.898 0 62  TRP   AAA N   1 ? 
ATOM   534  C  CA  . TRP   A 1 62  ? 9.550   2.344   9.609   1.000 29.026 0 62  TRP   AAA CA  1 ? 
ATOM   535  C  C   . TRP   A 1 62  ? 8.219   3.024   9.951   1.000 27.349 0 62  TRP   AAA C   1 ? 
ATOM   536  O  O   . TRP   A 1 62  ? 8.240   4.170   10.420  1.000 26.716 0 62  TRP   AAA O   1 ? 
ATOM   537  C  CB  . TRP   A 1 62  ? 9.971   2.616   8.159   1.000 32.088 0 62  TRP   AAA CB  1 ? 
ATOM   538  C  CG  . TRP   A 1 62  ? 11.337  2.101   7.830   1.000 34.773 0 62  TRP   AAA CG  1 ? 
ATOM   539  C  CD1 . TRP   A 1 62  ? 11.666  1.053   7.018   1.000 38.417 0 62  TRP   AAA CD1 1 ? 
ATOM   540  C  CD2 . TRP   A 1 62  ? 12.574  2.624   8.337   1.000 40.377 0 62  TRP   AAA CD2 1 ? 
ATOM   541  N  NE1 . TRP   A 1 62  ? 13.027  0.898   6.969   1.000 42.516 0 62  TRP   AAA NE1 1 ? 
ATOM   542  C  CE2 . TRP   A 1 62  ? 13.610  1.851   7.770   1.000 44.526 0 62  TRP   AAA CE2 1 ? 
ATOM   543  C  CE3 . TRP   A 1 62  ? 12.901  3.666   9.212   1.000 43.632 0 62  TRP   AAA CE3 1 ? 
ATOM   544  C  CZ2 . TRP   A 1 62  ? 14.956  2.104   8.053   1.000 51.180 0 62  TRP   AAA CZ2 1 ? 
ATOM   545  C  CZ3 . TRP   A 1 62  ? 14.231  3.921   9.483   1.000 45.750 0 62  TRP   AAA CZ3 1 ? 
ATOM   546  C  CH2 . TRP   A 1 62  ? 15.245  3.147   8.909   1.000 48.706 0 62  TRP   AAA CH2 1 ? 
ATOM   547  N  N   . TRP   A 1 63  ? 7.069   2.416   9.650   1.000 25.127 0 63  TRP   AAA N   1 ? 
ATOM   548  C  CA  . TRP   A 1 63  ? 5.870   3.210   9.255   1.000 24.608 0 63  TRP   AAA CA  1 ? 
ATOM   549  C  C   . TRP   A 1 63  ? 4.738   3.124   10.270  1.000 24.498 0 63  TRP   AAA C   1 ? 
ATOM   550  O  O   . TRP   A 1 63  ? 3.906   4.025   10.306  1.000 24.535 0 63  TRP   AAA O   1 ? 
ATOM   551  C  CB  . TRP   A 1 63  ? 5.404   2.843   7.840   1.000 24.843 0 63  TRP   AAA CB  1 ? 
ATOM   552  C  CG  . TRP   A 1 63  ? 6.480   3.047   6.819   1.000 25.651 0 63  TRP   AAA CG  1 ? 
ATOM   553  C  CD1 . TRP   A 1 63  ? 7.146   2.092   6.110   1.000 25.693 0 63  TRP   AAA CD1 1 ? 
ATOM   554  C  CD2 . TRP   A 1 63  ? 7.075   4.306   6.433   1.000 25.569 0 63  TRP   AAA CD2 1 ? 
ATOM   555  N  NE1 . TRP   A 1 63  ? 8.093   2.660   5.306   1.000 25.713 0 63  TRP   AAA NE1 1 ? 
ATOM   556  C  CE2 . TRP   A 1 63  ? 8.062   4.023   5.470   1.000 26.106 0 63  TRP   AAA CE2 1 ? 
ATOM   557  C  CE3 . TRP   A 1 63  ? 6.846   5.641   6.780   1.000 24.984 0 63  TRP   AAA CE3 1 ? 
ATOM   558  C  CZ2 . TRP   A 1 63  ? 8.834   5.027   4.882   1.000 25.139 0 63  TRP   AAA CZ2 1 ? 
ATOM   559  C  CZ3 . TRP   A 1 63  ? 7.612   6.628   6.201   1.000 24.485 0 63  TRP   AAA CZ3 1 ? 
ATOM   560  C  CH2 . TRP   A 1 63  ? 8.595   6.321   5.270   1.000 25.162 0 63  TRP   AAA CH2 1 ? 
ATOM   561  N  N   . CYS   A 1 64  ? 4.695   2.067   11.072  1.000 22.456 0 64  CYS   AAA N   1 ? 
ATOM   562  C  CA  . CYS   A 1 64  ? 3.587   1.873   12.035  1.000 22.753 0 64  CYS   AAA CA  1 ? 
ATOM   563  C  C   . CYS   A 1 64  ? 4.108   1.141   13.262  1.000 20.861 0 64  CYS   AAA C   1 ? 
ATOM   564  O  O   . CYS   A 1 64  ? 5.170   0.530   13.154  1.000 23.690 0 64  CYS   AAA O   1 ? 
ATOM   565  C  CB  . CYS   A 1 64  ? 2.411   1.113   11.440  1.000 21.135 0 64  CYS   AAA CB  1 ? 
ATOM   566  S  SG  . CYS   A 1 64  ? 2.809   -0.542  10.814  1.000 21.530 0 64  CYS   AAA SG  1 ? 
ATOM   567  N  N   . ASN   A 1 65  ? 3.371   1.235   14.373  1.000 21.895 0 65  ASN   AAA N   1 ? 
ATOM   568  C  CA  . ASN   A 1 65  ? 3.806   0.565   15.619  1.000 25.600 0 65  ASN   AAA CA  1 ? 
ATOM   569  C  C   . ASN   A 1 65  ? 2.964   -0.695  15.808  1.000 23.064 0 65  ASN   AAA C   1 ? 
ATOM   570  O  O   . ASN   A 1 65  ? 1.719   -0.568  15.849  1.000 23.092 0 65  ASN   AAA O   1 ? 
ATOM   571  C  CB  . ASN   A 1 65  ? 3.729   1.481   16.836  1.000 25.790 0 65  ASN   AAA CB  1 ? 
ATOM   572  C  CG  . ASN   A 1 65  ? 4.118   0.709   18.067  1.000 28.114 0 65  ASN   AAA CG  1 ? 
ATOM   573  O  OD1 . ASN   A 1 65  ? 5.251   0.230   18.134  1.000 30.618 0 65  ASN   AAA OD1 1 ? 
ATOM   574  N  ND2 . ASN   A 1 65  ? 3.153   0.485   18.938  1.000 30.373 0 65  ASN   AAA ND2 1 ? 
ATOM   575  N  N   . ASP   A 1 66  ? 3.623   -1.843  15.946  1.000 20.930 0 66  ASP   AAA N   1 ? 
ATOM   576  C  CA  . ASP   A 1 66  ? 2.955   -3.138  16.265  1.000 21.264 0 66  ASP   AAA CA  1 ? 
ATOM   577  C  C   . ASP   A 1 66  ? 3.425   -3.677  17.631  1.000 25.837 0 66  ASP   AAA C   1 ? 
ATOM   578  O  O   . ASP   A 1 66  ? 2.967   -4.750  18.019  1.000 25.007 0 66  ASP   AAA O   1 ? 
ATOM   579  C  CB  . ASP   A 1 66  ? 3.130   -4.148  15.134  1.000 19.758 0 66  ASP   AAA CB  1 ? 
ATOM   580  C  CG  . ASP   A 1 66  ? 4.542   -4.640  14.875  1.000 20.884 0 66  ASP   AAA CG  1 ? 
ATOM   581  O  OD1 . ASP   A 1 66  ? 5.484   -4.258  15.617  1.000 23.358 0 66  ASP   AAA OD1 1 ? 
ATOM   582  O  OD2 . ASP   A 1 66  ? 4.709   -5.444  13.930  1.000 18.649 0 66  ASP   AAA OD2 1 ? 
ATOM   583  N  N   . GLY   A 1 67  ? 4.246   -2.942  18.363  1.000 27.386 0 67  GLY   AAA N   1 ? 
ATOM   584  C  CA  . GLY   A 1 67  ? 4.630   -3.351  19.732  1.000 27.036 0 67  GLY   AAA CA  1 ? 
ATOM   585  C  C   . GLY   A 1 67  ? 5.601   -4.515  19.756  1.000 29.307 0 67  GLY   AAA C   1 ? 
ATOM   586  O  O   . GLY   A 1 67  ? 5.865   -5.024  20.872  1.000 32.596 0 67  GLY   AAA O   1 ? 
ATOM   587  N  N   A ARG   A 1 68  ? 6.167   -4.910  18.611  0.500 28.214 0 68  ARG   AAA N   1 ? 
ATOM   588  N  N   B ARG   A 1 68  ? 6.099   -4.964  18.587  0.500 28.548 0 68  ARG   AAA N   1 ? 
ATOM   589  C  CA  A ARG   A 1 68  ? 7.061   -6.095  18.551  0.500 27.741 0 68  ARG   AAA CA  1 ? 
ATOM   590  C  CA  B ARG   A 1 68  ? 6.973   -6.170  18.459  0.500 28.300 0 68  ARG   AAA CA  1 ? 
ATOM   591  C  C   A ARG   A 1 68  ? 8.014   -6.044  17.348  0.500 27.913 0 68  ARG   AAA C   1 ? 
ATOM   592  C  C   B ARG   A 1 68  ? 7.985   -6.054  17.302  0.500 28.131 0 68  ARG   AAA C   1 ? 
ATOM   593  O  O   A ARG   A 1 68  ? 8.397   -7.131  16.834  0.500 28.958 0 68  ARG   AAA O   1 ? 
ATOM   594  O  O   B ARG   A 1 68  ? 8.402   -7.124  16.773  0.500 28.516 0 68  ARG   AAA O   1 ? 
ATOM   595  C  CB  A ARG   A 1 68  ? 6.189   -7.348  18.543  0.500 27.574 0 68  ARG   AAA CB  1 ? 
ATOM   596  C  CB  B ARG   A 1 68  ? 6.117   -7.440  18.348  0.500 29.312 0 68  ARG   AAA CB  1 ? 
ATOM   597  C  CG  A ARG   A 1 68  ? 5.492   -7.578  17.217  0.500 28.271 0 68  ARG   AAA CG  1 ? 
ATOM   598  C  CG  B ARG   A 1 68  ? 5.056   -7.436  17.254  0.500 30.908 0 68  ARG   AAA CG  1 ? 
ATOM   599  C  CD  A ARG   A 1 68  ? 5.509   -9.052  16.956  0.500 28.683 0 68  ARG   AAA CD  1 ? 
ATOM   600  C  CD  B ARG   A 1 68  ? 5.397   -8.397  16.130  0.500 32.107 0 68  ARG   AAA CD  1 ? 
ATOM   601  N  NE  A ARG   A 1 68  ? 5.249   -9.260  15.559  0.500 27.029 0 68  ARG   AAA NE  1 ? 
ATOM   602  N  NE  B ARG   A 1 68  ? 5.773   -9.718  16.605  0.500 36.728 0 68  ARG   AAA NE  1 ? 
ATOM   603  C  CZ  A ARG   A 1 68  ? 4.510   -10.250 15.098  0.500 27.948 0 68  ARG   AAA CZ  1 ? 
ATOM   604  C  CZ  B ARG   A 1 68  ? 6.729   -10.466 16.071  0.500 33.641 0 68  ARG   AAA CZ  1 ? 
ATOM   605  N  NH1 A ARG   A 1 68  ? 3.984   -11.109 15.952  0.500 27.268 0 68  ARG   AAA NH1 1 ? 
ATOM   606  N  NH1 B ARG   A 1 68  ? 7.424   -10.022 15.044  0.500 35.267 0 68  ARG   AAA NH1 1 ? 
ATOM   607  N  NH2 A ARG   A 1 68  ? 4.288   -10.358 13.804  0.500 23.954 0 68  ARG   AAA NH2 1 ? 
ATOM   608  N  NH2 B ARG   A 1 68  ? 6.987   -11.660 16.560  0.500 33.501 0 68  ARG   AAA NH2 1 ? 
ATOM   609  N  N   . THR   A 1 69  ? 8.455   -4.843  16.966  1.000 27.501 0 69  THR   AAA N   1 ? 
ATOM   610  C  CA  . THR   A 1 69  ? 9.562   -4.652  15.997  1.000 26.644 0 69  THR   AAA CA  1 ? 
ATOM   611  C  C   . THR   A 1 69  ? 10.661  -3.857  16.696  1.000 27.748 0 69  THR   AAA C   1 ? 
ATOM   612  O  O   . THR   A 1 69  ? 10.697  -2.638  16.616  1.000 28.098 0 69  THR   AAA O   1 ? 
ATOM   613  C  CB  . THR   A 1 69  ? 9.083   -4.007  14.687  1.000 26.911 0 69  THR   AAA CB  1 ? 
ATOM   614  O  OG1 . THR   A 1 69  ? 7.855   -4.675  14.357  1.000 24.104 0 69  THR   AAA OG1 1 ? 
ATOM   615  C  CG2 . THR   A 1 69  ? 10.136  -4.114  13.603  1.000 25.717 0 69  THR   AAA CG2 1 ? 
ATOM   616  N  N   . PRO   A 1 70  ? 11.545  -4.524  17.465  1.000 33.011 0 70  PRO   AAA N   1 ? 
ATOM   617  C  CA  . PRO   A 1 70  ? 12.643  -3.843  18.150  1.000 32.238 0 70  PRO   AAA CA  1 ? 
ATOM   618  C  C   . PRO   A 1 70  ? 13.442  -2.922  17.231  1.000 32.995 0 70  PRO   AAA C   1 ? 
ATOM   619  O  O   . PRO   A 1 70  ? 13.812  -3.339  16.135  1.000 33.916 0 70  PRO   AAA O   1 ? 
ATOM   620  C  CB  . PRO   A 1 70  ? 13.543  -5.009  18.605  1.000 34.333 0 70  PRO   AAA CB  1 ? 
ATOM   621  C  CG  . PRO   A 1 70  ? 12.572  -6.137  18.848  1.000 32.182 0 70  PRO   AAA CG  1 ? 
ATOM   622  C  CD  . PRO   A 1 70  ? 11.522  -5.965  17.763  1.000 32.947 0 70  PRO   AAA CD  1 ? 
ATOM   623  N  N   . GLY   A 1 71  ? 13.667  -1.700  17.705  1.000 29.254 0 71  GLY   AAA N   1 ? 
ATOM   624  C  CA  . GLY   A 1 71  ? 14.523  -0.704  17.046  1.000 32.174 0 71  GLY   AAA CA  1 ? 
ATOM   625  C  C   . GLY   A 1 71  ? 13.789  0.009   15.924  1.000 35.087 0 71  GLY   AAA C   1 ? 
ATOM   626  O  O   . GLY   A 1 71  ? 14.473  0.629   15.126  1.000 35.394 0 71  GLY   AAA O   1 ? 
ATOM   627  N  N   . SER   A 1 72  ? 12.448  -0.038  15.892  1.000 35.472 0 72  SER   AAA N   1 ? 
ATOM   628  C  CA  . SER   A 1 72  ? 11.617  0.440   14.754  1.000 37.945 0 72  SER   AAA CA  1 ? 
ATOM   629  C  C   . SER   A 1 72  ? 11.059  1.845   15.023  1.000 40.358 0 72  SER   AAA C   1 ? 
ATOM   630  O  O   . SER   A 1 72  ? 10.795  2.186   16.196  1.000 42.148 0 72  SER   AAA O   1 ? 
ATOM   631  C  CB  . SER   A 1 72  ? 10.510  -0.534  14.471  1.000 33.324 0 72  SER   AAA CB  1 ? 
ATOM   632  O  OG  . SER   A 1 72  ? 9.443   -0.361  15.382  1.000 34.674 0 72  SER   AAA OG  1 ? 
ATOM   633  N  N   . ARG   A 1 73  ? 10.838  2.619   13.957  1.000 41.301 0 73  ARG   AAA N   1 ? 
ATOM   634  C  CA  . ARG   A 1 73  ? 10.149  3.931   14.017  1.000 43.492 0 73  ARG   AAA CA  1 ? 
ATOM   635  C  C   . ARG   A 1 73  ? 8.671   3.679   13.713  1.000 34.519 0 73  ARG   AAA C   1 ? 
ATOM   636  O  O   . ARG   A 1 73  ? 8.345   2.564   13.296  1.000 37.041 0 73  ARG   AAA O   1 ? 
ATOM   637  C  CB  . ARG   A 1 73  ? 10.807  4.922   13.050  1.000 45.783 0 73  ARG   AAA CB  1 ? 
ATOM   638  C  CG  . ARG   A 1 73  ? 12.095  5.541   13.580  1.000 55.850 0 73  ARG   AAA CG  1 ? 
ATOM   639  C  CD  . ARG   A 1 73  ? 11.974  7.010   13.992  1.000 64.823 0 73  ARG   AAA CD  1 ? 
ATOM   640  N  NE  . ARG   A 1 73  ? 12.589  7.946   13.042  1.000 71.675 0 73  ARG   AAA NE  1 ? 
ATOM   641  C  CZ  . ARG   A 1 73  ? 12.611  9.282   13.155  1.000 77.677 0 73  ARG   AAA CZ  1 ? 
ATOM   642  N  NH1 . ARG   A 1 73  ? 12.055  9.897   14.189  1.000 78.262 0 73  ARG   AAA NH1 1 ? 
ATOM   643  N  NH2 . ARG   A 1 73  ? 13.197  10.009  12.218  1.000 80.671 0 73  ARG   AAA NH2 1 ? 
ATOM   644  N  N   . ASN   A 1 74  ? 7.826   4.655   14.018  1.000 31.551 0 74  ASN   AAA N   1 ? 
ATOM   645  C  CA  . ASN   A 1 74  ? 6.392   4.737   13.641  1.000 29.454 0 74  ASN   AAA CA  1 ? 
ATOM   646  C  C   . ASN   A 1 74  ? 6.231   6.053   12.887  1.000 29.498 0 74  ASN   AAA C   1 ? 
ATOM   647  O  O   . ASN   A 1 74  ? 5.719   6.997   13.507  1.000 32.014 0 74  ASN   AAA O   1 ? 
ATOM   648  C  CB  . ASN   A 1 74  ? 5.521   4.635   14.901  1.000 29.835 0 74  ASN   AAA CB  1 ? 
ATOM   649  C  CG  . ASN   A 1 74  ? 4.027   4.761   14.685  1.000 29.505 0 74  ASN   AAA CG  1 ? 
ATOM   650  O  OD1 . ASN   A 1 74  ? 3.529   4.742   13.565  1.000 31.494 0 74  ASN   AAA OD1 1 ? 
ATOM   651  N  ND2 . ASN   A 1 74  ? 3.271   4.879   15.767  1.000 30.328 0 74  ASN   AAA ND2 1 ? 
ATOM   652  N  N   . LEU   A 1 75  ? 6.675   6.126   11.626  1.000 27.877 0 75  LEU   AAA N   1 ? 
ATOM   653  C  CA  . LEU   A 1 75  ? 6.753   7.448   10.940  1.000 30.789 0 75  LEU   AAA CA  1 ? 
ATOM   654  C  C   . LEU   A 1 75  ? 5.353   7.882   10.524  1.000 28.848 0 75  LEU   AAA C   1 ? 
ATOM   655  O  O   . LEU   A 1 75  ? 5.137   9.084   10.256  1.000 36.372 0 75  LEU   AAA O   1 ? 
ATOM   656  C  CB  . LEU   A 1 75  ? 7.738   7.384   9.773   1.000 29.998 0 75  LEU   AAA CB  1 ? 
ATOM   657  C  CG  . LEU   A 1 75  ? 9.210   7.386   10.199  1.000 33.586 0 75  LEU   AAA CG  1 ? 
ATOM   658  C  CD1 . LEU   A 1 75  ? 10.116  7.131   9.016   1.000 33.411 0 75  LEU   AAA CD1 1 ? 
ATOM   659  C  CD2 . LEU   A 1 75  ? 9.583   8.689   10.892  1.000 31.785 0 75  LEU   AAA CD2 1 ? 
ATOM   660  N  N   . CYS   A 1 76  ? 4.404   6.949   10.495  1.000 28.957 0 76  CYS   AAA N   1 ? 
ATOM   661  C  CA  . CYS   A 1 76  ? 3.003   7.255   10.128  1.000 28.101 0 76  CYS   AAA CA  1 ? 
ATOM   662  C  C   . CYS   A 1 76  ? 2.174   7.523   11.388  1.000 27.602 0 76  CYS   AAA C   1 ? 
ATOM   663  O  O   . CYS   A 1 76  ? 0.995   7.877   11.245  1.000 31.492 0 76  CYS   AAA O   1 ? 
ATOM   664  C  CB  . CYS   A 1 76  ? 2.407   6.180   9.232   1.000 30.086 0 76  CYS   AAA CB  1 ? 
ATOM   665  S  SG  . CYS   A 1 76  ? 3.064   6.229   7.542   1.000 29.042 0 76  CYS   AAA SG  1 ? 
ATOM   666  N  N   . ASN   A 1 77  ? 2.790   7.387   12.561  1.000 30.694 0 77  ASN   AAA N   1 ? 
ATOM   667  C  CA  . ASN   A 1 77  ? 2.167   7.665   13.883  1.000 32.393 0 77  ASN   AAA CA  1 ? 
ATOM   668  C  C   . ASN   A 1 77  ? 0.804   6.961   13.991  1.000 31.971 0 77  ASN   AAA C   1 ? 
ATOM   669  O  O   . ASN   A 1 77  ? -0.188  7.609   14.366  1.000 32.215 0 77  ASN   AAA O   1 ? 
ATOM   670  C  CB  . ASN   A 1 77  ? 2.105   9.183   14.123  1.000 36.144 0 77  ASN   AAA CB  1 ? 
ATOM   671  C  CG  . ASN   A 1 77  ? 3.268   9.669   14.955  1.000 44.519 0 77  ASN   AAA CG  1 ? 
ATOM   672  O  OD1 . ASN   A 1 77  ? 3.199   9.649   16.183  1.000 57.153 0 77  ASN   AAA OD1 1 ? 
ATOM   673  N  ND2 . ASN   A 1 77  ? 4.346   10.072  14.304  1.000 47.954 0 77  ASN   AAA ND2 1 ? 
ATOM   674  N  N   . ILE   A 1 78  ? 0.764   5.647   13.724  1.000 30.738 0 78  ILE   AAA N   1 ? 
ATOM   675  C  CA  . ILE   A 1 78  ? -0.471  4.808   13.830  1.000 27.628 0 78  ILE   AAA CA  1 ? 
ATOM   676  C  C   . ILE   A 1 78  ? -0.099  3.434   14.365  1.000 26.504 0 78  ILE   AAA C   1 ? 
ATOM   677  O  O   . ILE   A 1 78  ? 1.006   2.959   14.120  1.000 28.859 0 78  ILE   AAA O   1 ? 
ATOM   678  C  CB  . ILE   A 1 78  ? -1.199  4.598   12.489  1.000 27.588 0 78  ILE   AAA CB  1 ? 
ATOM   679  C  CG1 . ILE   A 1 78  ? -0.210  4.181   11.398  1.000 26.311 0 78  ILE   AAA CG1 1 ? 
ATOM   680  C  CG2 . ILE   A 1 78  ? -2.067  5.800   12.112  1.000 30.460 0 78  ILE   AAA CG2 1 ? 
ATOM   681  C  CD1 . ILE   A 1 78  ? -0.830  3.617   10.156  1.000 28.046 0 78  ILE   AAA CD1 1 ? 
ATOM   682  N  N   . PRO   A 1 79  ? -1.041  2.739   15.031  1.000 26.736 0 79  PRO   AAA N   1 ? 
ATOM   683  C  CA  . PRO   A 1 79  ? -0.890  1.305   15.253  1.000 23.696 0 79  PRO   AAA CA  1 ? 
ATOM   684  C  C   . PRO   A 1 79  ? -0.942  0.599   13.893  1.000 24.266 0 79  PRO   AAA C   1 ? 
ATOM   685  O  O   . PRO   A 1 79  ? -1.758  0.955   13.083  1.000 25.355 0 79  PRO   AAA O   1 ? 
ATOM   686  C  CB  . PRO   A 1 79  ? -2.079  0.888   16.140  1.000 22.643 0 79  PRO   AAA CB  1 ? 
ATOM   687  C  CG  . PRO   A 1 79  ? -3.101  1.988   15.954  1.000 24.673 0 79  PRO   AAA CG  1 ? 
ATOM   688  C  CD  . PRO   A 1 79  ? -2.349  3.228   15.490  1.000 24.859 0 79  PRO   AAA CD  1 ? 
ATOM   689  N  N   . CYS   A 1 80  ? -0.120  -0.419  13.686  1.000 22.495 0 80  CYS   AAA N   1 ? 
ATOM   690  C  CA  . CYS   A 1 80  ? -0.138  -1.223  12.435  1.000 21.249 0 80  CYS   AAA CA  1 ? 
ATOM   691  C  C   . CYS   A 1 80  ? -1.502  -1.870  12.187  1.000 21.539 0 80  CYS   AAA C   1 ? 
ATOM   692  O  O   . CYS   A 1 80  ? -1.851  -2.027  11.004  1.000 20.636 0 80  CYS   AAA O   1 ? 
ATOM   693  C  CB  . CYS   A 1 80  ? 0.885   -2.325  12.519  1.000 21.325 0 80  CYS   AAA CB  1 ? 
ATOM   694  S  SG  . CYS   A 1 80  ? 2.566   -1.682  12.538  1.000 21.037 0 80  CYS   AAA SG  1 ? 
ATOM   695  N  N   . SER   A 1 81  ? -2.266  -2.221  13.223  1.000 21.971 0 81  SER   AAA N   1 ? 
ATOM   696  C  CA  . SER   A 1 81  ? -3.631  -2.790  13.106  1.000 22.469 0 81  SER   AAA CA  1 ? 
ATOM   697  C  C   . SER   A 1 81  ? -4.569  -1.872  12.307  1.000 25.689 0 81  SER   AAA C   1 ? 
ATOM   698  O  O   . SER   A 1 81  ? -5.433  -2.364  11.613  1.000 24.860 0 81  SER   AAA O   1 ? 
ATOM   699  C  CB  . SER   A 1 81  ? -4.192  -3.039  14.469  1.000 25.097 0 81  SER   AAA CB  1 ? 
ATOM   700  O  OG  . SER   A 1 81  ? -4.436  -1.798  15.112  1.000 23.379 0 81  SER   AAA OG  1 ? 
ATOM   701  N  N   . ALA   A 1 82  ? -4.416  -0.559  12.415  1.000 25.051 0 82  ALA   AAA N   1 ? 
ATOM   702  C  CA  . ALA   A 1 82  ? -5.181  0.437   11.626  1.000 25.604 0 82  ALA   AAA CA  1 ? 
ATOM   703  C  C   . ALA   A 1 82  ? -4.990  0.172   10.131  1.000 25.114 0 82  ALA   AAA C   1 ? 
ATOM   704  O  O   . ALA   A 1 82  ? -5.831  0.609   9.319   1.000 27.459 0 82  ALA   AAA O   1 ? 
ATOM   705  C  CB  . ALA   A 1 82  ? -4.748  1.831   12.002  1.000 26.395 0 82  ALA   AAA CB  1 ? 
ATOM   706  N  N   . LEU   A 1 83  ? -3.886  -0.457  9.733   1.000 21.120 0 83  LEU   AAA N   1 ? 
ATOM   707  C  CA  . LEU   A 1 83  ? -3.631  -0.744  8.300   1.000 20.987 0 83  LEU   AAA CA  1 ? 
ATOM   708  C  C   . LEU   A 1 83  ? -4.335  -2.034  7.850   1.000 21.733 0 83  LEU   AAA C   1 ? 
ATOM   709  O  O   . LEU   A 1 83  ? -4.213  -2.373  6.642   1.000 20.644 0 83  LEU   AAA O   1 ? 
ATOM   710  C  CB  . LEU   A 1 83  ? -2.121  -0.844  8.068   1.000 21.290 0 83  LEU   AAA CB  1 ? 
ATOM   711  C  CG  . LEU   A 1 83  ? -1.280  0.365   8.461   1.000 21.912 0 83  LEU   AAA CG  1 ? 
ATOM   712  C  CD1 . LEU   A 1 83  ? 0.197   -0.003  8.506   1.000 24.385 0 83  LEU   AAA CD1 1 ? 
ATOM   713  C  CD2 . LEU   A 1 83  ? -1.511  1.518   7.499   1.000 23.316 0 83  LEU   AAA CD2 1 ? 
ATOM   714  N  N   . LEU   A 1 84  ? -5.104  -2.731  8.696   1.000 22.045 0 84  LEU   AAA N   1 ? 
ATOM   715  C  CA  . LEU   A 1 84  ? -5.854  -3.963  8.314   1.000 22.199 0 84  LEU   AAA CA  1 ? 
ATOM   716  C  C   . LEU   A 1 84  ? -7.363  -3.695  8.185   1.000 25.019 0 84  LEU   AAA C   1 ? 
ATOM   717  O  O   . LEU   A 1 84  ? -8.117  -4.666  7.889   1.000 24.923 0 84  LEU   AAA O   1 ? 
ATOM   718  C  CB  . LEU   A 1 84  ? -5.617  -5.058  9.353   1.000 20.448 0 84  LEU   AAA CB  1 ? 
ATOM   719  C  CG  . LEU   A 1 84  ? -4.156  -5.346  9.660   1.000 21.436 0 84  LEU   AAA CG  1 ? 
ATOM   720  C  CD1 . LEU   A 1 84  ? -4.021  -6.460  10.665  1.000 23.446 0 84  LEU   AAA CD1 1 ? 
ATOM   721  C  CD2 . LEU   A 1 84  ? -3.417  -5.712  8.395   1.000 20.685 0 84  LEU   AAA CD2 1 ? 
ATOM   722  N  N   . SER   A 1 85  ? -7.761  -2.452  8.417   1.000 23.811 0 85  SER   AAA N   1 ? 
ATOM   723  C  CA  . SER   A 1 85  ? -9.164  -1.972  8.371   1.000 25.255 0 85  SER   AAA CA  1 ? 
ATOM   724  C  C   . SER   A 1 85  ? -9.777  -2.219  6.991   1.000 27.247 0 85  SER   AAA C   1 ? 
ATOM   725  O  O   . SER   A 1 85  ? -9.027  -2.217  5.993   1.000 25.695 0 85  SER   AAA O   1 ? 
ATOM   726  C  CB  . SER   A 1 85  ? -9.205  -0.520  8.703   1.000 28.134 0 85  SER   AAA CB  1 ? 
ATOM   727  O  OG  . SER   A 1 85  ? -10.515 -0.017  8.451   1.000 33.705 0 85  SER   AAA OG  1 ? 
ATOM   728  N  N   . SER   A 1 86  ? -11.103 -2.355  6.907   1.000 29.633 0 86  SER   AAA N   1 ? 
ATOM   729  C  CA  . SER   A 1 86  ? -11.890 -2.296  5.646   1.000 31.082 0 86  SER   AAA CA  1 ? 
ATOM   730  C  C   . SER   A 1 86  ? -11.734 -0.917  4.986   1.000 30.165 0 86  SER   AAA C   1 ? 
ATOM   731  O  O   . SER   A 1 86  ? -11.778 -0.849  3.748   1.000 33.410 0 86  SER   AAA O   1 ? 
ATOM   732  C  CB  A SER   A 1 86  ? -13.343 -2.674  5.878   0.500 31.413 0 86  SER   AAA CB  1 ? 
ATOM   733  C  CB  B SER   A 1 86  ? -13.356 -2.585  5.901   0.500 32.574 0 86  SER   AAA CB  1 ? 
ATOM   734  O  OG  A SER   A 1 86  ? -13.911 -1.967  6.965   0.500 28.973 0 86  SER   AAA OG  1 ? 
ATOM   735  O  OG  B SER   A 1 86  ? -13.543 -3.824  6.557   0.500 32.938 0 86  SER   AAA OG  1 ? 
ATOM   736  N  N   . ASP   A 1 87  ? -11.615 0.152   5.782   1.000 28.318 0 87  ASP   AAA N   1 ? 
ATOM   737  C  CA  . ASP   A 1 87  ? -11.445 1.563   5.338   1.000 29.281 0 87  ASP   AAA CA  1 ? 
ATOM   738  C  C   . ASP   A 1 87  ? -9.939  1.810   5.129   1.000 32.016 0 87  ASP   AAA C   1 ? 
ATOM   739  O  O   . ASP   A 1 87  ? -9.172  1.664   6.118   1.000 35.033 0 87  ASP   AAA O   1 ? 
ATOM   740  C  CB  . ASP   A 1 87  ? -12.069 2.543   6.339   1.000 33.129 0 87  ASP   AAA CB  1 ? 
ATOM   741  C  CG  . ASP   A 1 87  ? -11.710 4.016   6.138   1.000 35.122 0 87  ASP   AAA CG  1 ? 
ATOM   742  O  OD1 . ASP   A 1 87  ? -10.961 4.325   5.199   1.000 36.907 0 87  ASP   AAA OD1 1 ? 
ATOM   743  O  OD2 . ASP   A 1 87  ? -12.215 4.867   6.923   1.000 40.143 0 87  ASP   AAA OD2 1 ? 
ATOM   744  N  N   . ILE   A 1 88  ? -9.542  2.224   3.915   1.000 27.282 0 88  ILE   AAA N   1 ? 
ATOM   745  C  CA  . ILE   A 1 88  ? -8.112  2.287   3.480   1.000 25.752 0 88  ILE   AAA CA  1 ? 
ATOM   746  C  C   . ILE   A 1 88  ? -7.474  3.650   3.782   1.000 29.266 0 88  ILE   AAA C   1 ? 
ATOM   747  O  O   . ILE   A 1 88  ? -6.298  3.769   3.472   1.000 25.024 0 88  ILE   AAA O   1 ? 
ATOM   748  C  CB  . ILE   A 1 88  ? -7.937  1.894   2.003   1.000 25.835 0 88  ILE   AAA CB  1 ? 
ATOM   749  C  CG1 . ILE   A 1 88  ? -8.553  2.903   1.036   1.000 27.982 0 88  ILE   AAA CG1 1 ? 
ATOM   750  C  CG2 . ILE   A 1 88  ? -8.464  0.510   1.713   1.000 24.010 0 88  ILE   AAA CG2 1 ? 
ATOM   751  C  CD1 . ILE   A 1 88  ? -8.197  2.599   -0.406  1.000 25.701 0 88  ILE   AAA CD1 1 ? 
ATOM   752  N  N   . THR   A 1 89  ? -8.177  4.631   4.360   1.000 27.253 0 89  THR   AAA N   1 ? 
ATOM   753  C  CA  . THR   A 1 89  ? -7.622  5.952   4.753   1.000 31.085 0 89  THR   AAA CA  1 ? 
ATOM   754  C  C   . THR   A 1 89  ? -6.243  5.772   5.391   1.000 30.361 0 89  THR   AAA C   1 ? 
ATOM   755  O  O   . THR   A 1 89  ? -5.317  6.415   4.944   1.000 30.603 0 89  THR   AAA O   1 ? 
ATOM   756  C  CB  . THR   A 1 89  ? -8.523  6.691   5.750   1.000 32.925 0 89  THR   AAA CB  1 ? 
ATOM   757  O  OG1 . THR   A 1 89  ? -9.774  6.797   5.090   1.000 32.175 0 89  THR   AAA OG1 1 ? 
ATOM   758  C  CG2 . THR   A 1 89  ? -8.010  8.052   6.169   1.000 33.364 0 89  THR   AAA CG2 1 ? 
ATOM   759  N  N   . ALA   A 1 90  ? -6.121  4.981   6.460   1.000 26.455 0 90  ALA   AAA N   1 ? 
ATOM   760  C  CA  . ALA   A 1 90  ? -4.838  4.886   7.180   1.000 26.841 0 90  ALA   AAA CA  1 ? 
ATOM   761  C  C   . ALA   A 1 90  ? -3.767  4.380   6.209   1.000 22.064 0 90  ALA   AAA C   1 ? 
ATOM   762  O  O   . ALA   A 1 90  ? -2.692  5.025   6.119   1.000 24.557 0 90  ALA   AAA O   1 ? 
ATOM   763  C  CB  . ALA   A 1 90  ? -4.968  4.010   8.406   1.000 26.370 0 90  ALA   AAA CB  1 ? 
ATOM   764  N  N   . SER   A 1 91  ? -4.048  3.296   5.481   1.000 22.971 0 91  SER   AAA N   1 ? 
ATOM   765  C  CA  . SER   A 1 91  ? -3.118  2.725   4.471   1.000 20.856 0 91  SER   AAA CA  1 ? 
ATOM   766  C  C   . SER   A 1 91  ? -2.755  3.810   3.454   1.000 23.651 0 91  SER   AAA C   1 ? 
ATOM   767  O  O   . SER   A 1 91  ? -1.566  4.039   3.182   1.000 23.801 0 91  SER   AAA O   1 ? 
ATOM   768  C  CB  . SER   A 1 91  ? -3.675  1.513   3.829   1.000 19.483 0 91  SER   AAA CB  1 ? 
ATOM   769  O  OG  . SER   A 1 91  ? -3.471  0.343   4.621   1.000 20.136 0 91  SER   AAA OG  1 ? 
ATOM   770  N  N   . VAL   A 1 92  ? -3.753  4.511   2.945   1.000 24.780 0 92  VAL   AAA N   1 ? 
ATOM   771  C  CA  . VAL   A 1 92  ? -3.506  5.495   1.863   1.000 25.023 0 92  VAL   AAA CA  1 ? 
ATOM   772  C  C   . VAL   A 1 92  ? -2.686  6.660   2.425   1.000 23.428 0 92  VAL   AAA C   1 ? 
ATOM   773  O  O   . VAL   A 1 92  ? -1.748  7.062   1.777   1.000 26.215 0 92  VAL   AAA O   1 ? 
ATOM   774  C  CB  . VAL   A 1 92  ? -4.809  5.972   1.202   1.000 27.002 0 92  VAL   AAA CB  1 ? 
ATOM   775  C  CG1 . VAL   A 1 92  ? -4.546  7.139   0.260   1.000 28.634 0 92  VAL   AAA CG1 1 ? 
ATOM   776  C  CG2 . VAL   A 1 92  ? -5.503  4.844   0.481   1.000 24.081 0 92  VAL   AAA CG2 1 ? 
ATOM   777  N  N   . ASN   A 1 93  ? -3.038  7.212   3.581   1.000 24.873 0 93  ASN   AAA N   1 ? 
ATOM   778  C  CA  . ASN   A 1 93  ? -2.313  8.354   4.192   1.000 28.958 0 93  ASN   AAA CA  1 ? 
ATOM   779  C  C   . ASN   A 1 93  ? -0.868  7.966   4.498   1.000 26.469 0 93  ASN   AAA C   1 ? 
ATOM   780  O  O   . ASN   A 1 93  ? 0.023   8.829   4.346   1.000 25.225 0 93  ASN   AAA O   1 ? 
ATOM   781  C  CB  . ASN   A 1 93  ? -3.023  8.878   5.439   1.000 31.380 0 93  ASN   AAA CB  1 ? 
ATOM   782  C  CG  . ASN   A 1 93  ? -4.274  9.648   5.088   1.000 35.957 0 93  ASN   AAA CG  1 ? 
ATOM   783  O  OD1 . ASN   A 1 93  ? -4.622  9.763   3.912   1.000 35.336 0 93  ASN   AAA OD1 1 ? 
ATOM   784  N  ND2 . ASN   A 1 93  ? -4.985  10.109  6.099   1.000 39.379 0 93  ASN   AAA ND2 1 ? 
ATOM   785  N  N   . CYS   A 1 94  ? -0.627  6.711   4.894   1.000 27.035 0 94  CYS   AAA N   1 ? 
ATOM   786  C  CA  . CYS   A 1 94  ? 0.744   6.243   5.219   1.000 28.755 0 94  CYS   AAA CA  1 ? 
ATOM   787  C  C   . CYS   A 1 94  ? 1.530   6.088   3.907   1.000 25.058 0 94  CYS   AAA C   1 ? 
ATOM   788  O  O   . CYS   A 1 94  ? 2.678   6.580   3.822   1.000 25.597 0 94  CYS   AAA O   1 ? 
ATOM   789  C  CB  . CYS   A 1 94  ? 0.683   4.955   6.027   1.000 27.164 0 94  CYS   AAA CB  1 ? 
ATOM   790  S  SG  . CYS   A 1 94  ? 2.301   4.513   6.706   1.000 26.445 0 94  CYS   AAA SG  1 ? 
ATOM   791  N  N   . ALA   A 1 95  ? 0.905   5.500   2.896   1.000 23.930 0 95  ALA   AAA N   1 ? 
ATOM   792  C  CA  . ALA   A 1 95  ? 1.506   5.295   1.560   1.000 23.263 0 95  ALA   AAA CA  1 ? 
ATOM   793  C  C   . ALA   A 1 95  ? 1.945   6.658   0.992   1.000 22.791 0 95  ALA   AAA C   1 ? 
ATOM   794  O  O   . ALA   A 1 95  ? 2.969   6.698   0.323   1.000 22.585 0 95  ALA   AAA O   1 ? 
ATOM   795  C  CB  . ALA   A 1 95  ? 0.512   4.602   0.689   1.000 21.496 0 95  ALA   AAA CB  1 ? 
ATOM   796  N  N   . LYS   A 1 96  ? 1.242   7.743   1.301   1.000 24.848 0 96  LYS   AAA N   1 ? 
ATOM   797  C  CA  . LYS   A 1 96  ? 1.611   9.090   0.778   1.000 22.034 0 96  LYS   AAA CA  1 ? 
ATOM   798  C  C   . LYS   A 1 96  ? 2.922   9.552   1.389   1.000 26.445 0 96  LYS   AAA C   1 ? 
ATOM   799  O  O   . LYS   A 1 96  ? 3.762   10.115  0.642   1.000 26.885 0 96  LYS   AAA O   1 ? 
ATOM   800  C  CB  . LYS   A 1 96  ? 0.494   10.094  1.078   1.000 24.804 0 96  LYS   AAA CB  1 ? 
ATOM   801  C  CG  . LYS   A 1 96  ? -0.716  9.948   0.167   1.000 26.331 0 96  LYS   AAA CG  1 ? 
ATOM   802  C  CD  . LYS   A 1 96  ? -1.763  10.993  0.444   1.000 28.001 0 96  LYS   AAA CD  1 ? 
ATOM   803  C  CE  . LYS   A 1 96  ? -2.996  10.860  -0.423  1.000 30.300 0 96  LYS   AAA CE  1 ? 
ATOM   804  N  NZ  . LYS   A 1 96  ? -4.186  11.445  0.241   1.000 36.197 0 96  LYS   AAA NZ  1 ? 
ATOM   805  N  N   A LYS   A 1 97  ? 3.063   9.383   2.710   0.500 25.590 0 97  LYS   AAA N   1 ? 
ATOM   806  N  N   B LYS   A 1 97  ? 3.097   9.385   2.706   0.500 25.369 0 97  LYS   AAA N   1 ? 
ATOM   807  C  CA  A LYS   A 1 97  ? 4.322   9.666   3.440   0.500 27.041 0 97  LYS   AAA CA  1 ? 
ATOM   808  C  CA  B LYS   A 1 97  ? 4.385   9.732   3.358   0.500 26.635 0 97  LYS   AAA CA  1 ? 
ATOM   809  C  C   A LYS   A 1 97  ? 5.429   8.799   2.824   0.500 25.461 0 97  LYS   AAA C   1 ? 
ATOM   810  C  C   B LYS   A 1 97  ? 5.462   8.799   2.793   0.500 25.091 0 97  LYS   AAA C   1 ? 
ATOM   811  O  O   A LYS   A 1 97  ? 6.533   9.330   2.585   0.500 26.748 0 97  LYS   AAA O   1 ? 
ATOM   812  O  O   B LYS   A 1 97  ? 6.592   9.281   2.562   0.500 25.714 0 97  LYS   AAA O   1 ? 
ATOM   813  C  CB  A LYS   A 1 97  ? 4.119   9.426   4.940   0.500 26.904 0 97  LYS   AAA CB  1 ? 
ATOM   814  C  CB  B LYS   A 1 97  ? 4.302   9.684   4.889   0.500 26.304 0 97  LYS   AAA CB  1 ? 
ATOM   815  C  CG  A LYS   A 1 97  ? 3.301   10.481  5.673   0.500 27.339 0 97  LYS   AAA CG  1 ? 
ATOM   816  C  CG  B LYS   A 1 97  ? 5.665   9.774   5.569   0.500 25.712 0 97  LYS   AAA CG  1 ? 
ATOM   817  C  CD  A LYS   A 1 97  ? 2.991   10.092  7.114   0.500 27.737 0 97  LYS   AAA CD  1 ? 
ATOM   818  C  CD  B LYS   A 1 97  ? 5.629   9.905   7.076   0.500 27.432 0 97  LYS   AAA CD  1 ? 
ATOM   819  C  CE  A LYS   A 1 97  ? 2.301   11.186  7.894   0.500 26.385 0 97  LYS   AAA CE  1 ? 
ATOM   820  C  CE  B LYS   A 1 97  ? 5.444   11.329  7.561   0.500 28.784 0 97  LYS   AAA CE  1 ? 
ATOM   821  N  NZ  A LYS   A 1 97  ? 0.904   11.381  7.438   0.500 28.036 0 97  LYS   AAA NZ  1 ? 
ATOM   822  N  NZ  B LYS   A 1 97  ? 4.044   11.590  7.970   0.500 29.887 0 97  LYS   AAA NZ  1 ? 
ATOM   823  N  N   . ILE   A 1 98  ? 5.141   7.517   2.563   1.000 26.633 0 98  ILE   AAA N   1 ? 
ATOM   824  C  CA  . ILE   A 1 98  ? 6.157   6.535   2.083   1.000 24.687 0 98  ILE   AAA CA  1 ? 
ATOM   825  C  C   . ILE   A 1 98  ? 6.673   7.007   0.717   1.000 23.439 0 98  ILE   AAA C   1 ? 
ATOM   826  O  O   . ILE   A 1 98  ? 7.904   7.189   0.518   1.000 25.482 0 98  ILE   AAA O   1 ? 
ATOM   827  C  CB  . ILE   A 1 98  ? 5.593   5.096   2.028   1.000 23.367 0 98  ILE   AAA CB  1 ? 
ATOM   828  C  CG1 . ILE   A 1 98  ? 5.049   4.653   3.395   1.000 24.961 0 98  ILE   AAA CG1 1 ? 
ATOM   829  C  CG2 . ILE   A 1 98  ? 6.641   4.126   1.509   1.000 23.685 0 98  ILE   AAA CG2 1 ? 
ATOM   830  C  CD1 . ILE   A 1 98  ? 4.515   3.234   3.452   1.000 23.425 0 98  ILE   AAA CD1 1 ? 
ATOM   831  N  N   . VAL   A 1 99  ? 5.749   7.259   -0.192  1.000 23.651 0 99  VAL   AAA N   1 ? 
ATOM   832  C  CA  . VAL   A 1 99  ? 6.118   7.461   -1.620  1.000 26.768 0 99  VAL   AAA CA  1 ? 
ATOM   833  C  C   . VAL   A 1 99  ? 6.772   8.839   -1.752  1.000 30.436 0 99  VAL   AAA C   1 ? 
ATOM   834  O  O   . VAL   A 1 99  ? 7.419   9.072   -2.766  1.000 29.162 0 99  VAL   AAA O   1 ? 
ATOM   835  C  CB  . VAL   A 1 99  ? 4.909   7.258   -2.538  1.000 24.579 0 99  VAL   AAA CB  1 ? 
ATOM   836  C  CG1 . VAL   A 1 99  ? 3.938   8.429   -2.522  1.000 24.444 0 99  VAL   AAA CG1 1 ? 
ATOM   837  C  CG2 . VAL   A 1 99  ? 5.343   6.932   -3.955  1.000 26.612 0 99  VAL   AAA CG2 1 ? 
ATOM   838  N  N   . SER   A 1 100 ? 6.647   9.693   -0.732  1.000 33.050 0 100 SER   AAA N   1 ? 
ATOM   839  C  CA  . SER   A 1 100 ? 7.251   11.047  -0.669  1.000 37.575 0 100 SER   AAA CA  1 ? 
ATOM   840  C  C   . SER   A 1 100 ? 8.654   10.988  -0.056  1.000 43.011 0 100 SER   AAA C   1 ? 
ATOM   841  O  O   . SER   A 1 100 ? 9.365   12.009  -0.124  1.000 47.889 0 100 SER   AAA O   1 ? 
ATOM   842  C  CB  . SER   A 1 100 ? 6.346   11.975  0.101   1.000 37.718 0 100 SER   AAA CB  1 ? 
ATOM   843  O  OG  . SER   A 1 100 ? 5.041   11.958  -0.469  1.000 35.338 0 100 SER   AAA OG  1 ? 
ATOM   844  N  N   . ASP   A 1 101 ? 9.050   9.832   0.493   1.000 46.899 0 101 ASP   AAA N   1 ? 
ATOM   845  C  CA  . ASP   A 1 101 ? 10.305  9.641   1.270   1.000 47.269 0 101 ASP   AAA CA  1 ? 
ATOM   846  C  C   . ASP   A 1 101 ? 11.510  9.723   0.325   1.000 45.108 0 101 ASP   AAA C   1 ? 
ATOM   847  O  O   . ASP   A 1 101 ? 12.628  9.871   0.837   1.000 46.456 0 101 ASP   AAA O   1 ? 
ATOM   848  C  CB  . ASP   A 1 101 ? 10.283  8.328   2.066   1.000 47.586 0 101 ASP   AAA CB  1 ? 
ATOM   849  C  CG  . ASP   A 1 101 ? 11.330  8.229   3.171   1.000 52.849 0 101 ASP   AAA CG  1 ? 
ATOM   850  O  OD1 . ASP   A 1 101 ? 12.076  9.208   3.381   1.000 56.944 0 101 ASP   AAA OD1 1 ? 
ATOM   851  O  OD2 . ASP   A 1 101 ? 11.405  7.165   3.813   1.000 54.474 0 101 ASP   AAA OD2 1 ? 
ATOM   852  N  N   . GLY   A 1 102 ? 11.305  9.616   -0.994  1.000 43.612 0 102 GLY   AAA N   1 ? 
ATOM   853  C  CA  . GLY   A 1 102 ? 12.358  9.892   -1.995  1.000 43.130 0 102 GLY   AAA CA  1 ? 
ATOM   854  C  C   . GLY   A 1 102 ? 12.883  8.643   -2.700  1.000 41.281 0 102 GLY   AAA C   1 ? 
ATOM   855  O  O   . GLY   A 1 102 ? 13.856  8.774   -3.459  1.000 44.133 0 102 GLY   AAA O   1 ? 
ATOM   856  N  N   . ASN   A 1 103 ? 12.288  7.466   -2.484  1.000 37.910 0 103 ASN   AAA N   1 ? 
ATOM   857  C  CA  . ASN   A 1 103 ? 12.477  6.302   -3.398  1.000 33.251 0 103 ASN   AAA CA  1 ? 
ATOM   858  C  C   . ASN   A 1 103 ? 11.197  6.113   -4.207  1.000 25.576 0 103 ASN   AAA C   1 ? 
ATOM   859  O  O   . ASN   A 1 103 ? 11.140  5.183   -5.033  1.000 23.314 0 103 ASN   AAA O   1 ? 
ATOM   860  C  CB  . ASN   A 1 103 ? 12.921  5.055   -2.644  1.000 38.268 0 103 ASN   AAA CB  1 ? 
ATOM   861  C  CG  . ASN   A 1 103 ? 14.313  5.269   -2.097  1.000 43.775 0 103 ASN   AAA CG  1 ? 
ATOM   862  O  OD1 . ASN   A 1 103 ? 15.266  5.364   -2.865  1.000 47.370 0 103 ASN   AAA OD1 1 ? 
ATOM   863  N  ND2 . ASN   A 1 103 ? 14.428  5.430   -0.788  1.000 46.132 0 103 ASN   AAA ND2 1 ? 
ATOM   864  N  N   . GLY   A 1 104 ? 10.219  6.991   -4.040  1.000 24.798 0 104 GLY   AAA N   1 ? 
ATOM   865  C  CA  . GLY   A 1 104 ? 8.972   6.840   -4.784  1.000 23.011 0 104 GLY   AAA CA  1 ? 
ATOM   866  C  C   . GLY   A 1 104 ? 8.421   5.453   -4.507  1.000 25.428 0 104 GLY   AAA C   1 ? 
ATOM   867  O  O   . GLY   A 1 104 ? 8.620   4.951   -3.369  1.000 23.216 0 104 GLY   AAA O   1 ? 
ATOM   868  N  N   . MET   A 1 105 ? 7.808   4.813   -5.496  1.000 23.096 0 105 MET   AAA N   1 ? 
ATOM   869  C  CA  . MET   A 1 105 ? 7.134   3.495   -5.301  1.000 20.973 0 105 MET   AAA CA  1 ? 
ATOM   870  C  C   . MET   A 1 105 ? 8.123   2.319   -5.277  1.000 20.618 0 105 MET   AAA C   1 ? 
ATOM   871  O  O   . MET   A 1 105 ? 7.668   1.190   -5.035  1.000 19.934 0 105 MET   AAA O   1 ? 
ATOM   872  C  CB  . MET   A 1 105 ? 6.080   3.248   -6.378  1.000 21.151 0 105 MET   AAA CB  1 ? 
ATOM   873  C  CG  . MET   A 1 105 ? 4.852   4.081   -6.124  1.000 22.141 0 105 MET   AAA CG  1 ? 
ATOM   874  S  SD  . MET   A 1 105 ? 3.436   3.509   -7.043  1.000 22.904 0 105 MET   AAA SD  1 ? 
ATOM   875  C  CE  . MET   A 1 105 ? 2.997   2.096   -6.022  1.000 22.178 0 105 MET   AAA CE  1 ? 
ATOM   876  N  N   . ASN   A 1 106 ? 9.421   2.578   -5.422  1.000 21.874 0 106 ASN   AAA N   1 ? 
ATOM   877  C  CA  . ASN   A 1 106 ? 10.497  1.568   -5.209  1.000 22.417 0 106 ASN   AAA CA  1 ? 
ATOM   878  C  C   . ASN   A 1 106 ? 10.464  1.058   -3.771  1.000 20.385 0 106 ASN   AAA C   1 ? 
ATOM   879  O  O   . ASN   A 1 106 ? 10.954  -0.051  -3.572  1.000 22.509 0 106 ASN   AAA O   1 ? 
ATOM   880  C  CB  . ASN   A 1 106 ? 11.871  2.099   -5.601  1.000 23.231 0 106 ASN   AAA CB  1 ? 
ATOM   881  C  CG  . ASN   A 1 106 ? 11.981  2.276   -7.105  1.000 20.134 0 106 ASN   AAA CG  1 ? 
ATOM   882  O  OD1 . ASN   A 1 106 ? 11.914  1.311   -7.863  1.000 22.476 0 106 ASN   AAA OD1 1 ? 
ATOM   883  N  ND2 . ASN   A 1 106 ? 12.040  3.507   -7.572  1.000 20.889 0 106 ASN   AAA ND2 1 ? 
ATOM   884  N  N   . ALA   A 1 107 ? 9.865   1.788   -2.837  1.000 22.221 0 107 ALA   AAA N   1 ? 
ATOM   885  C  CA  . ALA   A 1 107 ? 9.708   1.350   -1.432  1.000 23.335 0 107 ALA   AAA CA  1 ? 
ATOM   886  C  C   . ALA   A 1 107 ? 8.957   0.015   -1.384  1.000 22.722 0 107 ALA   AAA C   1 ? 
ATOM   887  O  O   . ALA   A 1 107 ? 9.236   -0.764  -0.484  1.000 25.651 0 107 ALA   AAA O   1 ? 
ATOM   888  C  CB  . ALA   A 1 107 ? 9.043   2.421   -0.626  1.000 22.720 0 107 ALA   AAA CB  1 ? 
ATOM   889  N  N   . TRP   A 1 108 ? 8.046   -0.235  -2.334  1.000 18.482 0 108 TRP   AAA N   1 ? 
ATOM   890  C  CA  . TRP   A 1 108 ? 7.291   -1.493  -2.490  1.000 19.808 0 108 TRP   AAA CA  1 ? 
ATOM   891  C  C   . TRP   A 1 108 ? 8.099   -2.406  -3.399  1.000 20.265 0 108 TRP   AAA C   1 ? 
ATOM   892  O  O   . TRP   A 1 108 ? 8.053   -2.231  -4.620  1.000 20.595 0 108 TRP   AAA O   1 ? 
ATOM   893  C  CB  . TRP   A 1 108 ? 5.889   -1.202  -3.023  1.000 19.725 0 108 TRP   AAA CB  1 ? 
ATOM   894  C  CG  . TRP   A 1 108 ? 5.025   -0.573  -1.984  1.000 19.863 0 108 TRP   AAA CG  1 ? 
ATOM   895  C  CD1 . TRP   A 1 108 ? 4.333   -1.193  -0.989  1.000 19.882 0 108 TRP   AAA CD1 1 ? 
ATOM   896  C  CD2 . TRP   A 1 108 ? 4.827   0.835   -1.796  1.000 19.224 0 108 TRP   AAA CD2 1 ? 
ATOM   897  N  NE1 . TRP   A 1 108 ? 3.715   -0.257  -0.204  1.000 20.444 0 108 TRP   AAA NE1 1 ? 
ATOM   898  C  CE2 . TRP   A 1 108 ? 3.980   1.007   -0.688  1.000 18.726 0 108 TRP   AAA CE2 1 ? 
ATOM   899  C  CE3 . TRP   A 1 108 ? 5.241   1.982   -2.481  1.000 19.762 0 108 TRP   AAA CE3 1 ? 
ATOM   900  C  CZ2 . TRP   A 1 108 ? 3.588   2.267   -0.223  1.000 21.868 0 108 TRP   AAA CZ2 1 ? 
ATOM   901  C  CZ3 . TRP   A 1 108 ? 4.871   3.236   -2.011  1.000 20.909 0 108 TRP   AAA CZ3 1 ? 
ATOM   902  C  CH2 . TRP   A 1 108 ? 4.012   3.382   -0.921  1.000 20.867 0 108 TRP   AAA CH2 1 ? 
ATOM   903  N  N   . VAL   A 1 109 ? 8.758   -3.399  -2.812  1.000 22.910 0 109 VAL   AAA N   1 ? 
ATOM   904  C  CA  . VAL   A 1 109 ? 9.597   -4.355  -3.581  1.000 23.849 0 109 VAL   AAA CA  1 ? 
ATOM   905  C  C   . VAL   A 1 109 ? 8.735   -5.016  -4.673  1.000 20.271 0 109 VAL   AAA C   1 ? 
ATOM   906  O  O   . VAL   A 1 109 ? 9.233   -5.135  -5.832  1.000 22.183 0 109 VAL   AAA O   1 ? 
ATOM   907  C  CB  A VAL   A 1 109 ? 10.271  -5.335  -2.596  0.520 25.476 0 109 VAL   AAA CB  1 ? 
ATOM   908  C  CB  B VAL   A 1 109 ? 10.317  -5.382  -2.675  0.480 23.776 0 109 VAL   AAA CB  1 ? 
ATOM   909  C  CG1 A VAL   A 1 109 ? 11.013  -6.459  -3.302  0.520 25.597 0 109 VAL   AAA CG1 1 ? 
ATOM   910  C  CG1 B VAL   A 1 109 ? 9.375   -6.267  -1.881  0.480 21.849 0 109 VAL   AAA CG1 1 ? 
ATOM   911  C  CG2 A VAL   A 1 109 ? 11.202  -4.574  -1.661  0.520 25.296 0 109 VAL   AAA CG2 1 ? 
ATOM   912  C  CG2 B VAL   A 1 109 ? 11.275  -6.238  -3.487  0.480 23.231 0 109 VAL   AAA CG2 1 ? 
ATOM   913  N  N   . ALA   A 1 110 ? 7.474   -5.359  -4.407  1.000 22.422 0 110 ALA   AAA N   1 ? 
ATOM   914  C  CA  . ALA   A 1 110 ? 6.627   -6.021  -5.424  1.000 24.469 0 110 ALA   AAA CA  1 ? 
ATOM   915  C  C   . ALA   A 1 110 ? 6.297   -5.043  -6.563  1.000 21.291 0 110 ALA   AAA C   1 ? 
ATOM   916  O  O   . ALA   A 1 110 ? 6.195   -5.522  -7.696  1.000 22.617 0 110 ALA   AAA O   1 ? 
ATOM   917  C  CB  . ALA   A 1 110 ? 5.397   -6.600  -4.807  1.000 27.073 0 110 ALA   AAA CB  1 ? 
ATOM   918  N  N   . TRP   A 1 111 ? 6.145   -3.743  -6.303  1.000 19.213 0 111 TRP   AAA N   1 ? 
ATOM   919  C  CA  . TRP   A 1 111 ? 5.954   -2.729  -7.369  1.000 19.611 0 111 TRP   AAA CA  1 ? 
ATOM   920  C  C   . TRP   A 1 111 ? 7.227   -2.675  -8.216  1.000 19.464 0 111 TRP   AAA C   1 ? 
ATOM   921  O  O   . TRP   A 1 111 ? 7.186   -2.755  -9.431  1.000 19.097 0 111 TRP   AAA O   1 ? 
ATOM   922  C  CB  . TRP   A 1 111 ? 5.654   -1.332  -6.801  1.000 18.778 0 111 TRP   AAA CB  1 ? 
ATOM   923  C  CG  . TRP   A 1 111 ? 5.471   -0.336  -7.895  1.000 18.445 0 111 TRP   AAA CG  1 ? 
ATOM   924  C  CD1 . TRP   A 1 111 ? 4.348   -0.129  -8.652  1.000 21.504 0 111 TRP   AAA CD1 1 ? 
ATOM   925  C  CD2 . TRP   A 1 111 ? 6.496   0.476   -8.488  1.000 18.024 0 111 TRP   AAA CD2 1 ? 
ATOM   926  N  NE1 . TRP   A 1 111 ? 4.596   0.818   -9.600  1.000 20.783 0 111 TRP   AAA NE1 1 ? 
ATOM   927  C  CE2 . TRP   A 1 111 ? 5.891   1.210   -9.531  1.000 18.665 0 111 TRP   AAA CE2 1 ? 
ATOM   928  C  CE3 . TRP   A 1 111 ? 7.839   0.740   -8.214  1.000 17.728 0 111 TRP   AAA CE3 1 ? 
ATOM   929  C  CZ2 . TRP   A 1 111 ? 6.579   2.126   -10.311 1.000 19.387 0 111 TRP   AAA CZ2 1 ? 
ATOM   930  C  CZ3 . TRP   A 1 111 ? 8.506   1.669   -8.958  1.000 19.607 0 111 TRP   AAA CZ3 1 ? 
ATOM   931  C  CH2 . TRP   A 1 111 ? 7.892   2.350   -9.999  1.000 18.759 0 111 TRP   AAA CH2 1 ? 
ATOM   932  N  N   . ARG   A 1 112 ? 8.398   -2.581  -7.610  1.000 19.470 0 112 ARG   AAA N   1 ? 
ATOM   933  C  CA  . ARG   A 1 112 ? 9.636   -2.494  -8.401  1.000 21.064 0 112 ARG   AAA CA  1 ? 
ATOM   934  C  C   . ARG   A 1 112 ? 9.764   -3.764  -9.254  1.000 19.625 0 112 ARG   AAA C   1 ? 
ATOM   935  O  O   . ARG   A 1 112 ? 10.130  -3.657  -10.399 1.000 21.760 0 112 ARG   AAA O   1 ? 
ATOM   936  C  CB  . ARG   A 1 112 ? 10.825  -2.273  -7.460  1.000 21.915 0 112 ARG   AAA CB  1 ? 
ATOM   937  C  CG  . ARG   A 1 112 ? 12.149  -2.025  -8.171  1.000 27.911 0 112 ARG   AAA CG  1 ? 
ATOM   938  C  CD  . ARG   A 1 112 ? 13.298  -1.730  -7.222  1.000 32.234 0 112 ARG   AAA CD  1 ? 
ATOM   939  N  NE  . ARG   A 1 112 ? 13.218  -2.497  -5.989  1.000 38.482 0 112 ARG   AAA NE  1 ? 
ATOM   940  C  CZ  . ARG   A 1 112 ? 13.596  -3.758  -5.828  1.000 43.351 0 112 ARG   AAA CZ  1 ? 
ATOM   941  N  NH1 . ARG   A 1 112 ? 14.118  -4.453  -6.830  1.000 48.276 0 112 ARG   AAA NH1 1 ? 
ATOM   942  N  NH2 . ARG   A 1 112 ? 13.459  -4.320  -4.640  1.000 46.050 0 112 ARG   AAA NH2 1 ? 
ATOM   943  N  N   . ASN   A 1 113 ? 9.531   -4.939  -8.690  1.000 24.059 0 113 ASN   AAA N   1 ? 
ATOM   944  C  CA  . ASN   A 1 113 ? 9.845   -6.197  -9.415  1.000 22.254 0 113 ASN   AAA CA  1 ? 
ATOM   945  C  C   . ASN   A 1 113 ? 8.746   -6.614  -10.393 1.000 23.162 0 113 ASN   AAA C   1 ? 
ATOM   946  O  O   . ASN   A 1 113 ? 9.051   -7.444  -11.319 1.000 20.695 0 113 ASN   AAA O   1 ? 
ATOM   947  C  CB  . ASN   A 1 113 ? 10.189  -7.305  -8.426  1.000 22.868 0 113 ASN   AAA CB  1 ? 
ATOM   948  C  CG  . ASN   A 1 113 ? 11.517  -7.027  -7.746  1.000 23.384 0 113 ASN   AAA CG  1 ? 
ATOM   949  O  OD1 . ASN   A 1 113 ? 12.397  -6.428  -8.344  1.000 25.368 0 113 ASN   AAA OD1 1 ? 
ATOM   950  N  ND2 . ASN   A 1 113 ? 11.670  -7.467  -6.511  1.000 22.858 0 113 ASN   AAA ND2 1 ? 
ATOM   951  N  N   . ARG   A 1 114 ? 7.518   -6.129  -10.212 1.000 22.918 0 114 ARG   AAA N   1 ? 
ATOM   952  C  CA  . ARG   A 1 114 ? 6.362   -6.724  -10.938 1.000 24.032 0 114 ARG   AAA CA  1 ? 
ATOM   953  C  C   . ARG   A 1 114 ? 5.494   -5.700  -11.626 1.000 23.281 0 114 ARG   AAA C   1 ? 
ATOM   954  O  O   . ARG   A 1 114 ? 4.746   -6.135  -12.497 1.000 25.323 0 114 ARG   AAA O   1 ? 
ATOM   955  C  CB  . ARG   A 1 114 ? 5.549   -7.595  -9.988  1.000 26.670 0 114 ARG   AAA CB  1 ? 
ATOM   956  C  CG  . ARG   A 1 114 ? 6.400   -8.737  -9.463  1.000 26.526 0 114 ARG   AAA CG  1 ? 
ATOM   957  C  CD  . ARG   A 1 114 ? 5.640   -9.542  -8.479  1.000 25.061 0 114 ARG   AAA CD  1 ? 
ATOM   958  N  NE  . ARG   A 1 114 ? 4.765   -10.428 -9.171  1.000 23.484 0 114 ARG   AAA NE  1 ? 
ATOM   959  C  CZ  . ARG   A 1 114 ? 4.024   -11.336 -8.552  1.000 25.516 0 114 ARG   AAA CZ  1 ? 
ATOM   960  N  NH1 . ARG   A 1 114 ? 4.103   -11.428 -7.233  1.000 25.760 0 114 ARG   AAA NH1 1 ? 
ATOM   961  N  NH2 . ARG   A 1 114 ? 3.245   -12.136 -9.246  1.000 27.321 0 114 ARG   AAA NH2 1 ? 
ATOM   962  N  N   . CYS   A 1 115 ? 5.599   -4.427  -11.271 1.000 21.953 0 115 CYS   AAA N   1 ? 
ATOM   963  C  CA  . CYS   A 1 115 ? 4.705   -3.385  -11.822 1.000 22.938 0 115 CYS   AAA CA  1 ? 
ATOM   964  C  C   . CYS   A 1 115 ? 5.473   -2.340  -12.622 1.000 22.332 0 115 CYS   AAA C   1 ? 
ATOM   965  O  O   . CYS   A 1 115 ? 4.972   -1.896  -13.705 1.000 22.246 0 115 CYS   AAA O   1 ? 
ATOM   966  C  CB  . CYS   A 1 115 ? 3.965   -2.691  -10.686 1.000 22.954 0 115 CYS   AAA CB  1 ? 
ATOM   967  S  SG  . CYS   A 1 115 ? 2.873   -3.822  -9.793  1.000 22.485 0 115 CYS   AAA SG  1 ? 
ATOM   968  N  N   . LYS   A 1 116 ? 6.626   -1.933  -12.125 1.000 22.191 0 116 LYS   AAA N   1 ? 
ATOM   969  C  CA  . LYS   A 1 116 ? 7.481   -0.890  -12.754 1.000 24.060 0 116 LYS   AAA CA  1 ? 
ATOM   970  C  C   . LYS   A 1 116 ? 7.770   -1.263  -14.213 1.000 25.481 0 116 LYS   AAA C   1 ? 
ATOM   971  O  O   . LYS   A 1 116 ? 8.179   -2.398  -14.467 1.000 23.386 0 116 LYS   AAA O   1 ? 
ATOM   972  C  CB  . LYS   A 1 116 ? 8.784   -0.773  -11.972 1.000 23.637 0 116 LYS   AAA CB  1 ? 
ATOM   973  C  CG  . LYS   A 1 116 ? 9.622   0.443   -12.294 1.000 22.962 0 116 LYS   AAA CG  1 ? 
ATOM   974  C  CD  . LYS   A 1 116 ? 10.893  0.421   -11.516 1.000 23.230 0 116 LYS   AAA CD  1 ? 
ATOM   975  C  CE  . LYS   A 1 116 ? 11.721  1.671   -11.665 1.000 22.107 0 116 LYS   AAA CE  1 ? 
ATOM   976  N  NZ  . LYS   A 1 116 ? 12.854  1.642   -10.696 1.000 23.095 0 116 LYS   AAA NZ  1 ? 
ATOM   977  N  N   . GLY   A 1 117 ? 7.501   -0.341  -15.138 1.000 29.211 0 117 GLY   AAA N   1 ? 
ATOM   978  C  CA  . GLY   A 1 117 ? 7.835   -0.524  -16.564 1.000 28.451 0 117 GLY   AAA CA  1 ? 
ATOM   979  C  C   . GLY   A 1 117 ? 6.845   -1.403  -17.299 1.000 31.176 0 117 GLY   AAA C   1 ? 
ATOM   980  O  O   . GLY   A 1 117 ? 7.108   -1.693  -18.489 1.000 32.011 0 117 GLY   AAA O   1 ? 
ATOM   981  N  N   . THR   A 1 118 ? 5.743   -1.819  -16.666 1.000 27.654 0 118 THR   AAA N   1 ? 
ATOM   982  C  CA  . THR   A 1 118 ? 4.710   -2.688  -17.294 1.000 28.168 0 118 THR   AAA CA  1 ? 
ATOM   983  C  C   . THR   A 1 118 ? 3.532   -1.815  -17.723 1.000 27.577 0 118 THR   AAA C   1 ? 
ATOM   984  O  O   . THR   A 1 118 ? 3.480   -0.644  -17.294 1.000 30.859 0 118 THR   AAA O   1 ? 
ATOM   985  C  CB  . THR   A 1 118 ? 4.225   -3.811  -16.366 1.000 27.557 0 118 THR   AAA CB  1 ? 
ATOM   986  O  OG1 . THR   A 1 118 ? 3.469   -3.183  -15.317 1.000 26.058 0 118 THR   AAA OG1 1 ? 
ATOM   987  C  CG2 . THR   A 1 118 ? 5.357   -4.684  -15.859 1.000 26.971 0 118 THR   AAA CG2 1 ? 
ATOM   988  N  N   . ASP   A 1 119 ? 2.634   -2.321  -18.575 1.000 32.774 0 119 ASP   AAA N   1 ? 
ATOM   989  C  CA  . ASP   A 1 119 ? 1.406   -1.546  -18.897 1.000 35.784 0 119 ASP   AAA CA  1 ? 
ATOM   990  C  C   . ASP   A 1 119 ? 0.492   -1.537  -17.663 1.000 32.027 0 119 ASP   AAA C   1 ? 
ATOM   991  O  O   . ASP   A 1 119 ? -0.420  -2.373  -17.599 1.000 35.680 0 119 ASP   AAA O   1 ? 
ATOM   992  C  CB  . ASP   A 1 119 ? 0.675   -2.069  -20.135 1.000 38.300 0 119 ASP   AAA CB  1 ? 
ATOM   993  C  CG  . ASP   A 1 119 ? -0.587  -1.278  -20.441 1.000 40.217 0 119 ASP   AAA CG  1 ? 
ATOM   994  O  OD1 . ASP   A 1 119 ? -0.515  -0.022  -20.438 1.000 44.011 0 119 ASP   AAA OD1 1 ? 
ATOM   995  O  OD2 . ASP   A 1 119 ? -1.641  -1.919  -20.656 1.000 46.750 0 119 ASP   AAA OD2 1 ? 
ATOM   996  N  N   . VAL   A 1 120 ? 0.721   -0.616  -16.729 1.000 33.205 0 120 VAL   AAA N   1 ? 
ATOM   997  C  CA  . VAL   A 1 120 ? -0.043  -0.591  -15.445 1.000 32.406 0 120 VAL   AAA CA  1 ? 
ATOM   998  C  C   . VAL   A 1 120 ? -1.480  -0.102  -15.670 1.000 34.578 0 120 VAL   AAA C   1 ? 
ATOM   999  O  O   . VAL   A 1 120 ? -2.304  -0.371  -14.791 1.000 31.815 0 120 VAL   AAA O   1 ? 
ATOM   1000 C  CB  . VAL   A 1 120 ? 0.657   0.224   -14.339 1.000 31.800 0 120 VAL   AAA CB  1 ? 
ATOM   1001 C  CG1 . VAL   A 1 120 ? 1.907   -0.466  -13.818 1.000 29.558 0 120 VAL   AAA CG1 1 ? 
ATOM   1002 C  CG2 . VAL   A 1 120 ? 0.986   1.640   -14.771 1.000 34.292 0 120 VAL   AAA CG2 1 ? 
ATOM   1003 N  N   . GLN   A 1 121 ? -1.781  0.592   -16.778 1.000 30.847 0 121 GLN   AAA N   1 ? 
ATOM   1004 C  CA  . GLN   A 1 121 ? -3.138  1.136   -17.048 1.000 34.667 0 121 GLN   AAA CA  1 ? 
ATOM   1005 C  C   . GLN   A 1 121 ? -4.125  -0.028  -17.183 1.000 30.512 0 121 GLN   AAA C   1 ? 
ATOM   1006 O  O   . GLN   A 1 121 ? -5.330  0.180   -16.883 1.000 33.513 0 121 GLN   AAA O   1 ? 
ATOM   1007 C  CB  . GLN   A 1 121 ? -3.133  2.045   -18.279 1.000 41.666 0 121 GLN   AAA CB  1 ? 
ATOM   1008 C  CG  . GLN   A 1 121 ? -4.449  2.794   -18.496 1.000 49.184 0 121 GLN   AAA CG  1 ? 
ATOM   1009 C  CD  . GLN   A 1 121 ? -5.448  2.086   -19.393 1.000 55.932 0 121 GLN   AAA CD  1 ? 
ATOM   1010 O  OE1 . GLN   A 1 121 ? -5.098  1.283   -20.265 1.000 57.643 0 121 GLN   AAA OE1 1 ? 
ATOM   1011 N  NE2 . GLN   A 1 121 ? -6.721  2.402   -19.199 1.000 55.527 0 121 GLN   AAA NE2 1 ? 
ATOM   1012 N  N   . ALA   A 1 122 ? -3.662  -1.223  -17.568 1.000 27.411 0 122 ALA   AAA N   1 ? 
ATOM   1013 C  CA  . ALA   A 1 122 ? -4.490  -2.450  -17.650 1.000 31.551 0 122 ALA   AAA CA  1 ? 
ATOM   1014 C  C   . ALA   A 1 122 ? -5.121  -2.775  -16.292 1.000 31.566 0 122 ALA   AAA C   1 ? 
ATOM   1015 O  O   . ALA   A 1 122 ? -6.163  -3.433  -16.257 1.000 31.993 0 122 ALA   AAA O   1 ? 
ATOM   1016 C  CB  . ALA   A 1 122 ? -3.684  -3.618  -18.144 1.000 30.913 0 122 ALA   AAA CB  1 ? 
ATOM   1017 N  N   . TRP   A 1 123 ? -4.548  -2.300  -15.191 1.000 32.508 0 123 TRP   AAA N   1 ? 
ATOM   1018 C  CA  . TRP   A 1 123 ? -5.111  -2.567  -13.842 1.000 30.242 0 123 TRP   AAA CA  1 ? 
ATOM   1019 C  C   . TRP   A 1 123 ? -6.360  -1.715  -13.578 1.000 31.482 0 123 TRP   AAA C   1 ? 
ATOM   1020 O  O   . TRP   A 1 123 ? -7.147  -2.112  -12.705 1.000 29.836 0 123 TRP   AAA O   1 ? 
ATOM   1021 C  CB  . TRP   A 1 123 ? -4.039  -2.373  -12.768 1.000 29.032 0 123 TRP   AAA CB  1 ? 
ATOM   1022 C  CG  . TRP   A 1 123 ? -3.020  -3.468  -12.842 1.000 28.330 0 123 TRP   AAA CG  1 ? 
ATOM   1023 C  CD1 . TRP   A 1 123 ? -1.794  -3.412  -13.435 1.000 30.431 0 123 TRP   AAA CD1 1 ? 
ATOM   1024 C  CD2 . TRP   A 1 123 ? -3.175  -4.825  -12.390 1.000 29.488 0 123 TRP   AAA CD2 1 ? 
ATOM   1025 N  NE1 . TRP   A 1 123 ? -1.169  -4.622  -13.358 1.000 29.362 0 123 TRP   AAA NE1 1 ? 
ATOM   1026 C  CE2 . TRP   A 1 123 ? -1.991  -5.510  -12.729 1.000 28.945 0 123 TRP   AAA CE2 1 ? 
ATOM   1027 C  CE3 . TRP   A 1 123 ? -4.194  -5.512  -11.722 1.000 28.200 0 123 TRP   AAA CE3 1 ? 
ATOM   1028 C  CZ2 . TRP   A 1 123 ? -1.794  -6.847  -12.402 1.000 31.913 0 123 TRP   AAA CZ2 1 ? 
ATOM   1029 C  CZ3 . TRP   A 1 123 ? -4.015  -6.846  -11.435 1.000 30.007 0 123 TRP   AAA CZ3 1 ? 
ATOM   1030 C  CH2 . TRP   A 1 123 ? -2.827  -7.494  -11.759 1.000 28.247 0 123 TRP   AAA CH2 1 ? 
ATOM   1031 N  N   . ILE   A 1 124 ? -6.576  -0.607  -14.303 1.000 29.879 0 124 ILE   AAA N   1 ? 
ATOM   1032 C  CA  . ILE   A 1 124 ? -7.775  0.252   -14.075 1.000 29.826 0 124 ILE   AAA CA  1 ? 
ATOM   1033 C  C   . ILE   A 1 124 ? -8.701  0.215   -15.304 1.000 33.722 0 124 ILE   AAA C   1 ? 
ATOM   1034 O  O   . ILE   A 1 124 ? -9.659  1.010   -15.338 1.000 30.579 0 124 ILE   AAA O   1 ? 
ATOM   1035 C  CB  . ILE   A 1 124 ? -7.374  1.695   -13.677 1.000 33.349 0 124 ILE   AAA CB  1 ? 
ATOM   1036 C  CG1 . ILE   A 1 124 ? -6.731  2.477   -14.830 1.000 34.770 0 124 ILE   AAA CG1 1 ? 
ATOM   1037 C  CG2 . ILE   A 1 124 ? -6.488  1.704   -12.424 1.000 31.461 0 124 ILE   AAA CG2 1 ? 
ATOM   1038 C  CD1 . ILE   A 1 124 ? -6.796  3.995   -14.665 1.000 35.242 0 124 ILE   AAA CD1 1 ? 
ATOM   1039 N  N   . ARG   A 1 125 ? -8.453  -0.671  -16.267 1.000 38.943 0 125 ARG   AAA N   1 ? 
ATOM   1040 C  CA  . ARG   A 1 125 ? -9.332  -0.822  -17.461 1.000 39.710 0 125 ARG   AAA CA  1 ? 
ATOM   1041 C  C   . ARG   A 1 125 ? -10.695 -1.357  -17.017 1.000 36.685 0 125 ARG   AAA C   1 ? 
ATOM   1042 O  O   . ARG   A 1 125 ? -10.734 -2.326  -16.242 1.000 37.262 0 125 ARG   AAA O   1 ? 
ATOM   1043 C  CB  . ARG   A 1 125 ? -8.689  -1.741  -18.502 1.000 45.819 0 125 ARG   AAA CB  1 ? 
ATOM   1044 C  CG  . ARG   A 1 125 ? -8.390  -3.148  -18.001 1.000 50.411 0 125 ARG   AAA CG  1 ? 
ATOM   1045 C  CD  . ARG   A 1 125 ? -9.481  -4.183  -18.198 1.000 56.173 0 125 ARG   AAA CD  1 ? 
ATOM   1046 N  NE  . ARG   A 1 125 ? -8.955  -5.498  -18.578 1.000 60.454 0 125 ARG   AAA NE  1 ? 
ATOM   1047 C  CZ  . ARG   A 1 125 ? -8.159  -6.273  -17.831 1.000 65.302 0 125 ARG   AAA CZ  1 ? 
ATOM   1048 N  NH1 . ARG   A 1 125 ? -7.741  -5.880  -16.636 1.000 66.129 0 125 ARG   AAA NH1 1 ? 
ATOM   1049 N  NH2 . ARG   A 1 125 ? -7.763  -7.447  -18.297 1.000 66.839 0 125 ARG   AAA NH2 1 ? 
ATOM   1050 N  N   . GLY   A 1 126 ? -11.784 -0.742  -17.486 1.000 36.086 0 126 GLY   AAA N   1 ? 
ATOM   1051 C  CA  . GLY   A 1 126 ? -13.149 -1.251  -17.249 1.000 39.156 0 126 GLY   AAA CA  1 ? 
ATOM   1052 C  C   . GLY   A 1 126 ? -13.680 -0.845  -15.884 1.000 42.343 0 126 GLY   AAA C   1 ? 
ATOM   1053 O  O   . GLY   A 1 126 ? -14.717 -1.403  -15.454 1.000 44.816 0 126 GLY   AAA O   1 ? 
ATOM   1054 N  N   . CYS   A 1 127 ? -13.010 0.108   -15.231 1.000 39.964 0 127 CYS   AAA N   1 ? 
ATOM   1055 C  CA  . CYS   A 1 127 ? -13.391 0.659   -13.906 1.000 37.627 0 127 CYS   AAA CA  1 ? 
ATOM   1056 C  C   . CYS   A 1 127 ? -13.978 2.057   -14.087 1.000 36.621 0 127 CYS   AAA C   1 ? 
ATOM   1057 O  O   . CYS   A 1 127 ? -13.336 2.891   -14.748 1.000 35.873 0 127 CYS   AAA O   1 ? 
ATOM   1058 C  CB  . CYS   A 1 127 ? -12.199 0.745   -12.956 1.000 39.349 0 127 CYS   AAA CB  1 ? 
ATOM   1059 S  SG  . CYS   A 1 127 ? -11.298 -0.817  -12.753 1.000 36.102 0 127 CYS   AAA SG  1 ? 
ATOM   1060 N  N   . ARG   A 1 128 ? -15.136 2.301   -13.481 1.000 38.683 0 128 ARG   AAA N   1 ? 
ATOM   1061 C  CA  . ARG   A 1 128 ? -15.744 3.649   -13.395 1.000 44.354 0 128 ARG   AAA CA  1 ? 
ATOM   1062 C  C   . ARG   A 1 128 ? -15.025 4.399   -12.271 1.000 53.082 0 128 ARG   AAA C   1 ? 
ATOM   1063 O  O   . ARG   A 1 128 ? -15.274 4.071   -11.092 1.000 57.343 0 128 ARG   AAA O   1 ? 
ATOM   1064 C  CB  . ARG   A 1 128 ? -17.253 3.498   -13.183 1.000 48.690 0 128 ARG   AAA CB  1 ? 
ATOM   1065 C  CG  . ARG   A 1 128 ? -18.087 4.592   -13.835 1.000 49.969 0 128 ARG   AAA CG  1 ? 
ATOM   1066 C  CD  . ARG   A 1 128 ? -19.518 4.170   -14.111 1.000 53.193 0 128 ARG   AAA CD  1 ? 
ATOM   1067 N  NE  . ARG   A 1 128 ? -20.017 3.101   -13.241 1.000 53.817 0 128 ARG   AAA NE  1 ? 
ATOM   1068 C  CZ  . ARG   A 1 128 ? -20.653 2.002   -13.654 1.000 54.470 0 128 ARG   AAA CZ  1 ? 
ATOM   1069 N  NH1 . ARG   A 1 128 ? -20.882 1.790   -14.941 1.000 55.145 0 128 ARG   AAA NH1 1 ? 
ATOM   1070 N  NH2 . ARG   A 1 128 ? -21.069 1.113   -12.768 1.000 52.168 0 128 ARG   AAA NH2 1 ? 
ATOM   1071 N  N   . LEU   A 1 129 ? -14.130 5.324   -12.631 1.000 58.603 0 129 LEU   AAA N   1 ? 
ATOM   1072 C  CA  . LEU   A 1 129 ? -13.266 6.073   -11.676 1.000 66.170 0 129 LEU   AAA CA  1 ? 
ATOM   1073 C  C   . LEU   A 1 129 ? -13.830 7.486   -11.471 1.000 72.996 0 129 LEU   AAA C   1 ? 
ATOM   1074 O  O   . LEU   A 1 129 ? -14.873 7.619   -10.820 1.000 78.413 0 129 LEU   AAA O   1 ? 
ATOM   1075 C  CB  . LEU   A 1 129 ? -11.820 6.105   -12.195 1.000 64.108 0 129 LEU   AAA CB  1 ? 
ATOM   1076 C  CG  . LEU   A 1 129 ? -10.953 4.871   -11.922 1.000 64.378 0 129 LEU   AAA CG  1 ? 
ATOM   1077 C  CD1 . LEU   A 1 129 ? -11.476 4.036   -10.758 1.000 61.565 0 129 LEU   AAA CD1 1 ? 
ATOM   1078 C  CD2 . LEU   A 1 129 ? -10.821 4.008   -13.170 1.000 64.382 0 129 LEU   AAA CD2 1 ? 
ATOM   1079 O  OXT . LEU   A 1 129 ? -13.288 8.510   -11.920 1.000 70.514 0 129 LEU   AAA OXT 1 ? 
HETATM 1080 CL CL  . CL    B 2 .   ? 9.164   9.129   -8.174  1.000 32.024 0 201 CL    AAA CL  1 ? 
HETATM 1081 NA NA  . NA    C 3 .   ? 7.400   0.279   14.164  1.000 27.047 0 202 NA    AAA NA  1 ? 
HETATM 1082 V  V10 B DVT   D 4 .   ? -15.721 -0.332  -0.905  0.700 51.217 0 203 DVT   AAA V10 1 ? 
HETATM 1083 O  O18 B DVT   D 4 .   ? -16.215 -1.153  0.770   0.700 46.491 0 203 DVT   AAA O18 1 ? 
HETATM 1084 O  O15 B DVT   D 4 .   ? -13.973 -0.370  -0.304  0.700 44.207 0 203 DVT   AAA O15 1 ? 
HETATM 1085 V  V1  B DVT   D 4 .   ? -13.494 1.068   0.829   0.700 41.041 0 203 DVT   AAA V1  1 ? 
HETATM 1086 O  O5  B DVT   D 4 .   ? -11.940 0.986   1.168   0.700 46.203 0 203 DVT   AAA O5  1 ? 
HETATM 1087 O  O27 B DVT   D 4 .   ? -15.227 0.906   -2.266  0.700 44.903 0 203 DVT   AAA O27 1 ? 
HETATM 1088 V  V9  B DVT   D 4 .   ? -15.177 2.550   -1.408  0.700 39.246 0 203 DVT   AAA V9  1 ? 
HETATM 1089 O  O2  B DVT   D 4 .   ? -15.679 1.405   0.428   0.700 43.202 0 203 DVT   AAA O2  1 ? 
HETATM 1090 O  O4  B DVT   D 4 .   ? -13.505 2.094   -0.768  0.700 39.656 0 203 DVT   AAA O4  1 ? 
HETATM 1091 O  O8  B DVT   D 4 .   ? -14.931 3.976   -0.039  0.700 35.599 0 203 DVT   AAA O8  1 ? 
HETATM 1092 O  O26 B DVT   D 4 .   ? -14.861 3.425   -2.714  0.700 42.822 0 203 DVT   AAA O26 1 ? 
HETATM 1093 O  O7  B DVT   D 4 .   ? -15.431 4.508   2.590   0.700 45.268 0 203 DVT   AAA O7  1 ? 
HETATM 1094 V  V2  B DVT   D 4 .   ? -15.406 3.132   1.624   0.700 44.223 0 203 DVT   AAA V2  1 ? 
HETATM 1095 O  O1  B DVT   D 4 .   ? -13.763 2.651   1.831   0.700 42.167 0 203 DVT   AAA O1  1 ? 
HETATM 1096 O  O9  B DVT   D 4 .   ? -16.079 1.855   2.921   0.700 39.921 0 203 DVT   AAA O9  1 ? 
HETATM 1097 V  V3  B DVT   D 4 .   ? -16.112 0.080   2.173   0.700 47.530 0 203 DVT   AAA V3  1 ? 
HETATM 1098 O  O3  B DVT   D 4 .   ? -14.244 0.001   2.238   0.700 40.280 0 203 DVT   AAA O3  1 ? 
HETATM 1099 O  O10 B DVT   D 4 .   ? -16.534 -0.793  3.473   0.700 49.450 0 203 DVT   AAA O10 1 ? 
HETATM 1100 V  V1  . A1JFD E 5 .   ? 6.340   -0.629  21.615  0.700 58.531 0 204 A1JFD AAA V1  1 ? 
HETATM 1101 C  C1  . A1JFD E 5 .   ? 9.780   -3.194  20.820  0.700 51.069 0 204 A1JFD AAA C1  1 ? 
HETATM 1102 C  C2  . A1JFD E 5 .   ? 8.984   -2.286  21.788  0.700 53.404 0 204 A1JFD AAA C2  1 ? 
HETATM 1103 C  C3  . A1JFD E 5 .   ? 8.875   -2.854  23.159  0.700 60.543 0 204 A1JFD AAA C3  1 ? 
HETATM 1104 C  C4  . A1JFD E 5 .   ? 7.887   -3.962  23.283  0.700 63.157 0 204 A1JFD AAA C4  1 ? 
HETATM 1105 O  O1  . A1JFD E 5 .   ? 9.591   -2.850  19.614  0.700 52.871 0 204 A1JFD AAA O1  1 ? 
HETATM 1106 O  O2  . A1JFD E 5 .   ? 9.609   -4.430  20.761  0.700 45.890 0 204 A1JFD AAA O2  1 ? 
HETATM 1107 O  O3  . A1JFD E 5 .   ? 7.711   -2.028  21.191  0.700 54.035 0 204 A1JFD AAA O3  1 ? 
HETATM 1108 O  O4  . A1JFD E 5 .   ? 8.250   -5.035  23.738  0.700 67.477 0 204 A1JFD AAA O4  1 ? 
HETATM 1109 O  O5  . A1JFD E 5 .   ? 6.686   -3.526  23.577  0.700 62.921 0 204 A1JFD AAA O5  1 ? 
HETATM 1110 O  O6  . A1JFD E 5 .   ? 7.152   0.567   22.325  0.700 65.104 0 204 A1JFD AAA O6  1 ? 
HETATM 1111 O  O7  . A1JFD E 5 .   ? 5.288   -1.167  22.666  0.700 55.168 0 204 A1JFD AAA O7  1 ? 
HETATM 1112 V  V2  . A1JFD E 5 .   ? 8.176   -1.579  19.134  0.700 48.367 0 204 A1JFD AAA V2  1 ? 
HETATM 1113 O  O8  . A1JFD E 5 .   ? 9.275   -0.436  18.628  0.700 49.717 0 204 A1JFD AAA O8  1 ? 
HETATM 1114 O  O9  . A1JFD E 5 .   ? 7.466   -2.277  17.836  0.700 34.669 0 204 A1JFD AAA O9  1 ? 
HETATM 1115 O  O10 . A1JFD E 5 .   ? 6.059   -1.060  19.555  0.700 58.830 0 204 A1JFD AAA O10 1 ? 
HETATM 1116 O  O1  . VVO   F 6 .   ? -5.764  8.255   -13.652 1.000 71.835 0 205 VVO   AAA O1  1 ? 
HETATM 1117 V  V1  . VVO   F 6 .   ? -4.163  8.688   -12.959 1.000 76.833 0 205 VVO   AAA V1  1 ? 
HETATM 1118 O  O   . HOH   G 7 .   ? 1.030   -11.364 -4.134  1.000 35.637 0 301 HOH   AAA O   1 ? 
HETATM 1119 O  O   . HOH   G 7 .   ? 7.138   -5.257  -1.532  1.000 31.541 0 302 HOH   AAA O   1 ? 
HETATM 1120 O  O   . HOH   G 7 .   ? 8.673   -6.837  3.253   1.000 32.093 0 303 HOH   AAA O   1 ? 
HETATM 1121 O  O   . HOH   G 7 .   ? -4.931  -2.221  4.317   1.000 29.766 0 304 HOH   AAA O   1 ? 
HETATM 1122 O  O   . HOH   G 7 .   ? -14.154 -3.823  -8.099  1.000 45.986 0 305 HOH   AAA O   1 ? 
HETATM 1123 O  O   . HOH   G 7 .   ? -6.792  10.673  -6.596  1.000 30.601 0 306 HOH   AAA O   1 ? 
HETATM 1124 O  O   . HOH   G 7 .   ? -4.547  -2.157  17.665  1.000 26.693 0 307 HOH   AAA O   1 ? 
HETATM 1125 O  O   . HOH   G 7 .   ? 9.360   -2.621  -19.357 1.000 45.749 0 308 HOH   AAA O   1 ? 
HETATM 1126 O  O   . HOH   G 7 .   ? 6.157   -6.885  0.601   1.000 25.884 0 309 HOH   AAA O   1 ? 
HETATM 1127 O  O   . HOH   G 7 .   ? 8.141   1.336   24.598  1.000 38.565 0 310 HOH   AAA O   1 ? 
HETATM 1128 O  O   . HOH   G 7 .   ? -14.463 7.296   3.617   1.000 44.533 0 311 HOH   AAA O   1 ? 
HETATM 1129 O  O   . HOH   G 7 .   ? 6.206   -5.761  25.238  1.000 39.492 0 312 HOH   AAA O   1 ? 
HETATM 1130 O  O   . HOH   G 7 .   ? 1.770   -8.444  14.263  1.000 21.881 0 313 HOH   AAA O   1 ? 
HETATM 1131 O  O   . HOH   G 7 .   ? -5.582  -1.248  -20.888 1.000 42.614 0 314 HOH   AAA O   1 ? 
HETATM 1132 O  O   . HOH   G 7 .   ? 9.589   0.984   20.847  0.500 45.775 0 315 HOH   AAA O   1 ? 
HETATM 1133 O  O   . HOH   G 7 .   ? 6.443   -1.622  15.470  1.000 26.118 0 316 HOH   AAA O   1 ? 
HETATM 1134 O  O   . HOH   G 7 .   ? 6.568   -7.344  13.638  1.000 20.344 0 317 HOH   AAA O   1 ? 
HETATM 1135 O  O   . HOH   G 7 .   ? 5.985   8.448   15.736  1.000 44.933 0 318 HOH   AAA O   1 ? 
HETATM 1136 O  O   . HOH   G 7 .   ? 4.707   -8.615  2.057   1.000 25.169 0 319 HOH   AAA O   1 ? 
HETATM 1137 O  O   . HOH   G 7 .   ? 6.915   -9.456  3.586   1.000 35.128 0 320 HOH   AAA O   1 ? 
HETATM 1138 O  O   . HOH   G 7 .   ? 3.846   -8.330  -13.829 1.000 31.870 0 321 HOH   AAA O   1 ? 
HETATM 1139 O  O   A HOH   G 7 .   ? -13.786 5.222   3.145   0.300 25.812 0 322 HOH   AAA O   1 ? 
HETATM 1140 O  O   . HOH   G 7 .   ? 14.004  -0.502  -11.956 1.000 37.074 0 323 HOH   AAA O   1 ? 
HETATM 1141 O  O   . HOH   G 7 .   ? 1.245   -4.729  -14.896 1.000 26.767 0 324 HOH   AAA O   1 ? 
HETATM 1142 O  O   . HOH   G 7 .   ? -7.044  -0.709  4.848   1.000 28.375 0 325 HOH   AAA O   1 ? 
HETATM 1143 O  O   . HOH   G 7 .   ? 9.846   5.925   -0.988  1.000 31.546 0 326 HOH   AAA O   1 ? 
HETATM 1144 O  O   . HOH   G 7 .   ? 6.794   9.976   -10.192 1.000 32.040 0 327 HOH   AAA O   1 ? 
HETATM 1145 O  O   . HOH   G 7 .   ? -1.330  -1.387  3.713   1.000 23.116 0 328 HOH   AAA O   1 ? 
HETATM 1146 O  O   . HOH   G 7 .   ? -8.286  3.699   7.794   1.000 31.574 0 329 HOH   AAA O   1 ? 
HETATM 1147 O  O   . HOH   G 7 .   ? -7.867  2.330   10.138  1.000 32.288 0 330 HOH   AAA O   1 ? 
HETATM 1148 O  O   . HOH   G 7 .   ? -8.056  -3.225  12.042  1.000 31.471 0 331 HOH   AAA O   1 ? 
HETATM 1149 O  O   . HOH   G 7 .   ? 9.330   -3.753  -16.636 1.000 30.308 0 332 HOH   AAA O   1 ? 
HETATM 1150 O  O   . HOH   G 7 .   ? -10.174 -9.886  4.456   1.000 21.836 0 333 HOH   AAA O   1 ? 
HETATM 1151 O  O   . HOH   G 7 .   ? 1.647   -12.106 10.472  0.500 31.488 0 334 HOH   AAA O   1 ? 
HETATM 1152 O  O   . HOH   G 7 .   ? 4.781   1.747   -16.478 1.000 32.602 0 335 HOH   AAA O   1 ? 
HETATM 1153 O  O   . HOH   G 7 .   ? 6.088   17.537  -1.904  1.000 37.363 0 336 HOH   AAA O   1 ? 
HETATM 1154 O  O   . HOH   G 7 .   ? 4.417   -10.387 -12.022 1.000 25.480 0 337 HOH   AAA O   1 ? 
HETATM 1155 O  O   . HOH   G 7 .   ? 8.746   -4.726  -12.852 1.000 26.077 0 338 HOH   AAA O   1 ? 
HETATM 1156 O  O   . HOH   G 7 .   ? 1.538   -13.655 -7.458  1.000 25.914 0 339 HOH   AAA O   1 ? 
HETATM 1157 O  O   . HOH   G 7 .   ? 4.593   -14.414 7.791   1.000 33.162 0 340 HOH   AAA O   1 ? 
HETATM 1158 O  O   A HOH   G 7 .   ? 6.493   -0.277  3.849   0.500 15.895 0 341 HOH   AAA O   1 ? 
HETATM 1159 O  O   B HOH   G 7 .   ? 6.893   -0.252  2.660   0.500 26.398 0 341 HOH   AAA O   1 ? 
HETATM 1160 O  O   . HOH   G 7 .   ? 4.658   -9.264  -2.662  1.000 31.829 0 342 HOH   AAA O   1 ? 
HETATM 1161 O  O   . HOH   G 7 .   ? -6.086  1.404   6.479   1.000 26.830 0 343 HOH   AAA O   1 ? 
HETATM 1162 O  O   . HOH   G 7 .   ? 11.821  -0.987  20.175  0.500 38.221 0 344 HOH   AAA O   1 ? 
HETATM 1163 O  O   . HOH   G 7 .   ? 5.194   1.473   -13.854 1.000 28.615 0 345 HOH   AAA O   1 ? 
HETATM 1164 O  O   . HOH   G 7 .   ? 4.391   -12.042 18.761  1.000 25.494 0 346 HOH   AAA O   1 ? 
HETATM 1165 O  O   . HOH   G 7 .   ? -2.852  4.103   -14.689 1.000 25.259 0 347 HOH   AAA O   1 ? 
HETATM 1166 O  O   . HOH   G 7 .   ? 2.250   -1.168  21.289  1.000 29.368 0 348 HOH   AAA O   1 ? 
HETATM 1167 O  O   . HOH   G 7 .   ? 3.726   -9.934  0.036   1.000 30.913 0 349 HOH   AAA O   1 ? 
HETATM 1168 O  O   . HOH   G 7 .   ? 14.945  -3.051  -9.377  1.000 45.938 0 350 HOH   AAA O   1 ? 
HETATM 1169 O  O   . HOH   G 7 .   ? 7.090   1.454   16.046  1.000 32.372 0 351 HOH   AAA O   1 ? 
HETATM 1170 O  O   . HOH   G 7 .   ? -13.241 -8.074  6.595   1.000 38.197 0 352 HOH   AAA O   1 ? 
HETATM 1171 O  O   . HOH   G 7 .   ? -14.067 -9.842  1.887   1.000 37.385 0 353 HOH   AAA O   1 ? 
HETATM 1172 O  O   . HOH   G 7 .   ? -12.402 -3.399  9.513   1.000 35.080 0 354 HOH   AAA O   1 ? 
HETATM 1173 O  O   . HOH   G 7 .   ? 0.798   4.640   17.642  1.000 35.212 0 355 HOH   AAA O   1 ? 
HETATM 1174 O  O   . HOH   G 7 .   ? 1.063   -13.414 -11.063 1.000 35.650 0 356 HOH   AAA O   1 ? 
HETATM 1175 O  O   . HOH   G 7 .   ? 10.978  -13.545 11.421  1.000 35.464 0 357 HOH   AAA O   1 ? 
HETATM 1176 O  O   . HOH   G 7 .   ? -7.127  -8.532  -10.575 1.000 34.269 0 358 HOH   AAA O   1 ? 
HETATM 1177 O  O   . HOH   G 7 .   ? 10.854  0.121   -15.754 1.000 30.052 0 359 HOH   AAA O   1 ? 
HETATM 1178 O  O   A HOH   G 7 .   ? -12.090 2.972   1.721   0.300 14.045 0 360 HOH   AAA O   1 ? 
HETATM 1179 O  O   . HOH   G 7 .   ? 15.304  2.233   -8.317  1.000 33.164 0 361 HOH   AAA O   1 ? 
HETATM 1180 O  O   . HOH   G 7 .   ? 1.530   3.535   19.941  1.000 52.897 0 362 HOH   AAA O   1 ? 
HETATM 1181 O  O   . HOH   G 7 .   ? -10.780 -2.361  11.177  1.000 39.909 0 363 HOH   AAA O   1 ? 
HETATM 1182 O  O   . HOH   G 7 .   ? 5.891   4.228   18.169  1.000 39.227 0 364 HOH   AAA O   1 ? 
HETATM 1183 O  O   . HOH   G 7 .   ? -0.073  2.322   18.548  1.000 40.174 0 365 HOH   AAA O   1 ? 
HETATM 1184 O  O   . HOH   G 7 .   ? 15.408  0.543   -5.433  1.000 39.818 0 366 HOH   AAA O   1 ? 
HETATM 1185 O  O   . HOH   G 7 .   ? -4.430  7.788   9.073   1.000 37.829 0 367 HOH   AAA O   1 ? 
HETATM 1186 O  O   . HOH   G 7 .   ? 1.289   -7.677  -14.377 1.000 35.575 0 368 HOH   AAA O   1 ? 
HETATM 1187 O  O   . HOH   G 7 .   ? 6.085   2.313   -18.709 1.000 31.397 0 369 HOH   AAA O   1 ? 
HETATM 1188 O  O   . HOH   G 7 .   ? 12.595  -1.637  -14.068 1.000 30.829 0 370 HOH   AAA O   1 ? 
HETATM 1189 O  O   . HOH   G 7 .   ? 6.498   -15.883 9.346   0.500 29.674 0 371 HOH   AAA O   1 ? 
HETATM 1190 O  O   . HOH   G 7 .   ? 12.685  -9.269  16.964  1.000 42.904 0 372 HOH   AAA O   1 ? 
HETATM 1191 O  O   . HOH   G 7 .   ? -2.652  3.591   19.601  1.000 38.636 0 373 HOH   AAA O   1 ? 
HETATM 1192 O  O   . HOH   G 7 .   ? -19.014 -5.230  4.785   1.000 42.767 0 374 HOH   AAA O   1 ? 
HETATM 1193 O  O   . HOH   G 7 .   ? 9.408   -18.281 8.863   1.000 37.153 0 375 HOH   AAA O   1 ? 
# 
